data_1AEI
#
_entry.id   1AEI
#
_cell.length_a   71.200
_cell.length_b   179.200
_cell.length_c   100.700
_cell.angle_alpha   90.00
_cell.angle_beta   97.60
_cell.angle_gamma   90.00
#
_symmetry.space_group_name_H-M   'P 1 21 1'
#
loop_
_entity.id
_entity.type
_entity.pdbx_description
1 polymer 'ANNEXIN XII'
2 non-polymer 'CALCIUM ION'
#
_entity_poly.entity_id   1
_entity_poly.type   'polypeptide(L)'
_entity_poly.pdbx_seq_one_letter_code
;VVQGTVKPHASFNSREDAETLRKAMKGIGTDEKSITHILATRSNAQRQQIKTDYTTLFGKHLEDELKSELSGNYEAAALA
LLRKPDEFLAEQLHAAMKGLGTDENALIDILCTQSNAQIHAIKAAFKLLYKEDLEKEIISETSGNFQRLLVSMLQGGRKE
DEPVNAAHAAEDAAAIYQAGEGQIGTDESRFNAVLATRSYPQLHQIFHEYSKISNKTILQAIENEFSGDIKNGLLAIVKS
VENRFAYFAERLHHAMKGLGTSDKTLIRILVSRSEIDLANIKETFQAMYGKSLYEFIADDCSGDYKDLLLQITGH
;
_entity_poly.pdbx_strand_id   A,B,C,D,E,F
#
loop_
_chem_comp.id
_chem_comp.type
_chem_comp.name
_chem_comp.formula
CA non-polymer 'CALCIUM ION' 'Ca 2'
#
# COMPACT_ATOMS: atom_id res chain seq x y z
N VAL A 1 20.07 -42.09 -15.15
CA VAL A 1 19.82 -40.72 -15.51
C VAL A 1 18.61 -40.37 -14.64
N VAL A 2 18.47 -39.06 -14.39
CA VAL A 2 17.38 -38.54 -13.59
C VAL A 2 16.55 -37.75 -14.59
N GLN A 3 15.26 -38.07 -14.59
CA GLN A 3 14.34 -37.51 -15.55
C GLN A 3 12.92 -37.64 -15.02
N GLY A 4 12.07 -36.75 -15.51
CA GLY A 4 10.71 -36.78 -15.08
C GLY A 4 9.89 -37.59 -16.03
N THR A 5 8.59 -37.61 -15.76
CA THR A 5 7.64 -38.35 -16.54
C THR A 5 6.96 -37.59 -17.63
N VAL A 6 7.11 -36.26 -17.75
CA VAL A 6 6.45 -35.48 -18.81
C VAL A 6 7.56 -34.92 -19.67
N LYS A 7 7.38 -35.21 -20.96
CA LYS A 7 8.21 -34.75 -22.05
C LYS A 7 7.32 -33.89 -22.98
N PRO A 8 7.81 -32.81 -23.56
CA PRO A 8 7.13 -31.97 -24.53
C PRO A 8 6.57 -32.71 -25.71
N HIS A 9 5.35 -32.29 -26.02
CA HIS A 9 4.65 -32.84 -27.13
C HIS A 9 5.31 -32.38 -28.43
N ALA A 10 5.63 -33.32 -29.29
CA ALA A 10 6.26 -33.06 -30.57
C ALA A 10 5.12 -32.71 -31.53
N SER A 11 5.29 -31.72 -32.39
CA SER A 11 4.20 -31.17 -33.22
C SER A 11 2.99 -30.65 -32.40
N PHE A 12 3.43 -29.60 -31.71
CA PHE A 12 2.58 -28.95 -30.75
C PHE A 12 2.18 -27.68 -31.49
N ASN A 13 0.89 -27.33 -31.38
CA ASN A 13 0.50 -26.05 -31.86
C ASN A 13 -0.34 -25.38 -30.78
N SER A 14 0.11 -24.35 -30.06
CA SER A 14 -0.71 -23.71 -29.07
C SER A 14 -2.00 -23.13 -29.55
N ARG A 15 -2.12 -22.57 -30.75
CA ARG A 15 -3.39 -22.07 -31.28
C ARG A 15 -4.42 -23.15 -31.40
N GLU A 16 -4.05 -24.34 -31.82
CA GLU A 16 -4.97 -25.47 -32.05
C GLU A 16 -5.36 -26.09 -30.72
N ASP A 17 -4.44 -26.17 -29.78
CA ASP A 17 -4.69 -26.70 -28.47
C ASP A 17 -5.63 -25.81 -27.69
N ALA A 18 -5.52 -24.48 -27.81
CA ALA A 18 -6.37 -23.53 -27.16
C ALA A 18 -7.79 -23.71 -27.72
N GLU A 19 -7.85 -23.93 -29.03
CA GLU A 19 -9.08 -24.08 -29.71
C GLU A 19 -9.79 -25.35 -29.23
N THR A 20 -9.05 -26.45 -29.12
CA THR A 20 -9.59 -27.70 -28.62
C THR A 20 -10.10 -27.55 -27.17
N LEU A 21 -9.47 -26.80 -26.28
CA LEU A 21 -9.94 -26.64 -24.93
C LEU A 21 -11.17 -25.80 -24.94
N ARG A 22 -11.33 -24.78 -25.78
CA ARG A 22 -12.58 -24.02 -25.85
C ARG A 22 -13.65 -25.00 -26.30
N LYS A 23 -13.41 -25.84 -27.31
CA LYS A 23 -14.39 -26.80 -27.78
C LYS A 23 -14.73 -27.75 -26.67
N ALA A 24 -13.80 -28.28 -25.88
CA ALA A 24 -14.07 -29.19 -24.75
C ALA A 24 -14.92 -28.54 -23.65
N MET A 25 -14.92 -27.27 -23.40
CA MET A 25 -15.79 -26.75 -22.39
C MET A 25 -17.09 -26.17 -22.96
N LYS A 26 -17.17 -25.83 -24.26
CA LYS A 26 -18.35 -25.23 -24.90
C LYS A 26 -19.61 -26.01 -24.58
N GLY A 27 -20.64 -25.23 -24.27
CA GLY A 27 -21.94 -25.79 -23.93
C GLY A 27 -21.99 -26.23 -22.50
N ILE A 28 -23.05 -27.00 -22.35
CA ILE A 28 -23.43 -27.58 -21.08
C ILE A 28 -22.53 -28.80 -21.00
N GLY A 29 -22.11 -29.17 -19.79
CA GLY A 29 -21.06 -30.19 -19.65
C GLY A 29 -19.71 -29.58 -20.08
N THR A 30 -18.78 -30.52 -20.00
CA THR A 30 -17.37 -30.36 -20.23
C THR A 30 -16.88 -31.70 -20.77
N ASP A 31 -15.87 -31.69 -21.60
CA ASP A 31 -15.26 -32.91 -22.05
C ASP A 31 -13.93 -33.00 -21.32
N GLU A 32 -14.03 -33.67 -20.19
CA GLU A 32 -12.89 -33.77 -19.30
C GLU A 32 -11.81 -34.63 -19.87
N LYS A 33 -12.16 -35.55 -20.75
CA LYS A 33 -11.18 -36.49 -21.24
C LYS A 33 -10.26 -35.73 -22.16
N SER A 34 -10.79 -34.68 -22.80
CA SER A 34 -10.05 -33.85 -23.71
C SER A 34 -9.14 -32.87 -23.00
N ILE A 35 -9.57 -32.44 -21.80
CA ILE A 35 -8.80 -31.49 -21.07
C ILE A 35 -7.65 -32.27 -20.44
N THR A 36 -7.95 -33.42 -19.86
CA THR A 36 -6.96 -34.29 -19.30
C THR A 36 -5.88 -34.60 -20.30
N HIS A 37 -6.29 -34.91 -21.49
CA HIS A 37 -5.34 -35.27 -22.47
C HIS A 37 -4.47 -34.05 -22.83
N ILE A 38 -4.99 -32.83 -23.08
CA ILE A 38 -4.07 -31.79 -23.42
C ILE A 38 -3.11 -31.37 -22.31
N LEU A 39 -3.61 -31.22 -21.11
CA LEU A 39 -2.82 -30.92 -19.96
C LEU A 39 -1.74 -31.90 -19.54
N ALA A 40 -2.11 -33.16 -19.46
CA ALA A 40 -1.18 -34.24 -19.14
C ALA A 40 -0.19 -34.54 -20.27
N THR A 41 -0.40 -34.32 -21.58
CA THR A 41 0.61 -34.61 -22.63
C THR A 41 1.46 -33.47 -23.27
N ARG A 42 1.43 -32.28 -22.62
CA ARG A 42 2.17 -31.09 -22.98
C ARG A 42 3.08 -30.76 -21.85
N SER A 43 4.29 -30.24 -22.10
CA SER A 43 5.13 -29.88 -21.00
C SER A 43 4.66 -28.53 -20.49
N ASN A 44 5.11 -28.13 -19.34
CA ASN A 44 4.66 -26.91 -18.69
C ASN A 44 4.94 -25.72 -19.54
N ALA A 45 6.03 -25.71 -20.31
CA ALA A 45 6.24 -24.53 -21.16
C ALA A 45 5.26 -24.48 -22.30
N GLN A 46 4.87 -25.60 -22.83
CA GLN A 46 3.85 -25.70 -23.86
C GLN A 46 2.55 -25.28 -23.23
N ARG A 47 2.16 -25.70 -22.03
CA ARG A 47 0.95 -25.22 -21.36
C ARG A 47 1.01 -23.72 -21.23
N GLN A 48 2.16 -23.10 -21.10
CA GLN A 48 2.13 -21.66 -20.96
C GLN A 48 1.86 -21.03 -22.29
N GLN A 49 2.25 -21.64 -23.38
CA GLN A 49 1.98 -21.07 -24.68
C GLN A 49 0.48 -21.23 -24.97
N ILE A 50 -0.13 -22.39 -24.70
CA ILE A 50 -1.57 -22.59 -24.83
C ILE A 50 -2.28 -21.51 -24.03
N LYS A 51 -1.94 -21.18 -22.80
CA LYS A 51 -2.54 -20.09 -22.06
C LYS A 51 -2.57 -18.69 -22.72
N THR A 52 -1.49 -18.20 -23.31
CA THR A 52 -1.42 -16.90 -23.98
C THR A 52 -2.30 -16.86 -25.25
N ASP A 53 -2.34 -17.98 -25.99
CA ASP A 53 -3.17 -18.07 -27.14
C ASP A 53 -4.59 -18.16 -26.72
N TYR A 54 -4.97 -18.79 -25.62
CA TYR A 54 -6.37 -18.89 -25.26
C TYR A 54 -6.86 -17.47 -24.93
N THR A 55 -6.11 -16.74 -24.09
CA THR A 55 -6.47 -15.38 -23.76
C THR A 55 -6.43 -14.50 -25.01
N THR A 56 -5.50 -14.55 -25.95
CA THR A 56 -5.59 -13.67 -27.12
C THR A 56 -6.74 -14.04 -28.08
N LEU A 57 -7.04 -15.30 -28.37
CA LEU A 57 -8.17 -15.73 -29.15
C LEU A 57 -9.50 -15.35 -28.48
N PHE A 58 -9.70 -15.65 -27.20
CA PHE A 58 -10.99 -15.53 -26.56
C PHE A 58 -11.28 -14.40 -25.58
N GLY A 59 -10.20 -13.74 -25.10
CA GLY A 59 -10.28 -12.60 -24.23
C GLY A 59 -10.72 -12.86 -22.80
N LYS A 60 -10.62 -14.15 -22.41
CA LYS A 60 -10.92 -14.62 -21.06
C LYS A 60 -9.73 -15.52 -20.69
N HIS A 61 -9.34 -15.73 -19.43
CA HIS A 61 -8.17 -16.58 -19.18
C HIS A 61 -8.56 -18.05 -19.03
N LEU A 62 -7.75 -18.97 -19.57
CA LEU A 62 -8.02 -20.39 -19.44
C LEU A 62 -8.27 -20.77 -17.98
N GLU A 63 -7.54 -20.21 -17.00
CA GLU A 63 -7.81 -20.50 -15.62
C GLU A 63 -9.23 -20.25 -15.21
N ASP A 64 -9.78 -19.09 -15.57
CA ASP A 64 -11.15 -18.70 -15.15
C ASP A 64 -12.23 -19.57 -15.78
N GLU A 65 -11.90 -20.11 -16.93
CA GLU A 65 -12.78 -20.97 -17.68
C GLU A 65 -12.76 -22.32 -16.98
N LEU A 66 -11.60 -22.88 -16.59
CA LEU A 66 -11.60 -24.16 -15.87
C LEU A 66 -12.27 -24.03 -14.54
N LYS A 67 -12.12 -22.98 -13.74
CA LYS A 67 -12.75 -22.94 -12.45
C LYS A 67 -14.28 -23.10 -12.53
N SER A 68 -14.88 -22.55 -13.57
CA SER A 68 -16.29 -22.67 -13.76
C SER A 68 -16.71 -24.04 -14.30
N GLU A 69 -15.95 -24.65 -15.23
CA GLU A 69 -16.33 -25.95 -15.72
C GLU A 69 -15.93 -26.98 -14.68
N LEU A 70 -14.83 -26.86 -13.90
CA LEU A 70 -14.45 -28.00 -13.09
C LEU A 70 -14.75 -27.79 -11.61
N SER A 71 -14.57 -28.89 -10.86
CA SER A 71 -14.81 -28.92 -9.43
C SER A 71 -13.88 -29.79 -8.63
N GLY A 72 -13.75 -29.46 -7.35
CA GLY A 72 -12.97 -30.32 -6.46
C GLY A 72 -11.54 -30.67 -6.86
N ASN A 73 -11.17 -31.96 -6.84
CA ASN A 73 -9.74 -32.24 -6.98
C ASN A 73 -9.26 -32.22 -8.38
N TYR A 74 -10.17 -32.39 -9.33
CA TYR A 74 -9.82 -32.37 -10.71
C TYR A 74 -9.53 -30.92 -11.05
N GLU A 75 -10.31 -29.95 -10.52
CA GLU A 75 -10.04 -28.53 -10.68
C GLU A 75 -8.68 -28.21 -10.09
N ALA A 76 -8.41 -28.65 -8.87
CA ALA A 76 -7.16 -28.40 -8.19
C ALA A 76 -5.99 -28.95 -8.96
N ALA A 77 -5.98 -30.22 -9.34
CA ALA A 77 -4.92 -30.81 -10.12
C ALA A 77 -4.81 -30.17 -11.45
N ALA A 78 -5.84 -29.81 -12.16
CA ALA A 78 -5.73 -29.22 -13.51
C ALA A 78 -5.13 -27.84 -13.43
N LEU A 79 -5.55 -27.10 -12.44
CA LEU A 79 -5.04 -25.79 -12.20
C LEU A 79 -3.61 -25.86 -11.71
N ALA A 80 -3.17 -26.85 -10.96
CA ALA A 80 -1.80 -26.99 -10.54
C ALA A 80 -0.84 -27.16 -11.73
N LEU A 81 -1.18 -27.92 -12.72
CA LEU A 81 -0.44 -28.13 -13.95
C LEU A 81 -0.20 -26.86 -14.84
N LEU A 82 -1.07 -25.84 -14.71
CA LEU A 82 -1.01 -24.64 -15.51
C LEU A 82 -0.14 -23.58 -14.84
N ARG A 83 0.12 -23.67 -13.53
CA ARG A 83 0.95 -22.69 -12.86
C ARG A 83 2.41 -22.73 -13.33
N LYS A 84 3.06 -21.59 -13.46
CA LYS A 84 4.50 -21.61 -13.77
C LYS A 84 5.17 -22.28 -12.55
N PRO A 85 6.17 -23.12 -12.66
CA PRO A 85 6.62 -24.05 -11.58
C PRO A 85 7.02 -23.43 -10.22
N ASP A 86 7.75 -22.28 -10.31
CA ASP A 86 8.23 -21.41 -9.26
C ASP A 86 7.05 -20.80 -8.48
N GLU A 87 6.01 -20.41 -9.19
CA GLU A 87 4.82 -19.84 -8.68
C GLU A 87 4.02 -20.86 -7.94
N PHE A 88 4.05 -22.10 -8.42
CA PHE A 88 3.23 -23.16 -7.87
C PHE A 88 3.74 -23.52 -6.50
N LEU A 89 5.04 -23.46 -6.32
CA LEU A 89 5.65 -23.61 -5.00
C LEU A 89 5.43 -22.38 -4.15
N ALA A 90 5.58 -21.15 -4.67
CA ALA A 90 5.32 -19.96 -3.89
C ALA A 90 3.88 -19.91 -3.42
N GLU A 91 2.95 -20.47 -4.19
CA GLU A 91 1.55 -20.58 -3.86
C GLU A 91 1.30 -21.65 -2.78
N GLN A 92 1.86 -22.84 -2.94
CA GLN A 92 1.81 -23.91 -1.95
C GLN A 92 2.25 -23.41 -0.62
N LEU A 93 3.30 -22.63 -0.53
CA LEU A 93 3.80 -22.11 0.74
C LEU A 93 2.79 -21.24 1.44
N HIS A 94 2.13 -20.43 0.59
CA HIS A 94 1.14 -19.49 1.06
C HIS A 94 0.02 -20.28 1.69
N ALA A 95 -0.45 -21.29 0.97
CA ALA A 95 -1.50 -22.14 1.46
C ALA A 95 -1.15 -22.84 2.78
N ALA A 96 0.12 -23.29 3.01
CA ALA A 96 0.56 -23.91 4.21
C ALA A 96 0.51 -22.95 5.38
N MET A 97 0.95 -21.74 5.16
CA MET A 97 1.09 -20.78 6.23
C MET A 97 -0.08 -20.01 6.69
N LYS A 98 -0.81 -19.48 5.68
CA LYS A 98 -1.85 -18.53 5.97
C LYS A 98 -3.23 -19.16 6.01
N GLY A 99 -3.44 -20.35 6.58
CA GLY A 99 -4.81 -20.79 6.80
C GLY A 99 -5.08 -20.92 8.32
N LEU A 100 -6.08 -21.77 8.68
CA LEU A 100 -6.27 -22.21 10.06
C LEU A 100 -5.18 -23.28 10.28
N GLY A 101 -4.15 -22.93 11.00
CA GLY A 101 -3.13 -23.94 11.26
C GLY A 101 -1.93 -23.74 10.39
N THR A 102 -1.12 -24.77 10.26
CA THR A 102 0.05 -24.72 9.43
C THR A 102 0.19 -26.10 8.82
N ASP A 103 0.54 -26.21 7.56
CA ASP A 103 0.92 -27.48 7.01
C ASP A 103 2.43 -27.34 7.12
N GLU A 104 2.85 -27.85 8.27
CA GLU A 104 4.24 -27.93 8.67
C GLU A 104 5.02 -28.76 7.63
N ASN A 105 4.34 -29.76 7.15
CA ASN A 105 4.93 -30.67 6.23
C ASN A 105 5.05 -30.17 4.81
N ALA A 106 4.32 -29.14 4.43
CA ALA A 106 4.47 -28.55 3.14
C ALA A 106 5.71 -27.69 3.20
N LEU A 107 5.85 -27.00 4.29
CA LEU A 107 6.99 -26.06 4.42
C LEU A 107 8.33 -26.79 4.39
N ILE A 108 8.40 -28.03 4.91
CA ILE A 108 9.62 -28.83 4.89
C ILE A 108 9.88 -29.38 3.52
N ASP A 109 8.98 -30.09 2.88
CA ASP A 109 9.08 -30.51 1.49
C ASP A 109 9.58 -29.44 0.51
N ILE A 110 9.15 -28.20 0.62
CA ILE A 110 9.56 -27.12 -0.25
C ILE A 110 10.85 -26.42 0.16
N LEU A 111 11.01 -26.01 1.41
CA LEU A 111 12.20 -25.26 1.80
C LEU A 111 13.38 -26.14 2.18
N CYS A 112 13.21 -27.28 2.86
CA CYS A 112 14.34 -28.12 3.25
C CYS A 112 14.97 -29.05 2.19
N THR A 113 14.45 -29.21 0.97
CA THR A 113 14.93 -30.12 -0.03
C THR A 113 15.51 -29.49 -1.25
N GLN A 114 15.64 -28.15 -1.21
CA GLN A 114 15.94 -27.22 -2.33
C GLN A 114 17.36 -26.71 -2.54
N SER A 115 17.89 -26.43 -3.74
CA SER A 115 19.20 -25.79 -3.89
C SER A 115 19.11 -24.29 -3.62
N ASN A 116 20.26 -23.64 -3.58
CA ASN A 116 20.29 -22.19 -3.39
C ASN A 116 19.54 -21.41 -4.44
N ALA A 117 19.80 -21.68 -5.73
CA ALA A 117 19.10 -21.03 -6.80
C ALA A 117 17.62 -21.36 -6.77
N GLN A 118 17.12 -22.54 -6.46
CA GLN A 118 15.67 -22.76 -6.35
C GLN A 118 15.02 -21.98 -5.20
N ILE A 119 15.69 -21.88 -4.05
CA ILE A 119 15.21 -21.11 -2.94
C ILE A 119 15.10 -19.68 -3.38
N HIS A 120 16.13 -19.14 -4.04
CA HIS A 120 16.03 -17.80 -4.57
C HIS A 120 14.88 -17.57 -5.58
N ALA A 121 14.46 -18.55 -6.40
CA ALA A 121 13.34 -18.39 -7.29
C ALA A 121 12.01 -18.47 -6.54
N ILE A 122 11.78 -19.41 -5.62
CA ILE A 122 10.58 -19.48 -4.81
C ILE A 122 10.40 -18.19 -4.06
N LYS A 123 11.44 -17.61 -3.51
CA LYS A 123 11.37 -16.36 -2.82
C LYS A 123 10.93 -15.20 -3.73
N ALA A 124 11.37 -15.24 -5.00
CA ALA A 124 10.99 -14.21 -5.92
C ALA A 124 9.52 -14.29 -6.36
N ALA A 125 9.08 -15.49 -6.67
CA ALA A 125 7.77 -15.71 -7.18
C ALA A 125 6.82 -15.32 -6.07
N PHE A 126 7.07 -15.67 -4.81
CA PHE A 126 6.24 -15.27 -3.67
C PHE A 126 6.17 -13.74 -3.58
N LYS A 127 7.23 -12.99 -3.66
CA LYS A 127 7.19 -11.56 -3.54
C LYS A 127 6.34 -10.92 -4.62
N LEU A 128 6.40 -11.51 -5.81
CA LEU A 128 5.67 -11.10 -7.02
C LEU A 128 4.19 -11.39 -6.93
N LEU A 129 3.87 -12.64 -6.55
CA LEU A 129 2.48 -13.04 -6.35
C LEU A 129 1.83 -12.33 -5.18
N TYR A 130 2.55 -12.16 -4.10
CA TYR A 130 1.92 -11.78 -2.84
C TYR A 130 2.41 -10.50 -2.29
N LYS A 131 3.31 -9.81 -2.96
CA LYS A 131 3.80 -8.51 -2.50
C LYS A 131 4.51 -8.55 -1.16
N GLU A 132 4.36 -9.53 -0.31
CA GLU A 132 5.04 -9.64 0.91
C GLU A 132 6.28 -10.42 0.65
N ASP A 133 7.04 -10.33 1.66
CA ASP A 133 8.31 -10.97 1.70
C ASP A 133 8.26 -12.37 2.31
N LEU A 134 8.67 -13.49 1.70
CA LEU A 134 8.56 -14.84 2.33
C LEU A 134 9.22 -14.99 3.68
N GLU A 135 10.40 -14.43 3.90
CA GLU A 135 11.05 -14.68 5.17
C GLU A 135 10.34 -13.95 6.26
N LYS A 136 9.70 -12.85 5.91
CA LYS A 136 8.97 -12.05 6.87
C LYS A 136 7.76 -12.87 7.23
N GLU A 137 7.20 -13.59 6.26
CA GLU A 137 6.01 -14.36 6.44
C GLU A 137 6.31 -15.59 7.18
N ILE A 138 7.37 -16.36 6.94
CA ILE A 138 7.76 -17.55 7.70
C ILE A 138 8.06 -17.11 9.09
N ILE A 139 8.85 -16.12 9.36
CA ILE A 139 8.98 -15.61 10.72
C ILE A 139 7.60 -15.22 11.41
N SER A 140 6.57 -14.72 10.72
CA SER A 140 5.30 -14.48 11.40
C SER A 140 4.55 -15.79 11.75
N GLU A 141 4.60 -16.78 10.88
CA GLU A 141 3.81 -17.94 11.10
C GLU A 141 4.58 -19.08 11.77
N THR A 142 5.86 -19.04 12.12
CA THR A 142 6.48 -20.16 12.82
C THR A 142 7.20 -19.62 14.07
N SER A 143 7.64 -20.46 15.03
CA SER A 143 8.43 -20.01 16.18
C SER A 143 9.53 -21.03 16.46
N GLY A 144 10.52 -20.59 17.23
CA GLY A 144 11.57 -21.43 17.79
C GLY A 144 12.56 -22.03 16.84
N ASN A 145 12.97 -23.24 17.18
CA ASN A 145 14.02 -23.95 16.49
C ASN A 145 13.64 -24.23 15.09
N PHE A 146 12.36 -24.53 14.87
CA PHE A 146 11.83 -24.70 13.52
C PHE A 146 11.94 -23.44 12.66
N GLN A 147 11.49 -22.31 13.20
CA GLN A 147 11.58 -21.01 12.57
C GLN A 147 13.02 -20.73 12.10
N ARG A 148 13.97 -20.98 12.97
CA ARG A 148 15.38 -20.82 12.71
C ARG A 148 15.93 -21.72 11.62
N LEU A 149 15.48 -22.95 11.50
CA LEU A 149 15.93 -23.77 10.40
C LEU A 149 15.35 -23.25 9.10
N LEU A 150 14.08 -22.79 9.11
CA LEU A 150 13.48 -22.35 7.88
C LEU A 150 14.00 -20.98 7.52
N VAL A 151 14.48 -20.14 8.45
CA VAL A 151 15.09 -18.88 8.08
C VAL A 151 16.45 -19.20 7.42
N SER A 152 17.24 -20.14 7.93
CA SER A 152 18.51 -20.56 7.35
C SER A 152 18.30 -20.99 5.92
N MET A 153 17.25 -21.78 5.73
CA MET A 153 16.91 -22.28 4.40
C MET A 153 16.64 -21.12 3.46
N LEU A 154 15.88 -20.12 3.90
CA LEU A 154 15.61 -19.00 3.03
C LEU A 154 16.75 -18.06 2.65
N GLN A 155 17.96 -18.22 3.16
CA GLN A 155 19.08 -17.37 2.83
C GLN A 155 19.82 -17.83 1.59
N GLY A 156 19.54 -19.01 1.04
CA GLY A 156 20.31 -19.52 -0.07
C GLY A 156 21.84 -19.43 0.22
N GLY A 157 22.33 -19.82 1.42
CA GLY A 157 23.74 -19.62 1.76
C GLY A 157 24.47 -20.92 1.98
N ARG A 158 24.14 -22.04 1.35
CA ARG A 158 24.84 -23.28 1.57
C ARG A 158 26.10 -23.11 0.81
N LYS A 159 27.24 -23.56 1.30
CA LYS A 159 28.47 -23.46 0.54
C LYS A 159 28.48 -24.64 -0.43
N GLU A 160 27.68 -24.61 -1.52
CA GLU A 160 27.55 -25.71 -2.48
C GLU A 160 28.86 -26.13 -3.18
N ASP A 161 29.82 -25.24 -3.21
CA ASP A 161 31.09 -25.50 -3.84
C ASP A 161 32.12 -25.89 -2.80
N GLU A 162 31.72 -26.28 -1.60
CA GLU A 162 32.62 -26.81 -0.60
C GLU A 162 33.01 -28.25 -0.97
N PRO A 163 34.29 -28.60 -1.04
CA PRO A 163 34.82 -29.89 -1.38
C PRO A 163 34.99 -30.81 -0.21
N VAL A 164 34.76 -32.10 -0.54
CA VAL A 164 34.85 -33.23 0.41
C VAL A 164 36.24 -33.23 1.01
N ASN A 165 36.29 -32.90 2.28
CA ASN A 165 37.53 -32.93 3.00
C ASN A 165 37.27 -33.80 4.18
N ALA A 166 37.90 -34.99 4.19
CA ALA A 166 37.69 -35.92 5.28
C ALA A 166 38.08 -35.43 6.67
N ALA A 167 39.28 -34.91 6.91
CA ALA A 167 39.64 -34.29 8.18
C ALA A 167 38.55 -33.36 8.77
N HIS A 168 37.98 -32.45 7.94
CA HIS A 168 36.92 -31.60 8.40
C HIS A 168 35.63 -32.35 8.65
N ALA A 169 35.20 -33.24 7.75
CA ALA A 169 34.00 -34.03 7.89
C ALA A 169 34.01 -34.73 9.24
N ALA A 170 35.25 -35.12 9.61
CA ALA A 170 35.53 -35.77 10.90
C ALA A 170 35.43 -34.84 12.12
N GLU A 171 35.98 -33.61 12.02
CA GLU A 171 35.80 -32.55 13.00
C GLU A 171 34.33 -32.18 13.10
N ASP A 172 33.51 -32.19 12.06
CA ASP A 172 32.12 -31.77 12.24
C ASP A 172 31.30 -32.92 12.77
N ALA A 173 31.65 -34.15 12.33
CA ALA A 173 30.97 -35.34 12.80
C ALA A 173 31.15 -35.39 14.31
N ALA A 174 32.36 -35.23 14.78
CA ALA A 174 32.63 -35.17 16.19
C ALA A 174 31.89 -33.99 16.87
N ALA A 175 31.76 -32.80 16.22
CA ALA A 175 31.02 -31.69 16.82
C ALA A 175 29.52 -31.95 16.99
N ILE A 176 28.92 -32.67 16.05
CA ILE A 176 27.52 -33.02 16.07
C ILE A 176 27.34 -34.08 17.13
N TYR A 177 28.37 -34.88 17.31
CA TYR A 177 28.23 -35.91 18.32
C TYR A 177 28.14 -35.28 19.73
N GLN A 178 29.04 -34.42 20.13
CA GLN A 178 28.97 -33.78 21.40
C GLN A 178 27.66 -33.02 21.64
N ALA A 179 27.09 -32.46 20.58
CA ALA A 179 25.90 -31.65 20.65
C ALA A 179 24.67 -32.49 20.98
N GLY A 180 24.75 -33.71 20.52
CA GLY A 180 23.65 -34.59 20.65
C GLY A 180 23.89 -35.62 21.71
N GLU A 181 24.32 -36.74 21.13
CA GLU A 181 24.59 -37.97 21.89
C GLU A 181 25.53 -37.73 23.06
N GLY A 182 26.64 -37.01 22.88
CA GLY A 182 27.61 -36.80 23.92
C GLY A 182 27.20 -35.90 25.07
N GLN A 183 25.90 -35.68 25.31
CA GLN A 183 25.43 -34.79 26.33
C GLN A 183 23.97 -35.02 26.47
N ILE A 184 23.52 -34.69 27.67
CA ILE A 184 22.13 -34.80 28.14
C ILE A 184 21.19 -34.02 27.21
N GLY A 185 21.30 -32.66 27.21
CA GLY A 185 20.53 -31.86 26.26
C GLY A 185 20.85 -32.16 24.78
N THR A 186 20.66 -31.08 24.01
CA THR A 186 21.00 -31.08 22.61
C THR A 186 21.48 -29.67 22.35
N ASP A 187 22.68 -29.37 21.81
CA ASP A 187 22.94 -28.01 21.37
C ASP A 187 22.38 -28.06 19.94
N GLU A 188 21.20 -27.46 19.72
CA GLU A 188 20.60 -27.40 18.41
C GLU A 188 21.36 -26.54 17.45
N SER A 189 22.02 -25.43 17.91
CA SER A 189 22.83 -24.54 17.07
C SER A 189 23.80 -25.33 16.20
N ARG A 190 24.50 -26.32 16.78
CA ARG A 190 25.36 -27.16 16.03
C ARG A 190 24.68 -28.07 15.05
N PHE A 191 23.49 -28.61 15.27
CA PHE A 191 22.84 -29.45 14.24
C PHE A 191 22.39 -28.64 13.07
N ASN A 192 21.81 -27.46 13.35
CA ASN A 192 21.35 -26.41 12.40
C ASN A 192 22.48 -25.88 11.54
N ALA A 193 23.56 -25.44 12.24
CA ALA A 193 24.75 -24.88 11.61
C ALA A 193 25.39 -25.82 10.59
N VAL A 194 25.70 -27.08 10.93
CA VAL A 194 26.35 -27.99 9.99
C VAL A 194 25.38 -28.44 8.89
N LEU A 195 24.13 -28.77 9.19
CA LEU A 195 23.21 -29.22 8.15
C LEU A 195 22.77 -28.11 7.22
N ALA A 196 22.87 -26.87 7.66
CA ALA A 196 22.52 -25.75 6.83
C ALA A 196 23.64 -25.21 5.94
N THR A 197 24.90 -25.23 6.40
CA THR A 197 25.91 -24.70 5.54
C THR A 197 26.79 -25.60 4.66
N ARG A 198 26.95 -26.89 4.96
CA ARG A 198 27.96 -27.71 4.30
C ARG A 198 27.40 -28.22 3.01
N SER A 199 28.22 -28.35 1.97
CA SER A 199 27.73 -28.83 0.71
C SER A 199 27.12 -30.24 0.86
N TYR A 200 26.25 -30.67 -0.03
CA TYR A 200 25.69 -32.01 0.04
C TYR A 200 26.78 -33.10 -0.03
N PRO A 201 27.84 -33.07 -0.89
CA PRO A 201 28.97 -33.98 -0.88
C PRO A 201 29.74 -34.05 0.41
N GLN A 202 30.01 -32.88 0.98
CA GLN A 202 30.68 -32.83 2.25
C GLN A 202 29.78 -33.34 3.39
N LEU A 203 28.46 -33.12 3.25
CA LEU A 203 27.55 -33.64 4.22
C LEU A 203 27.58 -35.18 4.16
N HIS A 204 27.66 -35.78 2.98
CA HIS A 204 27.65 -37.22 2.89
C HIS A 204 28.79 -37.87 3.67
N GLN A 205 29.95 -37.24 3.50
CA GLN A 205 31.21 -37.60 4.16
C GLN A 205 31.11 -37.44 5.67
N ILE A 206 30.43 -36.42 6.20
CA ILE A 206 30.17 -36.29 7.61
C ILE A 206 29.28 -37.43 8.11
N PHE A 207 28.32 -37.88 7.32
CA PHE A 207 27.39 -38.87 7.87
C PHE A 207 28.07 -40.22 8.05
N HIS A 208 28.98 -40.45 7.12
CA HIS A 208 29.90 -41.54 7.16
C HIS A 208 30.84 -41.35 8.38
N GLU A 209 31.49 -40.21 8.56
CA GLU A 209 32.34 -40.08 9.72
C GLU A 209 31.58 -40.32 11.02
N TYR A 210 30.32 -39.92 11.08
CA TYR A 210 29.51 -40.01 12.27
C TYR A 210 29.22 -41.43 12.64
N SER A 211 29.11 -42.33 11.69
CA SER A 211 28.81 -43.72 12.02
C SER A 211 30.03 -44.50 12.55
N LYS A 212 31.22 -44.02 12.19
CA LYS A 212 32.43 -44.56 12.77
C LYS A 212 32.60 -44.09 14.22
N ILE A 213 32.05 -42.97 14.68
CA ILE A 213 32.29 -42.58 16.04
C ILE A 213 31.13 -42.98 16.92
N SER A 214 29.97 -43.14 16.30
CA SER A 214 28.74 -43.36 17.04
C SER A 214 28.31 -44.74 16.65
N ASN A 215 27.46 -45.36 17.47
CA ASN A 215 26.96 -46.65 17.07
C ASN A 215 25.61 -46.47 16.37
N LYS A 216 25.03 -45.26 16.44
CA LYS A 216 23.79 -44.89 15.82
C LYS A 216 24.09 -44.09 14.55
N THR A 217 23.22 -44.13 13.57
CA THR A 217 23.35 -43.29 12.41
C THR A 217 22.84 -41.90 12.80
N ILE A 218 23.25 -40.94 11.96
CA ILE A 218 22.83 -39.54 12.17
C ILE A 218 21.30 -39.40 12.19
N LEU A 219 20.59 -40.23 11.38
CA LEU A 219 19.13 -40.31 11.43
C LEU A 219 18.61 -40.71 12.78
N GLN A 220 19.18 -41.79 13.38
CA GLN A 220 18.74 -42.27 14.70
C GLN A 220 19.06 -41.20 15.72
N ALA A 221 20.30 -40.66 15.70
CA ALA A 221 20.63 -39.60 16.64
C ALA A 221 19.64 -38.41 16.52
N ILE A 222 19.24 -37.91 15.32
CA ILE A 222 18.25 -36.84 15.18
C ILE A 222 16.91 -37.26 15.69
N GLU A 223 16.55 -38.49 15.34
CA GLU A 223 15.32 -39.12 15.75
C GLU A 223 15.15 -39.17 17.25
N ASN A 224 16.28 -39.24 17.96
CA ASN A 224 16.23 -39.31 19.42
C ASN A 224 16.41 -37.97 20.14
N GLU A 225 17.35 -37.15 19.66
CA GLU A 225 17.66 -35.87 20.29
C GLU A 225 16.60 -34.81 19.98
N PHE A 226 15.83 -35.01 18.91
CA PHE A 226 14.86 -34.01 18.46
C PHE A 226 13.41 -34.44 18.45
N SER A 227 12.49 -33.48 18.62
CA SER A 227 11.04 -33.74 18.52
C SER A 227 10.27 -32.91 17.48
N GLY A 228 9.21 -33.50 16.95
CA GLY A 228 8.30 -32.77 16.10
C GLY A 228 8.90 -32.11 14.87
N ASP A 229 8.32 -30.93 14.62
CA ASP A 229 8.65 -30.11 13.48
C ASP A 229 10.14 -30.03 13.15
N ILE A 230 11.03 -29.52 14.03
CA ILE A 230 12.45 -29.49 13.72
C ILE A 230 13.00 -30.92 13.51
N LYS A 231 12.60 -31.97 14.26
CA LYS A 231 13.05 -33.33 13.99
C LYS A 231 12.71 -33.72 12.57
N ASN A 232 11.57 -33.29 12.05
CA ASN A 232 11.22 -33.62 10.65
C ASN A 232 11.90 -32.73 9.58
N GLY A 233 12.05 -31.42 9.90
CA GLY A 233 12.87 -30.47 9.20
C GLY A 233 14.30 -30.98 9.11
N LEU A 234 15.04 -31.32 10.18
CA LEU A 234 16.40 -31.89 10.06
C LEU A 234 16.47 -33.27 9.33
N LEU A 235 15.56 -34.24 9.56
CA LEU A 235 15.62 -35.46 8.81
C LEU A 235 15.37 -35.24 7.29
N ALA A 236 14.55 -34.21 6.84
CA ALA A 236 14.32 -33.91 5.44
C ALA A 236 15.63 -33.55 4.74
N ILE A 237 16.54 -32.79 5.41
CA ILE A 237 17.84 -32.48 4.86
C ILE A 237 18.67 -33.74 4.73
N VAL A 238 18.78 -34.57 5.80
CA VAL A 238 19.59 -35.79 5.75
C VAL A 238 19.04 -36.68 4.65
N LYS A 239 17.69 -36.93 4.61
CA LYS A 239 17.15 -37.77 3.57
C LYS A 239 17.45 -37.15 2.21
N SER A 240 17.26 -35.86 1.91
CA SER A 240 17.68 -35.25 0.65
C SER A 240 19.14 -35.45 0.27
N VAL A 241 20.10 -35.41 1.20
CA VAL A 241 21.49 -35.63 0.91
C VAL A 241 21.77 -37.09 0.57
N GLU A 242 21.17 -38.04 1.32
CA GLU A 242 21.44 -39.44 1.11
C GLU A 242 20.74 -39.96 -0.12
N ASN A 243 19.44 -39.68 -0.18
CA ASN A 243 18.59 -40.07 -1.30
C ASN A 243 17.27 -39.26 -1.33
N ARG A 244 17.30 -38.31 -2.28
CA ARG A 244 16.15 -37.47 -2.57
C ARG A 244 14.91 -38.19 -3.07
N PHE A 245 15.09 -39.12 -4.02
CA PHE A 245 13.99 -39.97 -4.56
C PHE A 245 13.25 -40.74 -3.47
N ALA A 246 13.99 -41.27 -2.51
CA ALA A 246 13.40 -41.99 -1.41
C ALA A 246 12.65 -41.08 -0.50
N TYR A 247 13.13 -39.81 -0.36
CA TYR A 247 12.45 -38.81 0.50
C TYR A 247 11.00 -38.60 0.04
N PHE A 248 10.87 -38.41 -1.28
CA PHE A 248 9.58 -38.22 -1.90
C PHE A 248 8.80 -39.53 -2.03
N ALA A 249 9.40 -40.68 -2.36
CA ALA A 249 8.64 -41.93 -2.44
C ALA A 249 7.98 -42.17 -1.09
N GLU A 250 8.65 -41.76 -0.04
CA GLU A 250 8.16 -41.88 1.28
C GLU A 250 6.95 -40.98 1.51
N ARG A 251 7.17 -39.66 1.27
CA ARG A 251 6.15 -38.66 1.39
C ARG A 251 4.86 -38.99 0.69
N LEU A 252 4.98 -39.52 -0.52
CA LEU A 252 3.88 -39.97 -1.36
C LEU A 252 3.15 -41.15 -0.80
N HIS A 253 3.92 -42.11 -0.30
CA HIS A 253 3.34 -43.31 0.28
C HIS A 253 2.42 -42.96 1.44
N HIS A 254 2.88 -41.98 2.22
CA HIS A 254 2.16 -41.50 3.39
C HIS A 254 0.93 -40.67 3.01
N ALA A 255 0.95 -40.01 1.84
CA ALA A 255 -0.19 -39.26 1.32
C ALA A 255 -1.35 -40.23 1.02
N MET A 256 -0.98 -41.33 0.39
CA MET A 256 -1.93 -42.36 0.06
C MET A 256 -2.21 -43.36 1.17
N LYS A 257 -1.64 -43.25 2.39
CA LYS A 257 -1.92 -44.24 3.42
C LYS A 257 -3.26 -44.03 4.10
N GLY A 258 -3.76 -45.23 4.43
CA GLY A 258 -5.03 -45.35 5.10
C GLY A 258 -6.25 -44.88 4.36
N LEU A 259 -7.22 -44.61 5.22
CA LEU A 259 -8.50 -44.11 4.81
C LEU A 259 -8.31 -42.78 4.12
N GLY A 260 -9.00 -42.57 3.00
CA GLY A 260 -8.87 -41.33 2.22
C GLY A 260 -7.45 -41.18 1.66
N THR A 261 -7.11 -39.95 1.20
CA THR A 261 -5.85 -39.52 0.60
C THR A 261 -5.57 -38.05 1.03
N SER A 262 -4.26 -37.72 1.03
CA SER A 262 -3.80 -36.36 1.27
C SER A 262 -3.38 -36.02 -0.14
N ASP A 263 -4.42 -35.58 -0.83
CA ASP A 263 -4.41 -35.16 -2.23
C ASP A 263 -3.57 -33.96 -2.44
N LYS A 264 -3.42 -33.20 -1.37
CA LYS A 264 -2.78 -31.89 -1.40
C LYS A 264 -1.29 -32.22 -1.54
N THR A 265 -0.81 -33.25 -0.82
CA THR A 265 0.55 -33.73 -0.99
C THR A 265 0.70 -34.43 -2.33
N LEU A 266 -0.28 -35.25 -2.66
CA LEU A 266 -0.23 -36.04 -3.84
C LEU A 266 -0.08 -35.15 -5.09
N ILE A 267 -0.95 -34.12 -5.26
CA ILE A 267 -0.95 -33.18 -6.36
C ILE A 267 0.34 -32.41 -6.24
N ARG A 268 0.71 -31.88 -5.10
CA ARG A 268 1.96 -31.14 -5.05
C ARG A 268 3.22 -31.95 -5.46
N ILE A 269 3.40 -33.23 -5.10
CA ILE A 269 4.70 -33.84 -5.41
C ILE A 269 4.75 -34.33 -6.85
N LEU A 270 3.58 -34.81 -7.27
CA LEU A 270 3.47 -35.38 -8.60
C LEU A 270 3.69 -34.34 -9.63
N VAL A 271 2.96 -33.23 -9.42
CA VAL A 271 3.09 -32.10 -10.30
C VAL A 271 4.48 -31.47 -10.13
N SER A 272 5.04 -31.04 -9.00
CA SER A 272 6.41 -30.45 -9.07
C SER A 272 7.60 -31.34 -9.55
N ARG A 273 7.50 -32.68 -9.40
CA ARG A 273 8.59 -33.56 -9.78
C ARG A 273 8.38 -34.21 -11.12
N SER A 274 7.22 -34.05 -11.74
CA SER A 274 6.92 -34.57 -13.07
C SER A 274 7.97 -34.24 -14.13
N GLU A 275 8.57 -33.05 -14.23
CA GLU A 275 9.58 -32.85 -15.27
C GLU A 275 10.96 -32.83 -14.65
N ILE A 276 11.14 -33.20 -13.36
CA ILE A 276 12.52 -33.28 -12.79
C ILE A 276 12.95 -34.75 -12.60
N ASP A 277 12.37 -35.52 -11.66
CA ASP A 277 12.84 -36.85 -11.38
C ASP A 277 11.69 -37.78 -10.98
N LEU A 278 10.49 -37.57 -11.56
CA LEU A 278 9.35 -38.42 -11.16
C LEU A 278 9.63 -39.84 -11.61
N ALA A 279 10.46 -40.04 -12.66
CA ALA A 279 10.68 -41.42 -13.12
C ALA A 279 11.50 -42.14 -12.02
N ASN A 280 12.59 -41.52 -11.53
CA ASN A 280 13.39 -42.09 -10.47
C ASN A 280 12.53 -42.31 -9.20
N ILE A 281 11.74 -41.32 -8.74
CA ILE A 281 10.86 -41.46 -7.59
C ILE A 281 9.94 -42.67 -7.76
N LYS A 282 9.54 -42.94 -9.00
CA LYS A 282 8.70 -44.09 -9.23
C LYS A 282 9.43 -45.41 -9.05
N GLU A 283 10.72 -45.54 -9.46
CA GLU A 283 11.47 -46.81 -9.31
C GLU A 283 11.70 -47.08 -7.80
N THR A 284 12.09 -46.03 -7.06
CA THR A 284 12.34 -46.08 -5.65
C THR A 284 11.04 -46.42 -4.91
N PHE A 285 9.89 -45.99 -5.45
CA PHE A 285 8.62 -46.27 -4.79
C PHE A 285 8.37 -47.77 -4.83
N GLN A 286 8.45 -48.34 -6.05
CA GLN A 286 8.24 -49.77 -6.27
C GLN A 286 9.18 -50.62 -5.38
N ALA A 287 10.48 -50.34 -5.54
CA ALA A 287 11.54 -50.96 -4.75
C ALA A 287 11.24 -50.90 -3.26
N MET A 288 10.79 -49.79 -2.72
CA MET A 288 10.60 -49.69 -1.28
C MET A 288 9.26 -50.27 -0.90
N TYR A 289 8.27 -50.26 -1.79
CA TYR A 289 6.92 -50.53 -1.31
C TYR A 289 6.12 -51.73 -1.85
N GLY A 290 6.69 -52.49 -2.79
CA GLY A 290 6.02 -53.64 -3.40
C GLY A 290 5.18 -53.29 -4.64
N LYS A 291 4.10 -52.51 -4.48
CA LYS A 291 3.27 -52.02 -5.59
C LYS A 291 3.88 -50.85 -6.36
N SER A 292 3.32 -50.58 -7.51
CA SER A 292 3.75 -49.44 -8.28
C SER A 292 3.08 -48.16 -7.79
N LEU A 293 3.73 -47.02 -8.16
CA LEU A 293 3.06 -45.72 -7.89
C LEU A 293 1.74 -45.65 -8.63
N TYR A 294 1.79 -46.04 -9.90
CA TYR A 294 0.62 -46.08 -10.72
C TYR A 294 -0.46 -46.89 -10.03
N GLU A 295 -0.14 -48.11 -9.61
CA GLU A 295 -1.09 -48.93 -8.89
C GLU A 295 -1.63 -48.27 -7.61
N PHE A 296 -0.78 -47.69 -6.79
CA PHE A 296 -1.27 -46.99 -5.63
C PHE A 296 -2.31 -45.89 -5.90
N ILE A 297 -2.06 -45.04 -6.90
CA ILE A 297 -2.95 -43.93 -7.20
C ILE A 297 -4.26 -44.54 -7.67
N ALA A 298 -4.10 -45.52 -8.58
CA ALA A 298 -5.25 -46.14 -9.24
C ALA A 298 -6.30 -46.66 -8.23
N ASP A 299 -5.80 -47.10 -7.03
CA ASP A 299 -6.63 -47.54 -5.92
C ASP A 299 -7.15 -46.44 -4.99
N ASP A 300 -6.30 -45.48 -4.58
CA ASP A 300 -6.73 -44.44 -3.64
C ASP A 300 -7.55 -43.31 -4.25
N CYS A 301 -7.40 -42.98 -5.54
CA CYS A 301 -8.09 -41.85 -6.22
C CYS A 301 -9.25 -42.22 -7.12
N SER A 302 -10.13 -41.29 -7.55
CA SER A 302 -11.18 -41.70 -8.47
C SER A 302 -11.47 -40.72 -9.59
N GLY A 303 -12.52 -40.86 -10.39
CA GLY A 303 -12.94 -39.99 -11.45
C GLY A 303 -11.83 -39.72 -12.45
N ASP A 304 -12.00 -38.49 -12.93
CA ASP A 304 -11.05 -37.89 -13.85
C ASP A 304 -9.83 -37.45 -13.12
N TYR A 305 -9.97 -37.25 -11.80
CA TYR A 305 -8.86 -36.85 -10.97
C TYR A 305 -7.79 -37.93 -11.14
N LYS A 306 -8.26 -39.16 -10.94
CA LYS A 306 -7.42 -40.33 -11.02
C LYS A 306 -6.80 -40.45 -12.40
N ASP A 307 -7.54 -40.23 -13.47
CA ASP A 307 -6.98 -40.29 -14.82
C ASP A 307 -5.92 -39.26 -15.09
N LEU A 308 -6.13 -38.04 -14.63
CA LEU A 308 -5.15 -37.00 -14.83
C LEU A 308 -3.85 -37.42 -14.11
N LEU A 309 -4.02 -37.79 -12.84
CA LEU A 309 -2.87 -38.15 -12.05
C LEU A 309 -2.15 -39.32 -12.69
N LEU A 310 -2.90 -40.30 -13.25
CA LEU A 310 -2.32 -41.50 -13.84
C LEU A 310 -1.62 -41.19 -15.12
N GLN A 311 -2.06 -40.21 -15.88
CA GLN A 311 -1.39 -39.79 -17.11
C GLN A 311 -0.10 -39.00 -16.85
N ILE A 312 -0.08 -38.12 -15.84
CA ILE A 312 1.12 -37.43 -15.43
C ILE A 312 2.08 -38.50 -14.93
N THR A 313 1.66 -39.42 -14.11
CA THR A 313 2.59 -40.43 -13.64
C THR A 313 3.13 -41.46 -14.67
N GLY A 314 2.25 -41.99 -15.54
CA GLY A 314 2.60 -43.06 -16.44
C GLY A 314 2.69 -44.37 -15.65
N HIS A 315 2.86 -45.49 -16.34
CA HIS A 315 2.97 -46.79 -15.65
C HIS A 315 4.40 -46.94 -15.19
N VAL B 1 8.40 6.37 -47.85
CA VAL B 1 9.04 6.17 -46.56
C VAL B 1 7.98 6.70 -45.60
N VAL B 2 8.01 6.17 -44.38
CA VAL B 2 7.09 6.51 -43.31
C VAL B 2 8.00 7.26 -42.35
N GLN B 3 7.58 8.48 -42.04
CA GLN B 3 8.34 9.35 -41.15
C GLN B 3 7.43 10.36 -40.48
N GLY B 4 7.85 10.92 -39.37
CA GLY B 4 7.03 11.89 -38.70
C GLY B 4 7.44 13.31 -39.12
N THR B 5 6.85 14.29 -38.45
CA THR B 5 7.07 15.68 -38.73
C THR B 5 8.04 16.30 -37.77
N VAL B 6 8.52 15.68 -36.71
CA VAL B 6 9.50 16.33 -35.84
C VAL B 6 10.80 15.53 -35.93
N LYS B 7 11.88 16.28 -36.18
CA LYS B 7 13.22 15.81 -36.41
C LYS B 7 14.08 16.58 -35.38
N PRO B 8 15.01 15.92 -34.70
CA PRO B 8 15.95 16.49 -33.75
C PRO B 8 16.69 17.69 -34.26
N HIS B 9 16.57 18.71 -33.44
CA HIS B 9 17.28 19.94 -33.62
C HIS B 9 18.78 19.67 -33.64
N ALA B 10 19.37 20.19 -34.74
CA ALA B 10 20.83 20.10 -34.97
C ALA B 10 21.56 21.20 -34.18
N SER B 11 22.68 20.91 -33.47
CA SER B 11 23.29 21.91 -32.56
C SER B 11 22.28 22.38 -31.47
N PHE B 12 22.05 21.34 -30.68
CA PHE B 12 21.13 21.38 -29.57
C PHE B 12 22.03 21.51 -28.37
N ASN B 13 21.61 22.30 -27.40
CA ASN B 13 22.32 22.30 -26.14
C ASN B 13 21.29 22.43 -25.03
N SER B 14 21.10 21.37 -24.24
CA SER B 14 20.05 21.37 -23.21
C SER B 14 20.17 22.44 -22.13
N ARG B 15 21.40 22.76 -21.72
CA ARG B 15 21.66 23.82 -20.76
C ARG B 15 21.14 25.13 -21.26
N GLU B 16 21.40 25.44 -22.52
CA GLU B 16 21.05 26.71 -23.11
C GLU B 16 19.54 26.81 -23.32
N ASP B 17 18.90 25.71 -23.77
CA ASP B 17 17.46 25.65 -23.91
C ASP B 17 16.79 25.68 -22.58
N ALA B 18 17.30 25.06 -21.51
CA ALA B 18 16.71 25.15 -20.18
C ALA B 18 16.77 26.59 -19.72
N GLU B 19 17.93 27.25 -19.94
CA GLU B 19 18.08 28.64 -19.56
C GLU B 19 17.17 29.56 -20.39
N THR B 20 16.99 29.40 -21.72
CA THR B 20 15.96 30.11 -22.50
C THR B 20 14.51 29.93 -22.01
N LEU B 21 14.04 28.69 -21.64
CA LEU B 21 12.73 28.51 -21.01
C LEU B 21 12.66 29.26 -19.68
N ARG B 22 13.72 29.33 -18.83
CA ARG B 22 13.60 30.01 -17.54
C ARG B 22 13.35 31.48 -17.80
N LYS B 23 14.09 32.02 -18.78
CA LYS B 23 13.99 33.41 -19.22
C LYS B 23 12.61 33.64 -19.77
N ALA B 24 12.00 32.76 -20.59
CA ALA B 24 10.63 32.90 -21.13
C ALA B 24 9.58 32.96 -20.08
N MET B 25 9.76 32.48 -18.89
CA MET B 25 8.71 32.45 -17.91
C MET B 25 8.96 33.48 -16.83
N LYS B 26 10.22 33.91 -16.64
CA LYS B 26 10.60 34.90 -15.62
C LYS B 26 9.75 36.16 -15.66
N GLY B 27 9.37 36.56 -14.46
CA GLY B 27 8.52 37.71 -14.27
C GLY B 27 7.07 37.37 -14.51
N ILE B 28 6.39 38.50 -14.60
CA ILE B 28 4.94 38.53 -14.82
C ILE B 28 4.82 38.16 -16.29
N GLY B 29 3.71 37.47 -16.61
CA GLY B 29 3.54 36.93 -17.94
C GLY B 29 4.49 35.78 -18.23
N THR B 30 4.56 35.46 -19.52
CA THR B 30 5.23 34.30 -20.09
C THR B 30 5.52 34.67 -21.53
N ASP B 31 6.53 34.14 -22.14
CA ASP B 31 6.74 34.37 -23.54
C ASP B 31 6.41 33.01 -24.16
N GLU B 32 5.20 32.93 -24.65
CA GLU B 32 4.75 31.67 -25.16
C GLU B 32 5.40 31.39 -26.50
N LYS B 33 5.85 32.37 -27.23
CA LYS B 33 6.34 32.17 -28.57
C LYS B 33 7.69 31.48 -28.48
N SER B 34 8.43 31.84 -27.43
CA SER B 34 9.65 31.13 -27.08
C SER B 34 9.46 29.71 -26.62
N ILE B 35 8.41 29.48 -25.79
CA ILE B 35 8.16 28.15 -25.29
C ILE B 35 7.74 27.30 -26.46
N THR B 36 6.79 27.74 -27.27
CA THR B 36 6.32 27.03 -28.43
C THR B 36 7.46 26.68 -29.36
N HIS B 37 8.37 27.63 -29.58
CA HIS B 37 9.48 27.39 -30.46
C HIS B 37 10.42 26.35 -29.94
N ILE B 38 10.82 26.34 -28.67
CA ILE B 38 11.68 25.28 -28.21
C ILE B 38 11.05 23.85 -28.21
N LEU B 39 9.82 23.73 -27.73
CA LEU B 39 9.20 22.47 -27.58
C LEU B 39 8.93 21.83 -28.92
N ALA B 40 8.34 22.66 -29.79
CA ALA B 40 7.96 22.19 -31.11
C ALA B 40 9.18 21.95 -31.97
N THR B 41 10.39 22.55 -31.79
CA THR B 41 11.55 22.22 -32.66
C THR B 41 12.67 21.33 -32.13
N ARG B 42 12.45 20.64 -31.02
CA ARG B 42 13.35 19.67 -30.45
C ARG B 42 12.62 18.34 -30.49
N SER B 43 13.32 17.24 -30.65
CA SER B 43 12.68 15.93 -30.65
C SER B 43 12.40 15.59 -29.18
N ASN B 44 11.59 14.57 -28.93
CA ASN B 44 11.22 14.15 -27.56
C ASN B 44 12.40 13.78 -26.74
N ALA B 45 13.40 13.14 -27.24
CA ALA B 45 14.59 12.84 -26.47
C ALA B 45 15.42 14.05 -26.10
N GLN B 46 15.46 15.08 -26.96
CA GLN B 46 16.09 16.34 -26.62
C GLN B 46 15.27 17.01 -25.55
N ARG B 47 13.92 16.99 -25.57
CA ARG B 47 13.10 17.58 -24.56
C ARG B 47 13.38 16.83 -23.29
N GLN B 48 13.72 15.56 -23.32
CA GLN B 48 13.95 14.96 -22.03
C GLN B 48 15.26 15.44 -21.43
N GLN B 49 16.22 15.84 -22.26
CA GLN B 49 17.50 16.30 -21.76
C GLN B 49 17.33 17.73 -21.30
N ILE B 50 16.51 18.59 -21.96
CA ILE B 50 16.20 19.91 -21.46
C ILE B 50 15.63 19.76 -20.04
N LYS B 51 14.68 18.87 -19.86
CA LYS B 51 14.03 18.66 -18.57
C LYS B 51 15.00 18.31 -17.47
N THR B 52 15.98 17.42 -17.64
CA THR B 52 16.95 17.16 -16.58
C THR B 52 17.83 18.39 -16.35
N ASP B 53 18.27 19.12 -17.33
CA ASP B 53 19.04 20.32 -17.01
C ASP B 53 18.23 21.37 -16.32
N TYR B 54 16.94 21.59 -16.61
CA TYR B 54 16.15 22.59 -15.94
C TYR B 54 16.11 22.21 -14.47
N THR B 55 15.64 21.02 -14.02
CA THR B 55 15.59 20.67 -12.63
C THR B 55 16.99 20.75 -12.00
N THR B 56 18.15 20.40 -12.62
CA THR B 56 19.45 20.45 -11.95
C THR B 56 19.88 21.93 -11.81
N LEU B 57 19.69 22.76 -12.81
CA LEU B 57 20.00 24.16 -12.75
C LEU B 57 19.12 24.80 -11.70
N PHE B 58 17.81 24.63 -11.80
CA PHE B 58 16.92 25.42 -10.97
C PHE B 58 16.25 24.81 -9.75
N GLY B 59 16.35 23.53 -9.48
CA GLY B 59 15.66 22.93 -8.38
C GLY B 59 14.15 22.79 -8.45
N LYS B 60 13.54 23.02 -9.58
CA LYS B 60 12.10 22.96 -9.73
C LYS B 60 11.83 22.19 -11.01
N HIS B 61 10.72 21.42 -11.17
CA HIS B 61 10.63 20.68 -12.42
C HIS B 61 9.93 21.52 -13.47
N LEU B 62 10.43 21.45 -14.71
CA LEU B 62 9.87 22.19 -15.84
C LEU B 62 8.37 22.02 -15.93
N GLU B 63 7.82 20.83 -15.63
CA GLU B 63 6.39 20.63 -15.65
C GLU B 63 5.59 21.54 -14.72
N ASP B 64 6.12 21.70 -13.52
CA ASP B 64 5.47 22.46 -12.48
C ASP B 64 5.45 23.93 -12.80
N GLU B 65 6.50 24.29 -13.50
CA GLU B 65 6.70 25.63 -13.92
C GLU B 65 5.63 25.93 -14.96
N LEU B 66 5.50 25.08 -15.96
CA LEU B 66 4.56 25.38 -17.05
C LEU B 66 3.13 25.42 -16.53
N LYS B 67 2.71 24.57 -15.59
CA LYS B 67 1.36 24.54 -15.14
C LYS B 67 0.94 25.84 -14.46
N SER B 68 1.89 26.51 -13.80
CA SER B 68 1.64 27.84 -13.25
C SER B 68 1.70 28.88 -14.36
N GLU B 69 2.65 28.89 -15.28
CA GLU B 69 2.62 29.86 -16.33
C GLU B 69 1.45 29.66 -17.32
N LEU B 70 1.05 28.41 -17.66
CA LEU B 70 0.10 28.17 -18.74
C LEU B 70 -1.31 27.78 -18.27
N SER B 71 -2.21 27.74 -19.26
CA SER B 71 -3.60 27.45 -19.07
C SER B 71 -4.17 26.76 -20.24
N GLY B 72 -5.25 26.05 -19.90
CA GLY B 72 -6.08 25.39 -20.88
C GLY B 72 -5.41 24.50 -21.89
N ASN B 73 -5.76 24.65 -23.15
CA ASN B 73 -5.24 23.78 -24.17
C ASN B 73 -3.79 23.97 -24.52
N TYR B 74 -3.25 25.15 -24.29
CA TYR B 74 -1.84 25.36 -24.57
C TYR B 74 -1.07 24.58 -23.51
N GLU B 75 -1.52 24.64 -22.23
CA GLU B 75 -0.91 23.92 -21.12
C GLU B 75 -0.98 22.47 -21.44
N ALA B 76 -2.13 21.92 -21.84
CA ALA B 76 -2.25 20.51 -22.14
C ALA B 76 -1.41 20.03 -23.31
N ALA B 77 -1.34 20.78 -24.43
CA ALA B 77 -0.55 20.42 -25.58
C ALA B 77 0.90 20.57 -25.23
N ALA B 78 1.32 21.53 -24.41
CA ALA B 78 2.74 21.69 -24.04
C ALA B 78 3.21 20.55 -23.16
N LEU B 79 2.37 20.25 -22.20
CA LEU B 79 2.64 19.21 -21.28
C LEU B 79 2.69 17.82 -21.92
N ALA B 80 1.87 17.61 -22.96
CA ALA B 80 1.87 16.40 -23.75
C ALA B 80 3.21 16.15 -24.42
N LEU B 81 3.82 17.23 -24.92
CA LEU B 81 5.06 17.19 -25.65
C LEU B 81 6.27 16.85 -24.77
N LEU B 82 6.20 17.07 -23.43
CA LEU B 82 7.30 16.73 -22.54
C LEU B 82 7.17 15.31 -22.01
N ARG B 83 6.06 14.56 -22.16
CA ARG B 83 5.88 13.23 -21.65
C ARG B 83 6.58 12.22 -22.49
N LYS B 84 7.28 11.31 -21.82
CA LYS B 84 8.03 10.26 -22.49
C LYS B 84 6.91 9.48 -23.20
N PRO B 85 7.09 8.99 -24.41
CA PRO B 85 6.01 8.57 -25.30
C PRO B 85 5.04 7.51 -24.74
N ASP B 86 5.65 6.48 -24.19
CA ASP B 86 5.05 5.33 -23.53
C ASP B 86 4.17 5.75 -22.36
N GLU B 87 4.66 6.73 -21.59
CA GLU B 87 4.01 7.32 -20.45
C GLU B 87 2.81 8.13 -20.76
N PHE B 88 2.91 8.85 -21.90
CA PHE B 88 1.83 9.69 -22.37
C PHE B 88 0.68 8.75 -22.70
N LEU B 89 0.88 7.65 -23.43
CA LEU B 89 -0.22 6.75 -23.78
C LEU B 89 -0.82 6.06 -22.57
N ALA B 90 0.10 5.61 -21.66
CA ALA B 90 -0.25 5.09 -20.35
C ALA B 90 -1.13 6.02 -19.58
N GLU B 91 -0.79 7.30 -19.49
CA GLU B 91 -1.62 8.36 -18.93
C GLU B 91 -2.91 8.61 -19.73
N GLN B 92 -2.97 8.71 -21.06
CA GLN B 92 -4.19 8.85 -21.87
C GLN B 92 -5.17 7.74 -21.62
N LEU B 93 -4.68 6.53 -21.34
CA LEU B 93 -5.57 5.39 -21.00
C LEU B 93 -6.27 5.60 -19.68
N HIS B 94 -5.47 6.09 -18.74
CA HIS B 94 -5.94 6.39 -17.42
C HIS B 94 -7.09 7.37 -17.51
N ALA B 95 -6.86 8.52 -18.14
CA ALA B 95 -7.87 9.54 -18.38
C ALA B 95 -9.14 8.98 -19.04
N ALA B 96 -9.04 8.09 -20.02
CA ALA B 96 -10.19 7.50 -20.68
C ALA B 96 -11.07 6.67 -19.77
N MET B 97 -10.43 6.02 -18.83
CA MET B 97 -11.05 5.04 -17.98
C MET B 97 -11.53 5.51 -16.65
N LYS B 98 -10.72 6.30 -15.96
CA LYS B 98 -11.09 6.62 -14.61
C LYS B 98 -11.76 7.94 -14.47
N GLY B 99 -12.60 8.40 -15.42
CA GLY B 99 -13.32 9.65 -15.22
C GLY B 99 -14.78 9.34 -14.95
N LEU B 100 -15.62 10.36 -15.27
CA LEU B 100 -17.08 10.19 -15.27
C LEU B 100 -17.34 9.59 -16.67
N GLY B 101 -17.76 8.33 -16.85
CA GLY B 101 -17.93 7.83 -18.20
C GLY B 101 -16.63 7.24 -18.72
N THR B 102 -16.57 6.93 -20.00
CA THR B 102 -15.40 6.31 -20.63
C THR B 102 -15.11 7.02 -21.94
N ASP B 103 -13.88 7.38 -22.29
CA ASP B 103 -13.59 7.70 -23.69
C ASP B 103 -13.29 6.35 -24.38
N GLU B 104 -14.34 5.67 -24.82
CA GLU B 104 -14.29 4.36 -25.48
C GLU B 104 -13.30 4.39 -26.66
N ASN B 105 -13.39 5.49 -27.37
CA ASN B 105 -12.59 5.81 -28.51
C ASN B 105 -11.15 6.08 -28.24
N ALA B 106 -10.75 6.63 -27.10
CA ALA B 106 -9.36 6.76 -26.74
C ALA B 106 -8.79 5.38 -26.56
N LEU B 107 -9.51 4.45 -25.89
CA LEU B 107 -9.05 3.07 -25.63
C LEU B 107 -8.83 2.29 -26.90
N ILE B 108 -9.65 2.47 -27.94
CA ILE B 108 -9.55 1.80 -29.23
C ILE B 108 -8.36 2.34 -29.99
N ASP B 109 -8.19 3.67 -30.14
CA ASP B 109 -7.00 4.29 -30.73
C ASP B 109 -5.68 3.78 -30.19
N ILE B 110 -5.62 3.58 -28.88
CA ILE B 110 -4.42 3.09 -28.21
C ILE B 110 -4.28 1.58 -28.14
N LEU B 111 -5.25 0.73 -27.84
CA LEU B 111 -5.01 -0.68 -27.75
C LEU B 111 -5.17 -1.48 -29.03
N CYS B 112 -6.07 -1.06 -29.91
CA CYS B 112 -6.40 -1.77 -31.12
C CYS B 112 -5.50 -1.53 -32.32
N THR B 113 -4.60 -0.55 -32.30
CA THR B 113 -3.78 -0.16 -33.45
C THR B 113 -2.31 -0.46 -33.30
N GLN B 114 -1.95 -1.24 -32.25
CA GLN B 114 -0.58 -1.36 -31.67
C GLN B 114 0.16 -2.64 -31.98
N SER B 115 1.48 -2.64 -32.03
CA SER B 115 2.22 -3.90 -32.15
C SER B 115 2.33 -4.59 -30.79
N ASN B 116 2.93 -5.77 -30.78
CA ASN B 116 3.01 -6.51 -29.53
C ASN B 116 3.91 -5.80 -28.62
N ALA B 117 5.09 -5.41 -29.18
CA ALA B 117 6.10 -4.70 -28.38
C ALA B 117 5.63 -3.36 -27.86
N GLN B 118 4.77 -2.64 -28.62
CA GLN B 118 4.23 -1.41 -28.08
C GLN B 118 3.24 -1.68 -26.96
N ILE B 119 2.45 -2.72 -27.05
CA ILE B 119 1.46 -3.02 -26.01
C ILE B 119 2.17 -3.32 -24.66
N HIS B 120 3.29 -4.05 -24.81
CA HIS B 120 4.13 -4.39 -23.69
C HIS B 120 4.77 -3.19 -23.01
N ALA B 121 5.09 -2.12 -23.74
CA ALA B 121 5.61 -0.90 -23.21
C ALA B 121 4.49 -0.12 -22.62
N ILE B 122 3.30 0.05 -23.22
CA ILE B 122 2.19 0.81 -22.61
C ILE B 122 1.77 0.12 -21.32
N LYS B 123 1.68 -1.20 -21.29
CA LYS B 123 1.42 -1.86 -20.05
C LYS B 123 2.39 -1.59 -18.90
N ALA B 124 3.69 -1.63 -19.19
CA ALA B 124 4.73 -1.32 -18.23
C ALA B 124 4.70 0.11 -17.67
N ALA B 125 4.70 1.11 -18.53
CA ALA B 125 4.61 2.48 -18.11
C ALA B 125 3.38 2.72 -17.24
N PHE B 126 2.20 2.09 -17.48
CA PHE B 126 1.01 2.33 -16.69
C PHE B 126 1.27 1.75 -15.31
N LYS B 127 1.83 0.56 -15.22
CA LYS B 127 2.13 -0.04 -13.96
C LYS B 127 3.04 0.83 -13.12
N LEU B 128 4.05 1.38 -13.76
CA LEU B 128 4.99 2.29 -13.15
C LEU B 128 4.37 3.59 -12.73
N LEU B 129 3.55 4.24 -13.56
CA LEU B 129 2.94 5.49 -13.17
C LEU B 129 1.89 5.34 -12.11
N TYR B 130 1.05 4.32 -12.24
CA TYR B 130 -0.17 4.15 -11.49
C TYR B 130 -0.14 3.02 -10.52
N LYS B 131 0.94 2.24 -10.37
CA LYS B 131 1.04 1.12 -9.47
C LYS B 131 0.00 0.03 -9.74
N GLU B 132 -1.11 0.29 -10.38
CA GLU B 132 -2.06 -0.73 -10.77
C GLU B 132 -1.71 -1.37 -12.08
N ASP B 133 -2.40 -2.39 -12.30
CA ASP B 133 -2.15 -3.22 -13.44
C ASP B 133 -3.15 -2.88 -14.53
N LEU B 134 -2.80 -2.45 -15.75
CA LEU B 134 -3.78 -2.06 -16.77
C LEU B 134 -4.86 -3.08 -17.11
N GLU B 135 -4.57 -4.37 -17.28
CA GLU B 135 -5.57 -5.33 -17.64
C GLU B 135 -6.55 -5.42 -16.49
N LYS B 136 -6.11 -5.32 -15.23
CA LYS B 136 -7.02 -5.33 -14.10
C LYS B 136 -7.91 -4.07 -14.12
N GLU B 137 -7.35 -2.92 -14.41
CA GLU B 137 -8.13 -1.73 -14.66
C GLU B 137 -9.03 -1.79 -15.89
N ILE B 138 -8.73 -2.42 -17.01
CA ILE B 138 -9.57 -2.46 -18.21
C ILE B 138 -10.74 -3.36 -17.86
N ILE B 139 -10.43 -4.53 -17.31
CA ILE B 139 -11.50 -5.42 -16.78
C ILE B 139 -12.46 -4.75 -15.72
N SER B 140 -12.01 -3.79 -14.88
CA SER B 140 -12.91 -3.05 -14.00
C SER B 140 -13.75 -2.03 -14.74
N GLU B 141 -13.18 -1.28 -15.68
CA GLU B 141 -13.99 -0.27 -16.31
C GLU B 141 -14.71 -0.70 -17.58
N THR B 142 -14.60 -1.92 -18.15
CA THR B 142 -15.33 -2.26 -19.37
C THR B 142 -16.12 -3.59 -19.17
N SER B 143 -17.15 -3.93 -20.00
CA SER B 143 -17.81 -5.23 -19.88
C SER B 143 -18.06 -5.87 -21.21
N GLY B 144 -18.37 -7.18 -21.23
CA GLY B 144 -18.87 -7.82 -22.43
C GLY B 144 -17.87 -7.93 -23.53
N ASN B 145 -18.38 -7.95 -24.74
CA ASN B 145 -17.59 -8.24 -25.91
C ASN B 145 -16.41 -7.35 -26.14
N PHE B 146 -16.69 -6.07 -25.85
CA PHE B 146 -15.67 -5.02 -25.88
C PHE B 146 -14.53 -5.30 -24.89
N GLN B 147 -14.84 -5.56 -23.62
CA GLN B 147 -13.85 -5.95 -22.62
C GLN B 147 -12.95 -7.06 -23.13
N ARG B 148 -13.54 -8.12 -23.65
CA ARG B 148 -12.83 -9.24 -24.20
C ARG B 148 -11.87 -8.93 -25.32
N LEU B 149 -12.20 -7.97 -26.19
CA LEU B 149 -11.32 -7.60 -27.29
C LEU B 149 -10.16 -6.81 -26.70
N LEU B 150 -10.38 -6.01 -25.64
CA LEU B 150 -9.27 -5.20 -25.13
C LEU B 150 -8.44 -6.09 -24.27
N VAL B 151 -8.95 -7.17 -23.68
CA VAL B 151 -8.12 -8.09 -22.90
C VAL B 151 -7.25 -8.83 -23.90
N SER B 152 -7.74 -9.25 -25.06
CA SER B 152 -6.92 -9.84 -26.09
C SER B 152 -5.76 -8.91 -26.54
N MET B 153 -6.06 -7.64 -26.71
CA MET B 153 -5.10 -6.64 -27.19
C MET B 153 -4.03 -6.54 -26.11
N LEU B 154 -4.35 -6.45 -24.81
CA LEU B 154 -3.33 -6.39 -23.78
C LEU B 154 -2.40 -7.56 -23.61
N GLN B 155 -2.59 -8.74 -24.18
CA GLN B 155 -1.73 -9.89 -24.03
C GLN B 155 -0.53 -9.74 -24.87
N GLY B 156 -0.49 -8.99 -25.97
CA GLY B 156 0.67 -8.96 -26.88
C GLY B 156 0.90 -10.36 -27.48
N GLY B 157 -0.18 -11.01 -27.98
CA GLY B 157 -0.15 -12.41 -28.42
C GLY B 157 -0.33 -12.64 -29.92
N ARG B 158 -0.17 -11.65 -30.79
CA ARG B 158 -0.48 -11.79 -32.19
C ARG B 158 0.65 -12.58 -32.71
N LYS B 159 0.41 -13.39 -33.73
CA LYS B 159 1.48 -14.22 -34.18
C LYS B 159 2.04 -13.40 -35.32
N GLU B 160 2.83 -12.39 -34.95
CA GLU B 160 3.32 -11.44 -35.95
C GLU B 160 4.23 -12.01 -37.06
N ASP B 161 4.82 -13.16 -36.82
CA ASP B 161 5.75 -13.82 -37.71
C ASP B 161 5.04 -14.88 -38.56
N GLU B 162 3.71 -15.06 -38.40
CA GLU B 162 2.90 -15.98 -39.19
C GLU B 162 2.93 -15.55 -40.64
N PRO B 163 3.23 -16.43 -41.58
CA PRO B 163 3.33 -16.11 -42.99
C PRO B 163 2.00 -16.26 -43.71
N VAL B 164 1.85 -15.41 -44.76
CA VAL B 164 0.74 -15.46 -45.69
C VAL B 164 0.65 -16.85 -46.31
N ASN B 165 -0.41 -17.53 -45.97
CA ASN B 165 -0.65 -18.84 -46.51
C ASN B 165 -2.09 -18.71 -46.98
N ALA B 166 -2.31 -18.70 -48.28
CA ALA B 166 -3.64 -18.56 -48.86
C ALA B 166 -4.63 -19.69 -48.57
N ALA B 167 -4.28 -20.98 -48.53
CA ALA B 167 -5.22 -22.00 -48.13
C ALA B 167 -5.78 -21.67 -46.76
N HIS B 168 -4.96 -21.21 -45.80
CA HIS B 168 -5.48 -20.89 -44.50
C HIS B 168 -6.18 -19.59 -44.57
N ALA B 169 -5.76 -18.51 -45.24
CA ALA B 169 -6.48 -17.24 -45.34
C ALA B 169 -7.92 -17.51 -45.78
N ALA B 170 -8.08 -18.43 -46.74
CA ALA B 170 -9.35 -18.96 -47.21
C ALA B 170 -10.15 -19.77 -46.19
N GLU B 171 -9.54 -20.68 -45.39
CA GLU B 171 -10.23 -21.35 -44.30
C GLU B 171 -10.76 -20.34 -43.28
N ASP B 172 -10.02 -19.28 -42.95
CA ASP B 172 -10.42 -18.29 -41.98
C ASP B 172 -11.45 -17.36 -42.44
N ALA B 173 -11.29 -16.90 -43.69
CA ALA B 173 -12.30 -16.05 -44.34
C ALA B 173 -13.60 -16.83 -44.37
N ALA B 174 -13.59 -18.12 -44.62
CA ALA B 174 -14.84 -18.87 -44.62
C ALA B 174 -15.42 -18.97 -43.21
N ALA B 175 -14.56 -19.12 -42.23
CA ALA B 175 -14.97 -19.25 -40.86
C ALA B 175 -15.66 -18.00 -40.35
N ILE B 176 -15.11 -16.83 -40.72
CA ILE B 176 -15.64 -15.53 -40.35
C ILE B 176 -17.00 -15.35 -41.05
N TYR B 177 -17.10 -15.82 -42.28
CA TYR B 177 -18.33 -15.74 -43.02
C TYR B 177 -19.46 -16.47 -42.33
N GLN B 178 -19.29 -17.75 -42.02
CA GLN B 178 -20.27 -18.49 -41.27
C GLN B 178 -20.66 -17.87 -39.95
N ALA B 179 -19.74 -17.13 -39.31
CA ALA B 179 -19.98 -16.54 -37.99
C ALA B 179 -20.89 -15.34 -38.06
N GLY B 180 -20.78 -14.64 -39.15
CA GLY B 180 -21.46 -13.42 -39.33
C GLY B 180 -22.62 -13.57 -40.30
N GLU B 181 -22.32 -13.17 -41.54
CA GLU B 181 -23.30 -13.23 -42.63
C GLU B 181 -24.01 -14.60 -42.69
N GLY B 182 -23.27 -15.71 -42.44
CA GLY B 182 -23.76 -17.06 -42.64
C GLY B 182 -24.83 -17.63 -41.68
N GLN B 183 -25.28 -16.78 -40.80
CA GLN B 183 -26.17 -17.10 -39.72
C GLN B 183 -26.76 -15.83 -39.17
N ILE B 184 -27.83 -16.10 -38.50
CA ILE B 184 -28.71 -15.07 -37.99
C ILE B 184 -27.96 -14.25 -37.01
N GLY B 185 -27.64 -14.78 -35.83
CA GLY B 185 -26.77 -14.04 -34.91
C GLY B 185 -25.37 -13.78 -35.49
N THR B 186 -24.44 -13.69 -34.56
CA THR B 186 -23.06 -13.48 -34.87
C THR B 186 -22.31 -14.35 -33.86
N ASP B 187 -21.43 -15.29 -34.20
CA ASP B 187 -20.55 -15.88 -33.19
C ASP B 187 -19.42 -14.84 -33.08
N GLU B 188 -19.34 -14.03 -32.05
CA GLU B 188 -18.29 -13.05 -31.90
C GLU B 188 -16.96 -13.66 -31.58
N SER B 189 -16.91 -14.81 -30.92
CA SER B 189 -15.65 -15.50 -30.66
C SER B 189 -14.84 -15.56 -31.96
N ARG B 190 -15.41 -16.05 -33.07
CA ARG B 190 -14.70 -16.14 -34.31
C ARG B 190 -14.25 -14.79 -34.83
N PHE B 191 -14.92 -13.68 -34.68
CA PHE B 191 -14.38 -12.40 -35.13
C PHE B 191 -13.13 -11.90 -34.38
N ASN B 192 -13.23 -11.97 -33.07
CA ASN B 192 -12.24 -11.64 -32.05
C ASN B 192 -10.98 -12.51 -32.18
N ALA B 193 -11.12 -13.86 -32.20
CA ALA B 193 -10.06 -14.83 -32.35
C ALA B 193 -9.23 -14.60 -33.59
N VAL B 194 -9.84 -14.55 -34.79
CA VAL B 194 -9.08 -14.32 -36.02
C VAL B 194 -8.48 -12.92 -35.97
N LEU B 195 -9.20 -11.85 -35.71
CA LEU B 195 -8.61 -10.54 -35.81
C LEU B 195 -7.60 -10.24 -34.72
N ALA B 196 -7.70 -10.97 -33.60
CA ALA B 196 -6.68 -10.82 -32.55
C ALA B 196 -5.38 -11.61 -32.71
N THR B 197 -5.35 -12.76 -33.42
CA THR B 197 -4.13 -13.56 -33.47
C THR B 197 -3.38 -13.59 -34.77
N ARG B 198 -4.00 -13.39 -35.93
CA ARG B 198 -3.31 -13.58 -37.19
C ARG B 198 -2.34 -12.47 -37.48
N SER B 199 -1.25 -12.69 -38.18
CA SER B 199 -0.35 -11.60 -38.48
C SER B 199 -1.03 -10.54 -39.36
N TYR B 200 -0.54 -9.30 -39.40
CA TYR B 200 -1.16 -8.32 -40.30
C TYR B 200 -1.08 -8.68 -41.82
N PRO B 201 0.00 -9.20 -42.41
CA PRO B 201 0.10 -9.79 -43.74
C PRO B 201 -0.89 -10.89 -44.05
N GLN B 202 -1.03 -11.85 -43.11
CA GLN B 202 -2.02 -12.91 -43.22
C GLN B 202 -3.44 -12.36 -43.09
N LEU B 203 -3.68 -11.34 -42.27
CA LEU B 203 -5.02 -10.78 -42.21
C LEU B 203 -5.35 -10.11 -43.51
N HIS B 204 -4.41 -9.50 -44.19
CA HIS B 204 -4.69 -8.88 -45.48
C HIS B 204 -5.25 -9.84 -46.51
N GLN B 205 -4.59 -10.97 -46.58
CA GLN B 205 -4.93 -12.09 -47.43
C GLN B 205 -6.29 -12.63 -47.01
N ILE B 206 -6.65 -12.75 -45.74
CA ILE B 206 -7.99 -13.15 -45.37
C ILE B 206 -9.06 -12.21 -45.91
N PHE B 207 -8.76 -10.91 -45.91
CA PHE B 207 -9.77 -9.94 -46.24
C PHE B 207 -10.11 -10.03 -47.71
N HIS B 208 -9.05 -10.19 -48.47
CA HIS B 208 -9.19 -10.50 -49.87
C HIS B 208 -9.93 -11.83 -50.03
N GLU B 209 -9.64 -12.94 -49.36
CA GLU B 209 -10.40 -14.15 -49.57
C GLU B 209 -11.87 -13.91 -49.24
N TYR B 210 -12.16 -13.10 -48.22
CA TYR B 210 -13.52 -12.86 -47.81
C TYR B 210 -14.39 -12.20 -48.86
N SER B 211 -13.84 -11.28 -49.67
CA SER B 211 -14.57 -10.59 -50.74
C SER B 211 -14.82 -11.47 -51.95
N LYS B 212 -14.04 -12.57 -52.09
CA LYS B 212 -14.31 -13.52 -53.14
C LYS B 212 -15.46 -14.41 -52.71
N ILE B 213 -15.74 -14.68 -51.43
CA ILE B 213 -16.87 -15.55 -51.09
C ILE B 213 -18.13 -14.73 -50.88
N SER B 214 -17.99 -13.55 -50.27
CA SER B 214 -19.12 -12.72 -49.93
C SER B 214 -19.34 -11.66 -50.98
N ASN B 215 -20.41 -10.92 -50.93
CA ASN B 215 -20.52 -9.83 -51.82
C ASN B 215 -20.34 -8.51 -51.09
N LYS B 216 -19.99 -8.58 -49.79
CA LYS B 216 -19.74 -7.42 -48.97
C LYS B 216 -18.30 -7.53 -48.57
N THR B 217 -17.70 -6.38 -48.30
CA THR B 217 -16.38 -6.43 -47.74
C THR B 217 -16.47 -6.79 -46.27
N ILE B 218 -15.32 -7.19 -45.65
CA ILE B 218 -15.28 -7.47 -44.23
C ILE B 218 -15.72 -6.27 -43.42
N LEU B 219 -15.41 -5.04 -43.88
CA LEU B 219 -15.87 -3.83 -43.23
C LEU B 219 -17.36 -3.67 -43.21
N GLN B 220 -17.97 -3.98 -44.34
CA GLN B 220 -19.40 -3.98 -44.41
C GLN B 220 -19.98 -5.05 -43.50
N ALA B 221 -19.40 -6.27 -43.53
CA ALA B 221 -19.91 -7.36 -42.71
C ALA B 221 -19.82 -7.00 -41.23
N ILE B 222 -18.71 -6.40 -40.70
CA ILE B 222 -18.60 -5.98 -39.29
C ILE B 222 -19.62 -4.86 -39.03
N GLU B 223 -19.66 -3.87 -39.93
CA GLU B 223 -20.60 -2.78 -39.87
C GLU B 223 -22.04 -3.19 -39.73
N ASN B 224 -22.41 -4.40 -40.19
CA ASN B 224 -23.78 -4.91 -40.10
C ASN B 224 -24.02 -5.89 -38.99
N GLU B 225 -23.06 -6.79 -38.75
CA GLU B 225 -23.17 -7.82 -37.73
C GLU B 225 -22.88 -7.28 -36.34
N PHE B 226 -22.12 -6.18 -36.20
CA PHE B 226 -21.77 -5.59 -34.91
C PHE B 226 -22.35 -4.23 -34.57
N SER B 227 -22.50 -3.92 -33.27
CA SER B 227 -22.94 -2.57 -32.83
C SER B 227 -22.00 -1.90 -31.82
N GLY B 228 -22.01 -0.57 -31.81
CA GLY B 228 -21.29 0.26 -30.85
C GLY B 228 -19.79 0.02 -30.71
N ASP B 229 -19.41 -0.01 -29.43
CA ASP B 229 -18.05 -0.19 -29.00
C ASP B 229 -17.30 -1.34 -29.63
N ILE B 230 -17.79 -2.59 -29.61
CA ILE B 230 -17.07 -3.68 -30.27
C ILE B 230 -17.08 -3.49 -31.79
N LYS B 231 -17.99 -2.75 -32.43
CA LYS B 231 -18.04 -2.60 -33.85
C LYS B 231 -16.90 -1.67 -34.17
N ASN B 232 -16.66 -0.71 -33.36
CA ASN B 232 -15.59 0.24 -33.63
C ASN B 232 -14.27 -0.31 -33.26
N GLY B 233 -14.18 -1.20 -32.29
CA GLY B 233 -12.95 -1.84 -31.92
C GLY B 233 -12.50 -2.75 -33.03
N LEU B 234 -13.34 -3.64 -33.52
CA LEU B 234 -13.04 -4.51 -34.65
C LEU B 234 -12.77 -3.79 -35.95
N LEU B 235 -13.47 -2.69 -36.30
CA LEU B 235 -13.15 -1.96 -37.50
C LEU B 235 -11.82 -1.27 -37.36
N ALA B 236 -11.35 -0.83 -36.19
CA ALA B 236 -10.05 -0.21 -35.98
C ALA B 236 -8.91 -1.12 -36.42
N ILE B 237 -9.03 -2.42 -36.11
CA ILE B 237 -8.05 -3.42 -36.48
C ILE B 237 -8.08 -3.61 -37.99
N VAL B 238 -9.29 -3.75 -38.61
CA VAL B 238 -9.37 -3.85 -40.06
C VAL B 238 -8.72 -2.63 -40.76
N LYS B 239 -9.17 -1.41 -40.43
CA LYS B 239 -8.50 -0.20 -40.87
C LYS B 239 -7.02 -0.22 -40.54
N SER B 240 -6.49 -0.66 -39.39
CA SER B 240 -5.05 -0.68 -39.17
C SER B 240 -4.26 -1.58 -40.11
N VAL B 241 -4.79 -2.73 -40.52
CA VAL B 241 -4.15 -3.73 -41.40
C VAL B 241 -4.19 -3.22 -42.81
N GLU B 242 -5.31 -2.67 -43.25
CA GLU B 242 -5.44 -2.13 -44.59
C GLU B 242 -4.65 -0.86 -44.80
N ASN B 243 -4.77 0.13 -43.90
CA ASN B 243 -4.10 1.43 -44.04
C ASN B 243 -4.21 2.22 -42.75
N ARG B 244 -3.12 2.16 -42.00
CA ARG B 244 -3.06 2.86 -40.72
C ARG B 244 -3.13 4.41 -40.82
N PHE B 245 -2.50 4.99 -41.85
CA PHE B 245 -2.55 6.42 -42.07
C PHE B 245 -3.96 6.94 -42.32
N ALA B 246 -4.78 6.12 -42.97
CA ALA B 246 -6.17 6.50 -43.21
C ALA B 246 -6.99 6.43 -41.93
N TYR B 247 -6.75 5.41 -41.08
CA TYR B 247 -7.42 5.35 -39.81
C TYR B 247 -7.24 6.62 -39.02
N PHE B 248 -6.01 7.12 -38.87
CA PHE B 248 -5.82 8.32 -38.09
C PHE B 248 -6.28 9.53 -38.84
N ALA B 249 -6.11 9.62 -40.18
CA ALA B 249 -6.61 10.77 -40.91
C ALA B 249 -8.11 10.96 -40.73
N GLU B 250 -8.77 9.83 -40.56
CA GLU B 250 -10.19 9.78 -40.30
C GLU B 250 -10.50 10.31 -38.95
N ARG B 251 -9.79 9.75 -37.91
CA ARG B 251 -10.00 10.08 -36.50
C ARG B 251 -9.69 11.51 -36.24
N LEU B 252 -8.69 12.07 -36.92
CA LEU B 252 -8.35 13.50 -36.89
C LEU B 252 -9.41 14.37 -37.51
N HIS B 253 -9.97 13.95 -38.66
CA HIS B 253 -11.01 14.70 -39.30
C HIS B 253 -12.25 14.84 -38.43
N HIS B 254 -12.53 13.79 -37.69
CA HIS B 254 -13.69 13.74 -36.85
C HIS B 254 -13.46 14.56 -35.61
N ALA B 255 -12.23 14.71 -35.13
CA ALA B 255 -11.94 15.57 -33.99
C ALA B 255 -12.29 17.01 -34.31
N MET B 256 -11.95 17.38 -35.53
CA MET B 256 -12.18 18.74 -36.00
C MET B 256 -13.55 18.98 -36.60
N LYS B 257 -14.44 17.99 -36.63
CA LYS B 257 -15.68 18.24 -37.30
C LYS B 257 -16.66 18.97 -36.45
N GLY B 258 -17.54 19.68 -37.17
CA GLY B 258 -18.57 20.51 -36.56
C GLY B 258 -18.04 21.61 -35.64
N LEU B 259 -19.04 21.96 -34.83
CA LEU B 259 -18.90 22.99 -33.81
C LEU B 259 -17.83 22.58 -32.81
N GLY B 260 -16.97 23.53 -32.44
CA GLY B 260 -15.86 23.22 -31.52
C GLY B 260 -14.86 22.21 -32.13
N THR B 261 -14.07 21.58 -31.24
CA THR B 261 -13.01 20.65 -31.57
C THR B 261 -12.97 19.60 -30.44
N SER B 262 -12.50 18.39 -30.74
CA SER B 262 -12.21 17.40 -29.73
C SER B 262 -10.67 17.45 -29.67
N ASP B 263 -10.23 18.42 -28.89
CA ASP B 263 -8.81 18.72 -28.71
C ASP B 263 -7.97 17.61 -28.08
N LYS B 264 -8.70 16.81 -27.30
CA LYS B 264 -8.21 15.69 -26.54
C LYS B 264 -7.70 14.70 -27.56
N THR B 265 -8.54 14.38 -28.58
CA THR B 265 -8.10 13.55 -29.68
C THR B 265 -7.02 14.25 -30.48
N LEU B 266 -7.24 15.51 -30.84
CA LEU B 266 -6.30 16.29 -31.61
C LEU B 266 -4.84 16.29 -31.05
N ILE B 267 -4.69 16.68 -29.78
CA ILE B 267 -3.45 16.66 -29.03
C ILE B 267 -2.98 15.23 -29.03
N ARG B 268 -3.79 14.26 -28.62
CA ARG B 268 -3.32 12.89 -28.64
C ARG B 268 -2.79 12.37 -29.97
N ILE B 269 -3.40 12.55 -31.13
CA ILE B 269 -2.88 11.89 -32.33
C ILE B 269 -1.68 12.61 -32.89
N LEU B 270 -1.82 13.94 -32.98
CA LEU B 270 -0.71 14.77 -33.47
C LEU B 270 0.58 14.57 -32.73
N VAL B 271 0.48 14.59 -31.37
CA VAL B 271 1.65 14.39 -30.51
C VAL B 271 2.11 12.94 -30.64
N SER B 272 1.31 11.87 -30.54
CA SER B 272 1.89 10.54 -30.58
C SER B 272 2.56 10.06 -31.89
N ARG B 273 1.95 10.53 -32.99
CA ARG B 273 2.41 10.15 -34.31
C ARG B 273 3.49 11.10 -34.85
N SER B 274 3.74 12.26 -34.19
CA SER B 274 4.67 13.29 -34.66
C SER B 274 6.06 12.81 -35.04
N GLU B 275 6.64 11.90 -34.29
CA GLU B 275 7.89 11.29 -34.69
C GLU B 275 7.72 9.86 -35.27
N ILE B 276 6.51 9.35 -35.64
CA ILE B 276 6.43 8.05 -36.33
C ILE B 276 5.94 8.16 -37.80
N ASP B 277 4.73 8.65 -38.11
CA ASP B 277 4.21 8.67 -39.45
C ASP B 277 3.22 9.80 -39.66
N LEU B 278 3.37 10.93 -38.92
CA LEU B 278 2.50 12.09 -39.10
C LEU B 278 2.76 12.65 -40.51
N ALA B 279 3.88 12.41 -41.17
CA ALA B 279 4.06 12.91 -42.53
C ALA B 279 3.07 12.21 -43.42
N ASN B 280 3.04 10.86 -43.33
CA ASN B 280 2.11 10.05 -44.12
C ASN B 280 0.65 10.29 -43.81
N ILE B 281 0.31 10.42 -42.51
CA ILE B 281 -1.04 10.75 -42.10
C ILE B 281 -1.47 12.07 -42.76
N LYS B 282 -0.55 13.04 -42.95
CA LYS B 282 -0.91 14.29 -43.56
C LYS B 282 -1.29 14.14 -45.05
N GLU B 283 -0.52 13.35 -45.84
CA GLU B 283 -0.75 13.14 -47.29
C GLU B 283 -2.06 12.38 -47.47
N THR B 284 -2.34 11.40 -46.60
CA THR B 284 -3.60 10.71 -46.63
C THR B 284 -4.72 11.65 -46.24
N PHE B 285 -4.54 12.61 -45.32
CA PHE B 285 -5.60 13.53 -44.95
C PHE B 285 -6.02 14.34 -46.18
N GLN B 286 -5.02 14.94 -46.81
CA GLN B 286 -5.25 15.80 -47.95
C GLN B 286 -6.01 15.05 -49.05
N ALA B 287 -5.44 13.92 -49.45
CA ALA B 287 -6.06 13.06 -50.44
C ALA B 287 -7.49 12.67 -50.11
N MET B 288 -7.81 12.34 -48.86
CA MET B 288 -9.16 11.95 -48.52
C MET B 288 -10.09 13.13 -48.38
N TYR B 289 -9.57 14.25 -47.89
CA TYR B 289 -10.42 15.35 -47.47
C TYR B 289 -10.42 16.66 -48.21
N GLY B 290 -9.54 16.87 -49.14
CA GLY B 290 -9.54 18.13 -49.89
C GLY B 290 -8.55 19.11 -49.30
N LYS B 291 -8.87 19.69 -48.15
CA LYS B 291 -7.99 20.60 -47.46
C LYS B 291 -6.78 19.84 -46.88
N SER B 292 -5.77 20.57 -46.47
CA SER B 292 -4.63 20.04 -45.73
C SER B 292 -5.01 19.92 -44.24
N LEU B 293 -4.24 19.06 -43.56
CA LEU B 293 -4.31 19.00 -42.10
C LEU B 293 -3.95 20.33 -41.41
N TYR B 294 -2.91 21.00 -41.96
CA TYR B 294 -2.51 22.34 -41.51
C TYR B 294 -3.68 23.34 -41.56
N GLU B 295 -4.32 23.36 -42.73
CA GLU B 295 -5.46 24.26 -42.92
C GLU B 295 -6.57 23.91 -41.96
N PHE B 296 -6.86 22.63 -41.80
CA PHE B 296 -7.86 22.24 -40.83
C PHE B 296 -7.66 22.73 -39.39
N ILE B 297 -6.44 22.56 -38.88
CA ILE B 297 -6.08 23.05 -37.56
C ILE B 297 -6.19 24.57 -37.51
N ALA B 298 -5.58 25.23 -38.51
CA ALA B 298 -5.58 26.65 -38.59
C ALA B 298 -6.96 27.29 -38.44
N ASP B 299 -8.00 26.62 -38.97
CA ASP B 299 -9.39 27.06 -38.86
C ASP B 299 -10.07 26.67 -37.53
N ASP B 300 -9.92 25.42 -37.06
CA ASP B 300 -10.63 25.00 -35.86
C ASP B 300 -10.02 25.50 -34.56
N CYS B 301 -8.69 25.73 -34.50
CA CYS B 301 -7.99 26.09 -33.25
C CYS B 301 -7.63 27.58 -33.09
N SER B 302 -7.19 28.04 -31.91
CA SER B 302 -6.81 29.45 -31.82
C SER B 302 -5.65 29.72 -30.89
N GLY B 303 -5.24 30.96 -30.69
CA GLY B 303 -4.18 31.29 -29.79
C GLY B 303 -2.88 30.58 -30.11
N ASP B 304 -2.11 30.46 -29.02
CA ASP B 304 -0.82 29.75 -29.07
C ASP B 304 -1.03 28.29 -29.22
N TYR B 305 -2.25 27.86 -28.81
CA TYR B 305 -2.63 26.46 -28.98
C TYR B 305 -2.47 25.99 -30.44
N LYS B 306 -3.04 26.88 -31.25
CA LYS B 306 -3.02 26.75 -32.70
C LYS B 306 -1.62 26.84 -33.20
N ASP B 307 -0.74 27.64 -32.67
CA ASP B 307 0.61 27.73 -33.17
C ASP B 307 1.51 26.58 -32.91
N LEU B 308 1.50 26.16 -31.67
CA LEU B 308 2.19 24.99 -31.25
C LEU B 308 1.75 23.88 -32.15
N LEU B 309 0.45 23.55 -32.20
CA LEU B 309 -0.08 22.53 -33.08
C LEU B 309 0.37 22.72 -34.50
N LEU B 310 0.31 23.90 -35.14
CA LEU B 310 0.72 24.07 -36.50
C LEU B 310 2.23 23.96 -36.64
N GLN B 311 3.09 24.20 -35.65
CA GLN B 311 4.54 23.92 -35.75
C GLN B 311 4.82 22.46 -35.58
N ILE B 312 4.12 21.68 -34.80
CA ILE B 312 4.31 20.24 -34.77
C ILE B 312 3.95 19.62 -36.10
N THR B 313 2.78 20.03 -36.59
CA THR B 313 2.27 19.50 -37.81
C THR B 313 3.06 19.88 -39.03
N GLY B 314 3.36 21.17 -39.19
CA GLY B 314 4.07 21.65 -40.37
C GLY B 314 3.09 21.83 -41.53
N HIS B 315 3.55 22.38 -42.65
CA HIS B 315 2.65 22.60 -43.78
C HIS B 315 2.60 21.29 -44.54
N VAL C 1 48.03 9.91 -2.39
CA VAL C 1 47.06 8.95 -2.82
C VAL C 1 45.94 9.22 -1.81
N VAL C 2 44.72 8.93 -2.19
CA VAL C 2 43.57 9.12 -1.35
C VAL C 2 43.15 7.67 -1.04
N GLN C 3 43.07 7.40 0.25
CA GLN C 3 42.78 6.08 0.78
C GLN C 3 42.12 6.20 2.16
N GLY C 4 41.38 5.14 2.54
CA GLY C 4 40.77 5.10 3.83
C GLY C 4 41.69 4.47 4.86
N THR C 5 41.16 4.17 6.01
CA THR C 5 41.87 3.56 7.09
C THR C 5 41.52 2.10 7.24
N VAL C 6 40.61 1.44 6.52
CA VAL C 6 40.23 0.08 6.80
C VAL C 6 40.50 -0.61 5.52
N LYS C 7 41.30 -1.66 5.67
CA LYS C 7 41.77 -2.51 4.60
C LYS C 7 41.28 -3.92 4.93
N PRO C 8 40.80 -4.69 3.96
CA PRO C 8 40.41 -6.05 4.11
C PRO C 8 41.43 -6.96 4.77
N HIS C 9 40.84 -7.72 5.69
CA HIS C 9 41.54 -8.74 6.42
C HIS C 9 42.01 -9.82 5.47
N ALA C 10 43.31 -10.07 5.50
CA ALA C 10 43.93 -11.10 4.69
C ALA C 10 43.72 -12.40 5.44
N SER C 11 43.41 -13.52 4.78
CA SER C 11 43.07 -14.80 5.45
C SER C 11 41.85 -14.66 6.39
N PHE C 12 40.78 -14.36 5.65
CA PHE C 12 39.49 -14.05 6.22
C PHE C 12 38.68 -15.32 5.95
N ASN C 13 37.88 -15.71 6.97
CA ASN C 13 37.01 -16.82 6.79
C ASN C 13 35.75 -16.39 7.45
N SER C 14 34.68 -16.17 6.68
CA SER C 14 33.44 -15.73 7.25
C SER C 14 32.76 -16.74 8.18
N ARG C 15 32.79 -18.02 7.86
CA ARG C 15 32.34 -19.06 8.76
C ARG C 15 32.98 -19.03 10.15
N GLU C 16 34.29 -18.85 10.21
CA GLU C 16 35.03 -18.78 11.45
C GLU C 16 34.75 -17.50 12.23
N ASP C 17 34.61 -16.38 11.52
CA ASP C 17 34.24 -15.11 12.10
C ASP C 17 32.84 -15.06 12.66
N ALA C 18 31.93 -15.71 11.95
CA ALA C 18 30.53 -15.86 12.36
C ALA C 18 30.46 -16.68 13.62
N GLU C 19 31.26 -17.73 13.67
CA GLU C 19 31.39 -18.53 14.84
C GLU C 19 31.98 -17.73 16.01
N THR C 20 32.96 -16.91 15.81
CA THR C 20 33.53 -16.13 16.89
C THR C 20 32.52 -15.18 17.51
N LEU C 21 31.70 -14.56 16.68
CA LEU C 21 30.79 -13.55 17.12
C LEU C 21 29.70 -14.17 17.95
N ARG C 22 29.19 -15.36 17.54
CA ARG C 22 28.26 -16.18 18.35
C ARG C 22 28.93 -16.48 19.71
N LYS C 23 30.21 -16.91 19.74
CA LYS C 23 30.89 -17.19 20.99
C LYS C 23 31.04 -15.92 21.79
N ALA C 24 31.34 -14.74 21.25
CA ALA C 24 31.44 -13.52 21.99
C ALA C 24 30.12 -13.08 22.59
N MET C 25 28.97 -13.51 22.14
CA MET C 25 27.71 -13.08 22.72
C MET C 25 27.07 -14.16 23.57
N LYS C 26 27.46 -15.44 23.43
CA LYS C 26 26.93 -16.54 24.23
C LYS C 26 27.07 -16.27 25.71
N GLY C 27 25.98 -16.65 26.35
CA GLY C 27 25.83 -16.45 27.77
C GLY C 27 25.53 -14.99 28.13
N ILE C 28 25.65 -14.85 29.46
CA ILE C 28 25.36 -13.62 30.17
C ILE C 28 26.58 -12.80 29.83
N GLY C 29 26.38 -11.49 29.74
CA GLY C 29 27.47 -10.69 29.23
C GLY C 29 27.64 -10.88 27.71
N THR C 30 28.72 -10.25 27.25
CA THR C 30 29.14 -10.06 25.87
C THR C 30 30.65 -9.82 26.01
N ASP C 31 31.38 -10.19 24.99
CA ASP C 31 32.80 -9.97 24.94
C ASP C 31 32.93 -8.91 23.91
N GLU C 32 32.93 -7.67 24.39
CA GLU C 32 32.91 -6.56 23.46
C GLU C 32 34.20 -6.43 22.71
N LYS C 33 35.26 -6.81 23.34
CA LYS C 33 36.60 -6.63 22.79
C LYS C 33 36.77 -7.50 21.56
N SER C 34 35.98 -8.58 21.51
CA SER C 34 35.98 -9.50 20.42
C SER C 34 35.10 -9.06 19.29
N ILE C 35 33.95 -8.44 19.63
CA ILE C 35 33.12 -7.87 18.58
C ILE C 35 33.81 -6.67 17.92
N THR C 36 34.31 -5.73 18.75
CA THR C 36 35.10 -4.64 18.29
C THR C 36 36.21 -5.04 17.33
N HIS C 37 36.83 -6.13 17.64
CA HIS C 37 37.96 -6.49 16.84
C HIS C 37 37.56 -7.06 15.47
N ILE C 38 36.56 -7.90 15.39
CA ILE C 38 36.16 -8.43 14.10
C ILE C 38 35.55 -7.36 13.21
N LEU C 39 34.64 -6.54 13.77
CA LEU C 39 34.03 -5.48 13.01
C LEU C 39 34.98 -4.41 12.53
N ALA C 40 35.90 -3.95 13.41
CA ALA C 40 36.85 -2.91 12.97
C ALA C 40 37.95 -3.48 12.09
N THR C 41 38.35 -4.78 12.02
CA THR C 41 39.49 -5.21 11.15
C THR C 41 39.16 -5.97 9.85
N ARG C 42 37.87 -5.94 9.49
CA ARG C 42 37.28 -6.56 8.32
C ARG C 42 36.77 -5.45 7.47
N SER C 43 36.82 -5.54 6.14
CA SER C 43 36.30 -4.44 5.35
C SER C 43 34.85 -4.70 5.29
N ASN C 44 34.09 -3.70 4.79
CA ASN C 44 32.64 -3.79 4.77
C ASN C 44 32.16 -4.97 3.95
N ALA C 45 32.91 -5.39 2.91
CA ALA C 45 32.52 -6.51 2.08
C ALA C 45 32.66 -7.84 2.75
N GLN C 46 33.69 -7.91 3.59
CA GLN C 46 33.92 -9.04 4.45
C GLN C 46 32.83 -9.01 5.49
N ARG C 47 32.51 -7.92 6.18
CA ARG C 47 31.43 -7.93 7.12
C ARG C 47 30.14 -8.37 6.46
N GLN C 48 29.89 -8.19 5.14
CA GLN C 48 28.64 -8.65 4.60
C GLN C 48 28.61 -10.15 4.41
N GLN C 49 29.78 -10.77 4.17
CA GLN C 49 29.93 -12.19 4.06
C GLN C 49 29.81 -12.77 5.46
N ILE C 50 30.38 -12.17 6.54
CA ILE C 50 30.16 -12.63 7.91
C ILE C 50 28.67 -12.68 8.19
N LYS C 51 27.96 -11.64 7.79
CA LYS C 51 26.51 -11.58 7.95
C LYS C 51 25.63 -12.65 7.32
N THR C 52 26.05 -13.19 6.17
CA THR C 52 25.31 -14.25 5.54
C THR C 52 25.64 -15.56 6.18
N ASP C 53 26.86 -15.77 6.67
CA ASP C 53 27.12 -17.06 7.28
C ASP C 53 26.48 -17.06 8.62
N TYR C 54 26.35 -15.92 9.33
CA TYR C 54 25.76 -15.94 10.66
C TYR C 54 24.32 -16.41 10.58
N THR C 55 23.51 -15.82 9.69
CA THR C 55 22.12 -16.17 9.55
C THR C 55 21.99 -17.57 9.01
N THR C 56 22.81 -18.09 8.06
CA THR C 56 22.65 -19.48 7.65
C THR C 56 23.17 -20.45 8.72
N LEU C 57 24.21 -20.24 9.53
CA LEU C 57 24.65 -21.13 10.59
C LEU C 57 23.59 -21.07 11.68
N PHE C 58 23.19 -19.89 12.19
CA PHE C 58 22.34 -19.85 13.39
C PHE C 58 20.85 -19.49 13.27
N GLY C 59 20.38 -19.14 12.07
CA GLY C 59 19.00 -18.84 11.77
C GLY C 59 18.43 -17.60 12.40
N LYS C 60 19.25 -16.61 12.77
CA LYS C 60 18.83 -15.39 13.39
C LYS C 60 19.76 -14.34 12.77
N HIS C 61 19.44 -13.05 12.64
CA HIS C 61 20.39 -12.18 11.96
C HIS C 61 21.35 -11.59 12.93
N LEU C 62 22.57 -11.32 12.53
CA LEU C 62 23.59 -10.77 13.41
C LEU C 62 23.14 -9.44 13.99
N GLU C 63 22.37 -8.60 13.27
CA GLU C 63 21.90 -7.32 13.73
C GLU C 63 21.01 -7.48 14.91
N ASP C 64 20.13 -8.44 14.85
CA ASP C 64 19.19 -8.67 15.96
C ASP C 64 19.83 -9.18 17.26
N GLU C 65 20.90 -9.91 17.03
CA GLU C 65 21.77 -10.38 18.05
C GLU C 65 22.55 -9.27 18.73
N LEU C 66 23.16 -8.39 17.96
CA LEU C 66 23.75 -7.18 18.54
C LEU C 66 22.78 -6.22 19.27
N LYS C 67 21.56 -5.94 18.83
CA LYS C 67 20.68 -5.04 19.51
C LYS C 67 20.28 -5.50 20.93
N SER C 68 20.33 -6.80 21.08
CA SER C 68 20.12 -7.36 22.41
C SER C 68 21.40 -7.29 23.28
N GLU C 69 22.56 -7.61 22.76
CA GLU C 69 23.75 -7.62 23.58
C GLU C 69 24.29 -6.21 23.80
N LEU C 70 24.08 -5.28 22.85
CA LEU C 70 24.60 -3.95 23.02
C LEU C 70 23.58 -2.88 23.42
N SER C 71 24.17 -1.73 23.76
CA SER C 71 23.44 -0.53 24.17
C SER C 71 24.09 0.72 23.66
N GLY C 72 23.29 1.80 23.59
CA GLY C 72 23.73 3.15 23.31
C GLY C 72 24.66 3.36 22.13
N ASN C 73 25.72 4.15 22.27
CA ASN C 73 26.57 4.45 21.11
C ASN C 73 27.44 3.33 20.56
N TYR C 74 27.83 2.34 21.40
CA TYR C 74 28.54 1.17 20.91
C TYR C 74 27.58 0.38 20.02
N GLU C 75 26.31 0.19 20.33
CA GLU C 75 25.36 -0.49 19.47
C GLU C 75 25.22 0.27 18.18
N ALA C 76 24.97 1.58 18.21
CA ALA C 76 24.85 2.45 17.05
C ALA C 76 26.08 2.43 16.16
N ALA C 77 27.31 2.59 16.66
CA ALA C 77 28.54 2.42 15.90
C ALA C 77 28.76 1.01 15.37
N ALA C 78 28.48 -0.03 16.16
CA ALA C 78 28.66 -1.41 15.70
C ALA C 78 27.69 -1.72 14.59
N LEU C 79 26.42 -1.37 14.68
CA LEU C 79 25.43 -1.52 13.64
C LEU C 79 25.74 -0.68 12.42
N ALA C 80 26.29 0.54 12.47
CA ALA C 80 26.70 1.36 11.36
C ALA C 80 27.67 0.68 10.40
N LEU C 81 28.63 0.03 11.05
CA LEU C 81 29.66 -0.76 10.40
C LEU C 81 29.15 -1.98 9.62
N LEU C 82 27.99 -2.54 9.93
CA LEU C 82 27.46 -3.67 9.24
C LEU C 82 26.58 -3.29 8.07
N ARG C 83 26.17 -2.04 7.91
CA ARG C 83 25.21 -1.62 6.90
C ARG C 83 25.92 -1.61 5.59
N LYS C 84 25.28 -1.92 4.49
CA LYS C 84 25.87 -1.80 3.17
C LYS C 84 26.02 -0.29 2.99
N PRO C 85 27.05 0.27 2.42
CA PRO C 85 27.39 1.70 2.46
C PRO C 85 26.33 2.73 1.97
N ASP C 86 25.71 2.38 0.87
CA ASP C 86 24.61 3.08 0.23
C ASP C 86 23.36 3.16 1.16
N GLU C 87 23.03 2.12 1.86
CA GLU C 87 21.94 1.92 2.78
C GLU C 87 22.17 2.73 3.98
N PHE C 88 23.41 2.77 4.44
CA PHE C 88 23.73 3.56 5.58
C PHE C 88 23.50 5.04 5.34
N LEU C 89 23.87 5.61 4.21
CA LEU C 89 23.53 6.98 3.91
C LEU C 89 22.04 7.13 3.68
N ALA C 90 21.35 6.27 2.92
CA ALA C 90 19.91 6.33 2.77
C ALA C 90 19.28 6.33 4.12
N GLU C 91 19.75 5.56 5.07
CA GLU C 91 19.19 5.54 6.42
C GLU C 91 19.48 6.81 7.26
N GLN C 92 20.70 7.37 7.22
CA GLN C 92 21.03 8.65 7.81
C GLN C 92 20.14 9.72 7.28
N LEU C 93 19.83 9.78 5.97
CA LEU C 93 18.89 10.75 5.45
C LEU C 93 17.49 10.63 6.06
N HIS C 94 17.00 9.42 6.29
CA HIS C 94 15.71 9.20 6.82
C HIS C 94 15.65 9.76 8.23
N ALA C 95 16.61 9.37 9.03
CA ALA C 95 16.74 9.87 10.39
C ALA C 95 16.82 11.40 10.37
N ALA C 96 17.51 12.09 9.41
CA ALA C 96 17.61 13.57 9.47
C ALA C 96 16.27 14.25 9.21
N MET C 97 15.50 13.69 8.30
CA MET C 97 14.20 14.21 7.90
C MET C 97 12.97 13.87 8.73
N LYS C 98 12.80 12.58 9.07
CA LYS C 98 11.56 12.14 9.66
C LYS C 98 11.60 12.06 11.17
N GLY C 99 12.23 13.03 11.81
CA GLY C 99 12.22 13.06 13.27
C GLY C 99 11.40 14.29 13.68
N LEU C 100 11.67 14.68 14.95
CA LEU C 100 11.21 15.98 15.52
C LEU C 100 12.25 16.95 14.98
N GLY C 101 11.94 17.76 14.00
CA GLY C 101 12.94 18.67 13.54
C GLY C 101 13.60 18.14 12.30
N THR C 102 14.75 18.71 11.94
CA THR C 102 15.53 18.34 10.78
C THR C 102 16.98 18.39 11.18
N ASP C 103 17.80 17.50 10.75
CA ASP C 103 19.25 17.63 10.96
C ASP C 103 19.59 18.10 9.57
N GLU C 104 19.51 19.42 9.45
CA GLU C 104 19.85 20.21 8.23
C GLU C 104 21.24 19.86 7.72
N ASN C 105 22.13 19.73 8.68
CA ASN C 105 23.51 19.38 8.50
C ASN C 105 23.83 17.98 8.08
N ALA C 106 23.03 16.94 8.37
CA ALA C 106 23.24 15.61 7.83
C ALA C 106 22.85 15.66 6.36
N LEU C 107 21.80 16.40 5.98
CA LEU C 107 21.33 16.41 4.63
C LEU C 107 22.32 17.11 3.69
N ILE C 108 23.04 18.13 4.21
CA ILE C 108 24.08 18.80 3.46
C ILE C 108 25.30 17.90 3.34
N ASP C 109 25.84 17.33 4.40
CA ASP C 109 26.93 16.36 4.33
C ASP C 109 26.71 15.28 3.31
N ILE C 110 25.53 14.66 3.24
CA ILE C 110 25.26 13.61 2.27
C ILE C 110 24.87 14.08 0.84
N LEU C 111 24.09 15.16 0.62
CA LEU C 111 23.64 15.43 -0.72
C LEU C 111 24.48 16.44 -1.46
N CYS C 112 25.06 17.37 -0.71
CA CYS C 112 25.89 18.41 -1.34
C CYS C 112 27.36 18.00 -1.62
N THR C 113 27.87 16.85 -1.25
CA THR C 113 29.26 16.52 -1.36
C THR C 113 29.52 15.28 -2.25
N GLN C 114 28.50 14.88 -2.95
CA GLN C 114 28.38 13.64 -3.66
C GLN C 114 28.58 13.63 -5.17
N SER C 115 29.07 12.53 -5.81
CA SER C 115 29.04 12.55 -7.27
C SER C 115 27.70 12.11 -7.82
N ASN C 116 27.55 12.17 -9.15
CA ASN C 116 26.26 11.79 -9.73
C ASN C 116 25.97 10.33 -9.48
N ALA C 117 26.98 9.50 -9.58
CA ALA C 117 26.77 8.07 -9.44
C ALA C 117 26.51 7.73 -7.97
N GLN C 118 27.01 8.45 -6.98
CA GLN C 118 26.71 8.13 -5.60
C GLN C 118 25.32 8.62 -5.27
N ILE C 119 24.79 9.73 -5.82
CA ILE C 119 23.46 10.27 -5.56
C ILE C 119 22.50 9.24 -6.09
N HIS C 120 22.85 8.67 -7.23
CA HIS C 120 21.96 7.73 -7.84
C HIS C 120 21.80 6.49 -7.05
N ALA C 121 22.84 6.14 -6.28
CA ALA C 121 22.86 4.95 -5.42
C ALA C 121 22.17 5.32 -4.17
N ILE C 122 22.43 6.46 -3.51
CA ILE C 122 21.71 6.77 -2.27
C ILE C 122 20.21 6.86 -2.53
N LYS C 123 19.76 7.41 -3.66
CA LYS C 123 18.37 7.44 -4.06
C LYS C 123 17.73 6.03 -4.20
N ALA C 124 18.44 5.08 -4.79
CA ALA C 124 17.88 3.77 -5.04
C ALA C 124 17.77 3.00 -3.73
N ALA C 125 18.87 2.91 -2.91
CA ALA C 125 18.85 2.25 -1.61
C ALA C 125 17.72 2.88 -0.80
N PHE C 126 17.42 4.18 -0.81
CA PHE C 126 16.31 4.73 -0.03
C PHE C 126 14.94 4.13 -0.40
N LYS C 127 14.62 4.12 -1.70
CA LYS C 127 13.38 3.65 -2.29
C LYS C 127 13.22 2.18 -1.94
N LEU C 128 14.29 1.40 -1.96
CA LEU C 128 14.36 0.03 -1.55
C LEU C 128 14.09 -0.15 -0.06
N LEU C 129 14.81 0.52 0.83
CA LEU C 129 14.59 0.43 2.28
C LEU C 129 13.26 0.98 2.69
N TYR C 130 12.75 2.04 2.12
CA TYR C 130 11.62 2.79 2.68
C TYR C 130 10.41 2.80 1.79
N LYS C 131 10.49 2.20 0.59
CA LYS C 131 9.42 2.21 -0.41
C LYS C 131 9.05 3.64 -0.90
N GLU C 132 9.45 4.72 -0.27
CA GLU C 132 9.14 6.04 -0.72
C GLU C 132 10.27 6.57 -1.55
N ASP C 133 9.96 7.66 -2.17
CA ASP C 133 10.86 8.28 -3.07
C ASP C 133 11.61 9.42 -2.38
N LEU C 134 12.93 9.42 -2.22
CA LEU C 134 13.67 10.50 -1.58
C LEU C 134 13.40 11.92 -2.09
N GLU C 135 13.25 12.18 -3.38
CA GLU C 135 13.03 13.55 -3.81
C GLU C 135 11.68 14.01 -3.33
N LYS C 136 10.70 13.13 -3.36
CA LYS C 136 9.39 13.37 -2.79
C LYS C 136 9.46 13.65 -1.26
N GLU C 137 10.20 12.88 -0.47
CA GLU C 137 10.37 13.07 0.94
C GLU C 137 11.16 14.31 1.22
N ILE C 138 12.24 14.71 0.46
CA ILE C 138 12.98 15.95 0.72
C ILE C 138 12.02 17.08 0.44
N ILE C 139 11.29 17.10 -0.66
CA ILE C 139 10.28 18.10 -0.93
C ILE C 139 9.21 18.16 0.16
N SER C 140 8.91 17.13 0.92
CA SER C 140 7.91 17.21 1.97
C SER C 140 8.58 17.77 3.19
N GLU C 141 9.81 17.42 3.52
CA GLU C 141 10.34 17.93 4.74
C GLU C 141 11.16 19.22 4.59
N THR C 142 11.40 19.82 3.43
CA THR C 142 12.15 21.09 3.33
C THR C 142 11.33 22.19 2.57
N SER C 143 11.68 23.48 2.76
CA SER C 143 11.08 24.56 1.98
C SER C 143 12.09 25.59 1.44
N GLY C 144 11.66 26.31 0.41
CA GLY C 144 12.38 27.45 -0.15
C GLY C 144 13.68 27.16 -0.89
N ASN C 145 14.57 28.14 -0.79
CA ASN C 145 15.83 28.05 -1.51
C ASN C 145 16.68 26.80 -1.25
N PHE C 146 16.61 26.30 0.02
CA PHE C 146 17.32 25.13 0.48
C PHE C 146 16.73 23.89 -0.15
N GLN C 147 15.39 23.83 -0.25
CA GLN C 147 14.71 22.70 -0.83
C GLN C 147 15.16 22.65 -2.26
N ARG C 148 15.21 23.78 -2.98
CA ARG C 148 15.56 23.76 -4.35
C ARG C 148 16.97 23.30 -4.51
N LEU C 149 17.92 23.71 -3.65
CA LEU C 149 19.27 23.23 -3.82
C LEU C 149 19.33 21.70 -3.60
N LEU C 150 18.60 21.13 -2.69
CA LEU C 150 18.58 19.69 -2.48
C LEU C 150 17.84 18.96 -3.57
N VAL C 151 16.83 19.53 -4.22
CA VAL C 151 16.17 18.94 -5.40
C VAL C 151 17.16 18.94 -6.59
N SER C 152 17.99 19.97 -6.82
CA SER C 152 19.07 19.99 -7.78
C SER C 152 20.08 18.87 -7.55
N MET C 153 20.45 18.73 -6.29
CA MET C 153 21.41 17.72 -5.91
C MET C 153 20.88 16.32 -6.21
N LEU C 154 19.60 16.00 -5.89
CA LEU C 154 19.07 14.71 -6.20
C LEU C 154 18.92 14.38 -7.65
N GLN C 155 19.15 15.25 -8.65
CA GLN C 155 18.94 14.87 -10.04
C GLN C 155 20.13 14.14 -10.57
N GLY C 156 21.31 14.24 -9.93
CA GLY C 156 22.51 13.72 -10.56
C GLY C 156 22.72 14.35 -11.97
N GLY C 157 22.69 15.68 -12.11
CA GLY C 157 22.77 16.33 -13.44
C GLY C 157 23.97 17.25 -13.60
N ARG C 158 25.02 17.09 -12.80
CA ARG C 158 26.20 17.93 -12.94
C ARG C 158 26.86 17.52 -14.23
N LYS C 159 27.39 18.45 -15.02
CA LYS C 159 28.03 18.09 -16.24
C LYS C 159 29.46 17.76 -15.82
N GLU C 160 29.70 16.59 -15.27
CA GLU C 160 31.03 16.22 -14.74
C GLU C 160 32.19 16.03 -15.77
N ASP C 161 31.83 15.89 -17.04
CA ASP C 161 32.76 15.84 -18.15
C ASP C 161 32.97 17.22 -18.80
N GLU C 162 32.45 18.32 -18.24
CA GLU C 162 32.59 19.67 -18.77
C GLU C 162 34.05 20.07 -18.50
N PRO C 163 34.75 20.58 -19.57
CA PRO C 163 36.16 20.99 -19.51
C PRO C 163 36.33 22.41 -19.07
N VAL C 164 37.48 22.59 -18.44
CA VAL C 164 37.90 23.92 -18.04
C VAL C 164 38.09 24.76 -19.34
N ASN C 165 37.28 25.82 -19.35
CA ASN C 165 37.29 26.80 -20.38
C ASN C 165 37.26 28.14 -19.64
N ALA C 166 38.38 28.84 -19.66
CA ALA C 166 38.53 30.12 -18.99
C ALA C 166 37.60 31.22 -19.45
N ALA C 167 37.30 31.37 -20.73
CA ALA C 167 36.36 32.41 -21.18
C ALA C 167 35.02 32.24 -20.52
N HIS C 168 34.55 31.00 -20.42
CA HIS C 168 33.29 30.72 -19.72
C HIS C 168 33.40 30.82 -18.22
N ALA C 169 34.34 30.17 -17.49
CA ALA C 169 34.67 30.36 -16.11
C ALA C 169 34.58 31.84 -15.78
N ALA C 170 35.16 32.68 -16.67
CA ALA C 170 35.07 34.16 -16.57
C ALA C 170 33.67 34.73 -16.80
N GLU C 171 32.90 34.20 -17.72
CA GLU C 171 31.53 34.65 -17.90
C GLU C 171 30.61 34.27 -16.74
N ASP C 172 30.80 33.16 -16.06
CA ASP C 172 30.00 32.70 -14.94
C ASP C 172 30.41 33.37 -13.67
N ALA C 173 31.74 33.63 -13.53
CA ALA C 173 32.22 34.38 -12.35
C ALA C 173 31.64 35.81 -12.36
N ALA C 174 31.55 36.36 -13.52
CA ALA C 174 30.93 37.63 -13.69
C ALA C 174 29.42 37.61 -13.36
N ALA C 175 28.77 36.56 -13.82
CA ALA C 175 27.35 36.39 -13.54
C ALA C 175 26.96 36.14 -12.06
N ILE C 176 27.83 35.42 -11.37
CA ILE C 176 27.67 35.22 -9.96
C ILE C 176 27.89 36.55 -9.25
N TYR C 177 28.85 37.35 -9.71
CA TYR C 177 29.14 38.64 -9.12
C TYR C 177 27.91 39.55 -9.18
N GLN C 178 27.36 39.77 -10.33
CA GLN C 178 26.16 40.56 -10.43
C GLN C 178 24.99 40.08 -9.61
N ALA C 179 24.86 38.80 -9.39
CA ALA C 179 23.77 38.16 -8.69
C ALA C 179 23.93 38.36 -7.19
N GLY C 180 25.17 38.64 -6.77
CA GLY C 180 25.44 38.82 -5.40
C GLY C 180 25.90 40.23 -5.08
N GLU C 181 27.21 40.30 -5.04
CA GLU C 181 27.90 41.52 -4.66
C GLU C 181 27.51 42.74 -5.49
N GLY C 182 27.18 42.55 -6.75
CA GLY C 182 26.86 43.62 -7.66
C GLY C 182 25.42 44.08 -7.60
N GLN C 183 24.71 43.75 -6.52
CA GLN C 183 23.36 44.23 -6.31
C GLN C 183 23.03 44.07 -4.82
N ILE C 184 22.00 44.86 -4.50
CA ILE C 184 21.45 44.92 -3.17
C ILE C 184 20.99 43.50 -2.77
N GLY C 185 19.90 42.97 -3.37
CA GLY C 185 19.50 41.58 -3.10
C GLY C 185 20.57 40.55 -3.54
N THR C 186 20.03 39.39 -3.83
CA THR C 186 20.83 38.25 -4.25
C THR C 186 19.90 37.56 -5.24
N ASP C 187 20.23 37.39 -6.54
CA ASP C 187 19.46 36.45 -7.35
C ASP C 187 20.05 35.06 -6.95
N GLU C 188 19.30 34.28 -6.15
CA GLU C 188 19.80 32.98 -5.76
C GLU C 188 19.81 31.98 -6.92
N SER C 189 18.89 32.05 -7.89
CA SER C 189 18.88 31.22 -9.09
C SER C 189 20.29 31.20 -9.66
N ARG C 190 20.98 32.33 -9.79
CA ARG C 190 22.28 32.21 -10.38
C ARG C 190 23.29 31.42 -9.56
N PHE C 191 23.30 31.55 -8.25
CA PHE C 191 24.18 30.83 -7.40
C PHE C 191 23.93 29.36 -7.52
N ASN C 192 22.67 28.95 -7.43
CA ASN C 192 22.21 27.57 -7.47
C ASN C 192 22.55 26.92 -8.77
N ALA C 193 22.14 27.51 -9.88
CA ALA C 193 22.43 27.08 -11.24
C ALA C 193 23.89 26.89 -11.52
N VAL C 194 24.87 27.77 -11.27
CA VAL C 194 26.26 27.57 -11.56
C VAL C 194 26.85 26.50 -10.65
N LEU C 195 26.71 26.57 -9.31
CA LEU C 195 27.29 25.59 -8.40
C LEU C 195 26.69 24.21 -8.59
N ALA C 196 25.43 24.14 -9.02
CA ALA C 196 24.85 22.83 -9.27
C ALA C 196 25.13 22.06 -10.60
N THR C 197 25.36 22.77 -11.73
CA THR C 197 25.68 22.12 -12.97
C THR C 197 27.14 22.06 -13.48
N ARG C 198 28.09 22.89 -13.07
CA ARG C 198 29.37 22.93 -13.75
C ARG C 198 30.22 21.83 -13.21
N SER C 199 31.21 21.35 -13.94
CA SER C 199 32.03 20.31 -13.38
C SER C 199 32.85 20.81 -12.23
N TYR C 200 33.45 19.99 -11.40
CA TYR C 200 34.27 20.49 -10.31
C TYR C 200 35.53 21.14 -10.87
N PRO C 201 36.30 20.71 -11.87
CA PRO C 201 37.42 21.43 -12.48
C PRO C 201 37.04 22.79 -13.05
N GLN C 202 35.89 22.92 -13.71
CA GLN C 202 35.43 24.17 -14.19
C GLN C 202 35.05 25.02 -13.01
N LEU C 203 34.55 24.50 -11.90
CA LEU C 203 34.15 25.34 -10.78
C LEU C 203 35.37 25.90 -10.13
N HIS C 204 36.42 25.10 -10.02
CA HIS C 204 37.67 25.62 -9.49
C HIS C 204 38.21 26.87 -10.22
N GLN C 205 38.13 26.80 -11.57
CA GLN C 205 38.49 27.88 -12.44
C GLN C 205 37.57 29.11 -12.25
N ILE C 206 36.27 28.94 -12.10
CA ILE C 206 35.37 30.04 -11.80
C ILE C 206 35.77 30.74 -10.51
N PHE C 207 36.09 29.98 -9.46
CA PHE C 207 36.35 30.62 -8.17
C PHE C 207 37.59 31.51 -8.31
N HIS C 208 38.60 31.01 -9.01
CA HIS C 208 39.73 31.82 -9.37
C HIS C 208 39.35 33.05 -10.17
N GLU C 209 38.54 33.01 -11.21
CA GLU C 209 38.15 34.18 -11.93
C GLU C 209 37.43 35.15 -11.04
N TYR C 210 36.56 34.69 -10.14
CA TYR C 210 35.79 35.53 -9.22
C TYR C 210 36.69 36.40 -8.38
N SER C 211 37.84 35.90 -7.88
CA SER C 211 38.69 36.67 -6.99
C SER C 211 39.41 37.78 -7.76
N LYS C 212 39.60 37.60 -9.08
CA LYS C 212 40.23 38.63 -9.90
C LYS C 212 39.18 39.70 -10.12
N ILE C 213 37.84 39.48 -10.17
CA ILE C 213 36.93 40.62 -10.31
C ILE C 213 36.44 41.12 -8.96
N SER C 214 36.51 40.40 -7.84
CA SER C 214 35.92 40.85 -6.60
C SER C 214 37.08 41.00 -5.68
N ASN C 215 36.90 41.70 -4.58
CA ASN C 215 37.97 41.67 -3.59
C ASN C 215 37.76 40.61 -2.49
N LYS C 216 36.60 39.91 -2.57
CA LYS C 216 36.25 38.88 -1.62
C LYS C 216 36.31 37.53 -2.33
N THR C 217 36.53 36.50 -1.56
CA THR C 217 36.48 35.16 -2.12
C THR C 217 35.00 34.78 -2.24
N ILE C 218 34.75 33.75 -3.07
CA ILE C 218 33.41 33.24 -3.30
C ILE C 218 32.84 32.80 -1.98
N LEU C 219 33.62 32.25 -1.05
CA LEU C 219 33.18 31.88 0.26
C LEU C 219 32.76 33.08 1.00
N GLN C 220 33.52 34.18 1.04
CA GLN C 220 33.08 35.42 1.73
C GLN C 220 31.82 35.93 1.08
N ALA C 221 31.74 36.04 -0.27
CA ALA C 221 30.53 36.49 -0.92
C ALA C 221 29.33 35.65 -0.50
N ILE C 222 29.46 34.33 -0.41
CA ILE C 222 28.34 33.51 -0.02
C ILE C 222 28.04 33.80 1.41
N GLU C 223 29.04 33.84 2.24
CA GLU C 223 28.88 34.07 3.65
C GLU C 223 28.10 35.32 3.96
N ASN C 224 28.17 36.29 3.07
CA ASN C 224 27.54 37.58 3.26
C ASN C 224 26.18 37.67 2.63
N GLU C 225 26.05 37.22 1.37
CA GLU C 225 24.80 37.29 0.58
C GLU C 225 23.74 36.28 1.03
N PHE C 226 24.15 35.21 1.72
CA PHE C 226 23.29 34.16 2.19
C PHE C 226 23.17 33.95 3.71
N SER C 227 22.04 33.36 4.14
CA SER C 227 21.79 32.98 5.51
C SER C 227 21.36 31.55 5.77
N GLY C 228 21.68 31.01 6.94
CA GLY C 228 21.18 29.73 7.37
C GLY C 228 21.52 28.61 6.42
N ASP C 229 20.58 27.68 6.39
CA ASP C 229 20.63 26.44 5.67
C ASP C 229 21.15 26.58 4.25
N ILE C 230 20.59 27.44 3.35
CA ILE C 230 21.14 27.54 2.02
C ILE C 230 22.54 28.08 2.07
N LYS C 231 22.95 28.99 2.94
CA LYS C 231 24.32 29.49 3.03
C LYS C 231 25.22 28.28 3.31
N ASN C 232 24.79 27.37 4.16
CA ASN C 232 25.64 26.24 4.51
C ASN C 232 25.69 25.20 3.45
N GLY C 233 24.60 25.05 2.69
CA GLY C 233 24.42 24.16 1.57
C GLY C 233 25.37 24.58 0.49
N LEU C 234 25.39 25.87 0.22
CA LEU C 234 26.20 26.39 -0.85
C LEU C 234 27.64 26.39 -0.45
N LEU C 235 28.03 26.73 0.76
CA LEU C 235 29.44 26.62 1.08
C LEU C 235 29.90 25.17 1.12
N ALA C 236 29.13 24.12 1.36
CA ALA C 236 29.58 22.74 1.32
C ALA C 236 30.08 22.35 -0.07
N ILE C 237 29.46 22.89 -1.13
CA ILE C 237 29.77 22.62 -2.52
C ILE C 237 31.06 23.34 -2.80
N VAL C 238 31.23 24.60 -2.45
CA VAL C 238 32.50 25.29 -2.61
C VAL C 238 33.62 24.57 -1.86
N LYS C 239 33.48 24.27 -0.56
CA LYS C 239 34.43 23.48 0.18
C LYS C 239 34.64 22.13 -0.44
N SER C 240 33.68 21.34 -0.91
CA SER C 240 33.96 20.11 -1.63
C SER C 240 34.80 20.28 -2.89
N VAL C 241 34.68 21.41 -3.59
CA VAL C 241 35.40 21.63 -4.82
C VAL C 241 36.82 22.00 -4.49
N GLU C 242 37.02 22.83 -3.48
CA GLU C 242 38.39 23.25 -3.18
C GLU C 242 39.14 22.17 -2.44
N ASN C 243 38.63 21.71 -1.31
CA ASN C 243 39.26 20.64 -0.53
C ASN C 243 38.26 19.81 0.24
N ARG C 244 37.84 18.67 -0.28
CA ARG C 244 36.91 17.77 0.40
C ARG C 244 37.43 17.27 1.77
N PHE C 245 38.71 16.93 1.91
CA PHE C 245 39.26 16.47 3.18
C PHE C 245 39.11 17.50 4.27
N ALA C 246 39.28 18.80 3.97
CA ALA C 246 39.12 19.85 4.94
C ALA C 246 37.70 20.11 5.38
N TYR C 247 36.73 19.94 4.47
CA TYR C 247 35.30 20.02 4.75
C TYR C 247 34.99 19.03 5.85
N PHE C 248 35.45 17.80 5.73
CA PHE C 248 35.05 16.82 6.71
C PHE C 248 35.86 16.99 7.96
N ALA C 249 37.15 17.39 7.90
CA ALA C 249 37.96 17.60 9.09
C ALA C 249 37.34 18.68 9.96
N GLU C 250 36.67 19.57 9.27
CA GLU C 250 35.98 20.64 9.92
C GLU C 250 34.75 20.11 10.59
N ARG C 251 33.92 19.42 9.84
CA ARG C 251 32.68 18.86 10.37
C ARG C 251 32.97 17.94 11.56
N LEU C 252 34.01 17.09 11.53
CA LEU C 252 34.42 16.25 12.65
C LEU C 252 34.87 17.04 13.88
N HIS C 253 35.55 18.16 13.60
CA HIS C 253 36.05 19.01 14.65
C HIS C 253 34.94 19.61 15.42
N HIS C 254 33.88 19.95 14.72
CA HIS C 254 32.72 20.58 15.33
C HIS C 254 31.88 19.51 16.01
N ALA C 255 31.96 18.22 15.68
CA ALA C 255 31.21 17.18 16.34
C ALA C 255 31.74 16.98 17.77
N MET C 256 33.05 17.15 17.90
CA MET C 256 33.78 16.94 19.12
C MET C 256 33.99 18.19 19.89
N LYS C 257 33.55 19.33 19.47
CA LYS C 257 33.80 20.58 20.21
C LYS C 257 32.84 20.76 21.36
N GLY C 258 33.39 21.47 22.36
CA GLY C 258 32.72 21.75 23.60
C GLY C 258 32.31 20.51 24.37
N LEU C 259 31.30 20.83 25.16
CA LEU C 259 30.67 19.92 26.08
C LEU C 259 29.98 18.82 25.31
N GLY C 260 30.22 17.55 25.72
CA GLY C 260 29.65 16.43 24.99
C GLY C 260 30.28 16.28 23.60
N THR C 261 29.61 15.41 22.82
CA THR C 261 29.91 14.99 21.46
C THR C 261 28.63 14.89 20.61
N SER C 262 28.74 15.08 19.30
CA SER C 262 27.65 14.87 18.41
C SER C 262 28.11 13.60 17.75
N ASP C 263 27.83 12.52 18.45
CA ASP C 263 28.19 11.18 18.04
C ASP C 263 27.65 10.71 16.75
N LYS C 264 26.57 11.30 16.37
CA LYS C 264 25.74 10.98 15.21
C LYS C 264 26.58 11.50 14.04
N THR C 265 27.22 12.67 14.11
CA THR C 265 28.13 13.14 13.10
C THR C 265 29.42 12.33 13.05
N LEU C 266 29.91 12.07 14.28
CA LEU C 266 31.14 11.34 14.50
C LEU C 266 31.01 9.95 13.90
N ILE C 267 30.11 9.08 14.30
CA ILE C 267 29.86 7.79 13.70
C ILE C 267 29.58 7.96 12.19
N ARG C 268 28.65 8.81 11.74
CA ARG C 268 28.42 8.93 10.33
C ARG C 268 29.64 9.24 9.50
N ILE C 269 30.50 10.24 9.76
CA ILE C 269 31.62 10.57 8.89
C ILE C 269 32.72 9.52 8.96
N LEU C 270 33.04 9.06 10.18
CA LEU C 270 34.14 8.11 10.35
C LEU C 270 33.92 6.81 9.60
N VAL C 271 32.65 6.31 9.75
CA VAL C 271 32.21 5.08 9.17
C VAL C 271 32.06 5.37 7.70
N SER C 272 31.40 6.39 7.15
CA SER C 272 31.33 6.48 5.68
C SER C 272 32.66 6.67 4.89
N ARG C 273 33.61 7.38 5.45
CA ARG C 273 34.85 7.73 4.81
C ARG C 273 35.90 6.74 5.14
N SER C 274 35.71 5.81 6.04
CA SER C 274 36.70 4.81 6.45
C SER C 274 37.30 4.01 5.30
N GLU C 275 36.59 3.72 4.22
CA GLU C 275 37.19 3.00 3.16
C GLU C 275 37.38 3.90 1.92
N ILE C 276 37.24 5.23 2.07
CA ILE C 276 37.37 6.18 0.97
C ILE C 276 38.53 7.13 1.19
N ASP C 277 38.49 8.06 2.11
CA ASP C 277 39.57 8.99 2.28
C ASP C 277 39.83 9.40 3.73
N LEU C 278 39.42 8.60 4.71
CA LEU C 278 39.66 8.91 6.10
C LEU C 278 41.15 9.10 6.35
N ALA C 279 42.09 8.51 5.60
CA ALA C 279 43.51 8.74 5.87
C ALA C 279 43.77 10.20 5.63
N ASN C 280 43.36 10.71 4.48
CA ASN C 280 43.61 12.09 4.09
C ASN C 280 42.90 13.07 4.97
N ILE C 281 41.66 12.79 5.36
CA ILE C 281 40.89 13.62 6.28
C ILE C 281 41.64 13.66 7.59
N LYS C 282 42.28 12.56 8.06
CA LYS C 282 43.10 12.60 9.29
C LYS C 282 44.33 13.52 9.22
N GLU C 283 45.04 13.66 8.08
CA GLU C 283 46.24 14.47 7.91
C GLU C 283 45.76 15.93 7.89
N THR C 284 44.72 16.25 7.15
CA THR C 284 44.20 17.59 7.10
C THR C 284 43.71 17.96 8.51
N PHE C 285 43.25 17.01 9.34
CA PHE C 285 42.68 17.37 10.60
C PHE C 285 43.80 17.84 11.47
N GLN C 286 44.86 17.05 11.64
CA GLN C 286 46.02 17.38 12.41
C GLN C 286 46.60 18.75 11.92
N ALA C 287 46.86 18.89 10.64
CA ALA C 287 47.33 20.12 10.04
C ALA C 287 46.48 21.32 10.44
N MET C 288 45.18 21.21 10.38
CA MET C 288 44.33 22.33 10.69
C MET C 288 44.21 22.58 12.20
N TYR C 289 44.34 21.55 13.01
CA TYR C 289 43.88 21.65 14.40
C TYR C 289 44.87 21.42 15.52
N GLY C 290 46.07 21.00 15.23
CA GLY C 290 47.07 20.82 16.27
C GLY C 290 47.14 19.36 16.70
N LYS C 291 46.02 18.91 17.32
CA LYS C 291 45.84 17.55 17.78
C LYS C 291 45.49 16.58 16.67
N SER C 292 45.73 15.30 16.88
CA SER C 292 45.38 14.26 15.97
C SER C 292 43.90 13.99 16.12
N LEU C 293 43.28 13.43 15.07
CA LEU C 293 41.91 12.94 15.16
C LEU C 293 41.84 11.82 16.22
N TYR C 294 42.87 10.95 16.27
CA TYR C 294 42.93 9.87 17.23
C TYR C 294 42.79 10.41 18.62
N GLU C 295 43.63 11.39 18.90
CA GLU C 295 43.68 12.01 20.20
C GLU C 295 42.33 12.70 20.52
N PHE C 296 41.75 13.42 19.58
CA PHE C 296 40.47 14.04 19.79
C PHE C 296 39.39 13.06 20.23
N ILE C 297 39.21 11.96 19.49
CA ILE C 297 38.25 10.93 19.83
C ILE C 297 38.60 10.40 21.21
N ALA C 298 39.87 10.04 21.48
CA ALA C 298 40.28 9.43 22.75
C ALA C 298 39.85 10.26 23.95
N ASP C 299 39.83 11.60 23.84
CA ASP C 299 39.36 12.51 24.88
C ASP C 299 37.86 12.68 24.95
N ASP C 300 37.16 12.92 23.82
CA ASP C 300 35.72 13.15 23.86
C ASP C 300 34.85 11.89 24.06
N CYS C 301 35.29 10.68 23.71
CA CYS C 301 34.48 9.48 23.80
C CYS C 301 34.91 8.52 24.93
N SER C 302 34.10 7.50 25.24
CA SER C 302 34.45 6.55 26.29
C SER C 302 33.97 5.11 26.08
N GLY C 303 34.45 4.20 26.98
CA GLY C 303 34.15 2.76 26.99
C GLY C 303 34.63 2.10 25.70
N ASP C 304 33.78 1.16 25.27
CA ASP C 304 34.03 0.43 24.04
C ASP C 304 33.73 1.25 22.79
N TYR C 305 32.84 2.21 22.95
CA TYR C 305 32.53 3.12 21.88
C TYR C 305 33.78 3.79 21.35
N LYS C 306 34.55 4.27 22.35
CA LYS C 306 35.84 4.94 22.14
C LYS C 306 36.78 3.98 21.40
N ASP C 307 36.95 2.73 21.85
CA ASP C 307 37.83 1.77 21.20
C ASP C 307 37.47 1.38 19.79
N LEU C 308 36.18 1.11 19.51
CA LEU C 308 35.74 0.79 18.18
C LEU C 308 36.06 1.94 17.26
N LEU C 309 35.77 3.19 17.66
CA LEU C 309 36.08 4.37 16.88
C LEU C 309 37.58 4.49 16.69
N LEU C 310 38.36 4.33 17.76
CA LEU C 310 39.81 4.44 17.69
C LEU C 310 40.44 3.36 16.86
N GLN C 311 39.83 2.16 16.75
CA GLN C 311 40.33 1.14 15.85
C GLN C 311 39.97 1.41 14.40
N ILE C 312 38.80 1.95 14.07
CA ILE C 312 38.46 2.29 12.70
C ILE C 312 39.41 3.39 12.30
N THR C 313 39.58 4.41 13.16
CA THR C 313 40.40 5.54 12.78
C THR C 313 41.90 5.26 12.67
N GLY C 314 42.45 4.57 13.64
CA GLY C 314 43.86 4.29 13.68
C GLY C 314 44.57 5.54 14.20
N HIS C 315 45.88 5.41 14.41
CA HIS C 315 46.68 6.53 14.91
C HIS C 315 47.00 7.39 13.71
N VAL D 1 -37.03 32.06 -0.81
CA VAL D 1 -36.63 30.81 -0.24
C VAL D 1 -35.61 30.36 -1.27
N VAL D 2 -34.68 29.53 -0.81
CA VAL D 2 -33.61 29.00 -1.64
C VAL D 2 -33.96 27.52 -1.71
N GLN D 3 -34.05 27.03 -2.94
CA GLN D 3 -34.45 25.66 -3.17
C GLN D 3 -33.90 25.17 -4.49
N GLY D 4 -33.76 23.85 -4.66
CA GLY D 4 -33.33 23.33 -5.91
C GLY D 4 -34.52 23.00 -6.80
N THR D 5 -34.19 22.44 -7.97
CA THR D 5 -35.15 22.07 -8.98
C THR D 5 -35.55 20.60 -8.93
N VAL D 6 -34.97 19.72 -8.09
CA VAL D 6 -35.39 18.32 -8.04
C VAL D 6 -35.92 18.12 -6.63
N LYS D 7 -37.09 17.48 -6.64
CA LYS D 7 -37.84 17.21 -5.44
C LYS D 7 -38.09 15.71 -5.52
N PRO D 8 -38.08 14.94 -4.41
CA PRO D 8 -38.40 13.56 -4.33
C PRO D 8 -39.71 13.19 -4.91
N HIS D 9 -39.62 12.10 -5.65
CA HIS D 9 -40.77 11.45 -6.24
C HIS D 9 -41.62 10.92 -5.11
N ALA D 10 -42.90 11.29 -5.18
CA ALA D 10 -43.89 10.84 -4.21
C ALA D 10 -44.42 9.49 -4.73
N SER D 11 -44.66 8.48 -3.87
CA SER D 11 -44.98 7.09 -4.30
C SER D 11 -43.88 6.47 -5.19
N PHE D 12 -42.73 6.41 -4.52
CA PHE D 12 -41.49 5.95 -5.09
C PHE D 12 -41.36 4.51 -4.67
N ASN D 13 -40.94 3.62 -5.56
CA ASN D 13 -40.68 2.26 -5.13
C ASN D 13 -39.39 1.88 -5.85
N SER D 14 -38.33 1.58 -5.06
CA SER D 14 -37.05 1.35 -5.66
C SER D 14 -36.98 0.07 -6.45
N ARG D 15 -37.65 -0.96 -5.92
CA ARG D 15 -37.73 -2.23 -6.61
C ARG D 15 -38.35 -2.06 -7.98
N GLU D 16 -39.43 -1.33 -8.12
CA GLU D 16 -40.10 -1.15 -9.38
C GLU D 16 -39.30 -0.27 -10.34
N ASP D 17 -38.65 0.78 -9.88
CA ASP D 17 -37.72 1.61 -10.67
C ASP D 17 -36.48 0.89 -11.19
N ALA D 18 -35.91 0.01 -10.34
CA ALA D 18 -34.77 -0.82 -10.70
C ALA D 18 -35.28 -1.77 -11.79
N GLU D 19 -36.51 -2.32 -11.68
CA GLU D 19 -36.98 -3.21 -12.72
C GLU D 19 -37.18 -2.46 -14.05
N THR D 20 -37.72 -1.26 -13.98
CA THR D 20 -37.91 -0.42 -15.15
C THR D 20 -36.63 -0.06 -15.94
N LEU D 21 -35.53 0.12 -15.18
CA LEU D 21 -34.25 0.44 -15.77
C LEU D 21 -33.69 -0.81 -16.42
N ARG D 22 -33.78 -1.97 -15.79
CA ARG D 22 -33.40 -3.23 -16.43
C ARG D 22 -34.16 -3.38 -17.76
N LYS D 23 -35.50 -3.23 -17.77
CA LYS D 23 -36.30 -3.34 -19.00
C LYS D 23 -35.85 -2.29 -19.98
N ALA D 24 -35.64 -1.00 -19.64
CA ALA D 24 -35.14 0.01 -20.55
C ALA D 24 -33.82 -0.36 -21.19
N MET D 25 -32.96 -1.22 -20.58
CA MET D 25 -31.72 -1.55 -21.24
C MET D 25 -31.74 -2.88 -21.99
N LYS D 26 -32.64 -3.79 -21.57
CA LYS D 26 -32.72 -5.14 -22.11
C LYS D 26 -32.74 -5.14 -23.62
N GLY D 27 -32.02 -6.11 -24.16
CA GLY D 27 -31.89 -6.20 -25.60
C GLY D 27 -30.90 -5.19 -26.18
N ILE D 28 -31.05 -5.19 -27.49
CA ILE D 28 -30.25 -4.36 -28.38
C ILE D 28 -30.90 -2.99 -28.21
N GLY D 29 -30.15 -1.92 -28.36
CA GLY D 29 -30.65 -0.59 -28.04
C GLY D 29 -30.79 -0.45 -26.52
N THR D 30 -31.42 0.68 -26.21
CA THR D 30 -31.61 1.25 -24.91
C THR D 30 -32.81 2.16 -25.06
N ASP D 31 -33.61 2.33 -24.03
CA ASP D 31 -34.72 3.21 -24.07
C ASP D 31 -34.23 4.34 -23.18
N GLU D 32 -33.61 5.32 -23.82
CA GLU D 32 -33.04 6.40 -23.07
C GLU D 32 -34.12 7.25 -22.45
N LYS D 33 -35.32 7.28 -23.04
CA LYS D 33 -36.37 8.19 -22.61
C LYS D 33 -36.87 7.75 -21.22
N SER D 34 -36.80 6.43 -21.02
CA SER D 34 -37.13 5.84 -19.75
C SER D 34 -36.04 6.08 -18.70
N ILE D 35 -34.77 6.01 -19.12
CA ILE D 35 -33.69 6.17 -18.18
C ILE D 35 -33.67 7.63 -17.74
N THR D 36 -33.82 8.55 -18.68
CA THR D 36 -33.85 9.97 -18.39
C THR D 36 -34.98 10.27 -17.42
N HIS D 37 -36.09 9.60 -17.68
CA HIS D 37 -37.22 9.90 -16.88
C HIS D 37 -36.96 9.47 -15.45
N ILE D 38 -36.52 8.26 -15.15
CA ILE D 38 -36.33 7.91 -13.76
C ILE D 38 -35.21 8.70 -13.02
N LEU D 39 -34.10 8.94 -13.69
CA LEU D 39 -33.00 9.63 -13.07
C LEU D 39 -33.36 11.08 -12.76
N ALA D 40 -33.94 11.77 -13.74
CA ALA D 40 -34.24 13.14 -13.55
C ALA D 40 -35.43 13.40 -12.62
N THR D 41 -36.41 12.47 -12.39
CA THR D 41 -37.57 12.71 -11.48
C THR D 41 -37.61 12.09 -10.04
N ARG D 42 -36.43 11.57 -9.66
CA ARG D 42 -36.11 10.95 -8.35
C ARG D 42 -35.05 11.85 -7.71
N SER D 43 -35.16 12.10 -6.43
CA SER D 43 -34.11 12.84 -5.80
C SER D 43 -32.87 11.91 -5.68
N ASN D 44 -31.71 12.43 -5.36
CA ASN D 44 -30.49 11.65 -5.23
C ASN D 44 -30.59 10.49 -4.21
N ALA D 45 -31.21 10.63 -3.06
CA ALA D 45 -31.37 9.57 -2.09
C ALA D 45 -32.27 8.45 -2.59
N GLN D 46 -33.28 8.81 -3.38
CA GLN D 46 -34.08 7.82 -4.08
C GLN D 46 -33.23 7.11 -5.08
N ARG D 47 -32.37 7.83 -5.81
CA ARG D 47 -31.48 7.16 -6.78
C ARG D 47 -30.58 6.21 -6.01
N GLN D 48 -30.07 6.55 -4.83
CA GLN D 48 -29.26 5.58 -4.13
C GLN D 48 -30.07 4.34 -3.74
N GLN D 49 -31.35 4.47 -3.43
CA GLN D 49 -32.18 3.33 -3.11
C GLN D 49 -32.38 2.45 -4.34
N ILE D 50 -32.67 3.01 -5.54
CA ILE D 50 -32.77 2.28 -6.80
C ILE D 50 -31.48 1.45 -7.01
N LYS D 51 -30.31 2.05 -6.82
CA LYS D 51 -29.02 1.40 -7.00
C LYS D 51 -28.79 0.10 -6.20
N THR D 52 -29.16 0.10 -4.91
CA THR D 52 -29.03 -1.05 -4.04
C THR D 52 -29.97 -2.14 -4.49
N ASP D 53 -31.22 -1.81 -4.86
CA ASP D 53 -32.11 -2.82 -5.35
C ASP D 53 -31.62 -3.31 -6.66
N TYR D 54 -31.03 -2.52 -7.56
CA TYR D 54 -30.63 -3.06 -8.83
C TYR D 54 -29.59 -4.13 -8.59
N THR D 55 -28.48 -3.85 -7.96
CA THR D 55 -27.47 -4.84 -7.60
C THR D 55 -28.07 -5.99 -6.79
N THR D 56 -29.06 -5.92 -5.89
CA THR D 56 -29.52 -7.10 -5.16
C THR D 56 -30.39 -7.92 -6.07
N LEU D 57 -31.16 -7.34 -6.96
CA LEU D 57 -32.03 -8.05 -7.89
C LEU D 57 -31.18 -8.71 -8.95
N PHE D 58 -30.25 -7.99 -9.58
CA PHE D 58 -29.59 -8.54 -10.74
C PHE D 58 -28.15 -8.93 -10.56
N GLY D 59 -27.56 -8.63 -9.41
CA GLY D 59 -26.17 -8.96 -9.14
C GLY D 59 -25.12 -8.18 -9.93
N LYS D 60 -25.43 -7.09 -10.63
CA LYS D 60 -24.43 -6.33 -11.40
C LYS D 60 -24.72 -4.89 -10.98
N HIS D 61 -23.80 -3.91 -10.97
CA HIS D 61 -24.17 -2.53 -10.54
C HIS D 61 -24.71 -1.78 -11.72
N LEU D 62 -25.64 -0.89 -11.33
CA LEU D 62 -26.35 -0.08 -12.31
C LEU D 62 -25.32 0.75 -13.07
N GLU D 63 -24.26 1.26 -12.46
CA GLU D 63 -23.30 2.05 -13.20
C GLU D 63 -22.65 1.33 -14.36
N ASP D 64 -22.35 0.07 -14.16
CA ASP D 64 -21.68 -0.76 -15.12
C ASP D 64 -22.57 -1.09 -16.33
N GLU D 65 -23.83 -1.22 -16.02
CA GLU D 65 -24.87 -1.40 -17.00
C GLU D 65 -25.03 -0.14 -17.84
N LEU D 66 -25.10 1.08 -17.26
CA LEU D 66 -25.19 2.26 -18.03
C LEU D 66 -23.93 2.47 -18.80
N LYS D 67 -22.70 2.27 -18.33
CA LYS D 67 -21.54 2.57 -19.16
C LYS D 67 -21.56 1.80 -20.47
N SER D 68 -22.05 0.54 -20.39
CA SER D 68 -22.17 -0.20 -21.62
C SER D 68 -23.32 0.28 -22.51
N GLU D 69 -24.52 0.62 -21.99
CA GLU D 69 -25.57 1.07 -22.85
C GLU D 69 -25.31 2.50 -23.31
N LEU D 70 -24.72 3.41 -22.52
CA LEU D 70 -24.61 4.76 -22.97
C LEU D 70 -23.23 5.17 -23.49
N SER D 71 -23.24 6.39 -24.02
CA SER D 71 -22.07 7.01 -24.58
C SER D 71 -22.05 8.53 -24.37
N GLY D 72 -20.83 9.06 -24.48
CA GLY D 72 -20.64 10.47 -24.49
C GLY D 72 -21.16 11.21 -23.28
N ASN D 73 -21.79 12.33 -23.59
CA ASN D 73 -22.28 13.28 -22.61
C ASN D 73 -23.52 12.88 -21.89
N TYR D 74 -24.40 12.11 -22.56
CA TYR D 74 -25.52 11.49 -21.84
C TYR D 74 -24.93 10.50 -20.84
N GLU D 75 -23.91 9.65 -21.08
CA GLU D 75 -23.33 8.74 -20.11
C GLU D 75 -22.85 9.54 -18.90
N ALA D 76 -22.13 10.65 -19.18
CA ALA D 76 -21.50 11.35 -18.07
C ALA D 76 -22.60 12.01 -17.30
N ALA D 77 -23.55 12.71 -17.88
CA ALA D 77 -24.63 13.32 -17.13
C ALA D 77 -25.47 12.28 -16.38
N ALA D 78 -25.76 11.08 -16.91
CA ALA D 78 -26.51 10.02 -16.24
C ALA D 78 -25.84 9.44 -14.97
N LEU D 79 -24.53 9.18 -15.09
CA LEU D 79 -23.64 8.69 -14.07
C LEU D 79 -23.39 9.80 -13.04
N ALA D 80 -23.38 11.09 -13.46
CA ALA D 80 -23.20 12.17 -12.51
C ALA D 80 -24.33 12.18 -11.51
N LEU D 81 -25.50 11.87 -11.99
CA LEU D 81 -26.74 11.93 -11.23
C LEU D 81 -26.87 10.84 -10.20
N LEU D 82 -26.11 9.74 -10.41
CA LEU D 82 -26.14 8.59 -9.53
C LEU D 82 -25.10 8.69 -8.40
N ARG D 83 -24.05 9.51 -8.52
CA ARG D 83 -23.05 9.69 -7.52
C ARG D 83 -23.66 10.36 -6.31
N LYS D 84 -23.17 9.85 -5.14
CA LYS D 84 -23.48 10.40 -3.84
C LYS D 84 -22.85 11.84 -3.87
N PRO D 85 -23.51 12.88 -3.41
CA PRO D 85 -23.16 14.27 -3.73
C PRO D 85 -21.75 14.77 -3.43
N ASP D 86 -21.26 14.25 -2.29
CA ASP D 86 -19.95 14.48 -1.70
C ASP D 86 -18.86 13.79 -2.52
N GLU D 87 -19.17 12.63 -3.07
CA GLU D 87 -18.33 11.81 -3.89
C GLU D 87 -18.14 12.35 -5.26
N PHE D 88 -19.19 13.02 -5.75
CA PHE D 88 -19.22 13.61 -7.03
C PHE D 88 -18.25 14.74 -6.98
N LEU D 89 -18.28 15.54 -5.94
CA LEU D 89 -17.37 16.67 -5.90
C LEU D 89 -15.94 16.18 -5.71
N ALA D 90 -15.74 15.14 -4.86
CA ALA D 90 -14.43 14.59 -4.62
C ALA D 90 -13.91 13.95 -5.91
N GLU D 91 -14.80 13.46 -6.74
CA GLU D 91 -14.41 12.98 -8.04
C GLU D 91 -14.05 14.12 -9.05
N GLN D 92 -14.84 15.21 -9.05
CA GLN D 92 -14.57 16.38 -9.87
C GLN D 92 -13.23 16.99 -9.56
N LEU D 93 -12.85 17.03 -8.29
CA LEU D 93 -11.52 17.52 -7.94
C LEU D 93 -10.37 16.68 -8.57
N HIS D 94 -10.52 15.37 -8.40
CA HIS D 94 -9.60 14.44 -8.93
C HIS D 94 -9.47 14.68 -10.42
N ALA D 95 -10.53 14.70 -11.15
CA ALA D 95 -10.42 14.98 -12.57
C ALA D 95 -9.76 16.36 -12.91
N ALA D 96 -9.90 17.40 -12.04
CA ALA D 96 -9.36 18.70 -12.35
C ALA D 96 -7.86 18.72 -12.19
N MET D 97 -7.33 18.13 -11.16
CA MET D 97 -5.89 18.00 -10.85
C MET D 97 -5.11 16.91 -11.57
N LYS D 98 -5.58 15.67 -11.58
CA LYS D 98 -4.74 14.62 -12.07
C LYS D 98 -4.87 14.32 -13.56
N GLY D 99 -5.03 15.27 -14.48
CA GLY D 99 -4.94 14.90 -15.90
C GLY D 99 -3.66 15.51 -16.50
N LEU D 100 -3.80 15.85 -17.80
CA LEU D 100 -2.84 16.69 -18.53
C LEU D 100 -3.27 18.13 -18.20
N GLY D 101 -2.53 18.90 -17.45
CA GLY D 101 -2.99 20.23 -17.13
C GLY D 101 -3.77 20.26 -15.82
N THR D 102 -4.52 21.34 -15.60
CA THR D 102 -5.35 21.53 -14.40
C THR D 102 -6.64 22.26 -14.79
N ASP D 103 -7.82 21.82 -14.31
CA ASP D 103 -8.96 22.65 -14.56
C ASP D 103 -8.94 23.49 -13.30
N GLU D 104 -8.19 24.62 -13.41
CA GLU D 104 -8.02 25.60 -12.33
C GLU D 104 -9.42 26.05 -11.84
N ASN D 105 -10.29 26.22 -12.80
CA ASN D 105 -11.63 26.69 -12.56
C ASN D 105 -12.46 25.67 -11.85
N ALA D 106 -12.39 24.35 -12.10
CA ALA D 106 -13.17 23.46 -11.32
C ALA D 106 -12.71 23.56 -9.84
N LEU D 107 -11.40 23.62 -9.56
CA LEU D 107 -10.91 23.73 -8.18
C LEU D 107 -11.44 24.97 -7.45
N ILE D 108 -11.57 26.11 -8.12
CA ILE D 108 -12.14 27.32 -7.51
C ILE D 108 -13.63 27.17 -7.32
N ASP D 109 -14.36 26.57 -8.23
CA ASP D 109 -15.80 26.37 -8.06
C ASP D 109 -16.14 25.56 -6.86
N ILE D 110 -15.30 24.53 -6.65
CA ILE D 110 -15.51 23.60 -5.56
C ILE D 110 -14.97 24.06 -4.21
N LEU D 111 -13.72 24.53 -4.17
CA LEU D 111 -13.16 24.82 -2.87
C LEU D 111 -13.39 26.23 -2.35
N CYS D 112 -13.61 27.19 -3.26
CA CYS D 112 -13.72 28.57 -2.84
C CYS D 112 -15.12 29.08 -2.55
N THR D 113 -16.13 28.24 -2.76
CA THR D 113 -17.52 28.63 -2.57
C THR D 113 -18.27 27.84 -1.47
N GLN D 114 -17.56 26.98 -0.76
CA GLN D 114 -18.02 25.98 0.23
C GLN D 114 -18.09 26.34 1.71
N SER D 115 -19.03 25.81 2.51
CA SER D 115 -18.94 26.03 3.95
C SER D 115 -17.90 25.12 4.68
N ASN D 116 -17.67 25.28 6.00
CA ASN D 116 -16.70 24.48 6.69
C ASN D 116 -17.09 23.04 6.64
N ALA D 117 -18.31 22.79 7.05
CA ALA D 117 -18.92 21.48 6.97
C ALA D 117 -18.83 20.83 5.59
N GLN D 118 -19.02 21.57 4.48
CA GLN D 118 -18.94 20.98 3.17
C GLN D 118 -17.54 20.60 2.77
N ILE D 119 -16.57 21.47 3.07
CA ILE D 119 -15.18 21.22 2.83
C ILE D 119 -14.78 19.94 3.53
N HIS D 120 -15.16 19.77 4.80
CA HIS D 120 -14.82 18.61 5.56
C HIS D 120 -15.38 17.31 4.98
N ALA D 121 -16.52 17.36 4.30
CA ALA D 121 -17.13 16.19 3.70
C ALA D 121 -16.40 15.91 2.40
N ILE D 122 -16.13 16.91 1.51
CA ILE D 122 -15.39 16.71 0.26
C ILE D 122 -14.04 16.08 0.63
N LYS D 123 -13.38 16.54 1.68
CA LYS D 123 -12.13 15.97 2.13
C LYS D 123 -12.18 14.50 2.52
N ALA D 124 -13.25 14.12 3.17
CA ALA D 124 -13.46 12.75 3.56
C ALA D 124 -13.77 11.83 2.39
N ALA D 125 -14.83 12.17 1.60
CA ALA D 125 -15.16 11.44 0.36
C ALA D 125 -13.96 11.25 -0.59
N PHE D 126 -13.02 12.21 -0.71
CA PHE D 126 -11.82 12.03 -1.50
C PHE D 126 -10.92 10.96 -0.91
N LYS D 127 -10.70 11.00 0.39
CA LYS D 127 -9.76 10.12 1.04
C LYS D 127 -10.27 8.71 0.85
N LEU D 128 -11.58 8.53 1.08
CA LEU D 128 -12.32 7.30 0.89
C LEU D 128 -12.21 6.78 -0.54
N LEU D 129 -12.68 7.54 -1.53
CA LEU D 129 -12.53 7.15 -2.92
C LEU D 129 -11.10 6.91 -3.35
N TYR D 130 -10.14 7.69 -2.87
CA TYR D 130 -8.87 7.74 -3.53
C TYR D 130 -7.76 7.34 -2.68
N LYS D 131 -8.02 7.01 -1.41
CA LYS D 131 -7.00 6.61 -0.46
C LYS D 131 -5.95 7.68 -0.23
N GLU D 132 -5.78 8.69 -1.08
CA GLU D 132 -4.88 9.77 -0.82
C GLU D 132 -5.54 10.87 0.01
N ASP D 133 -4.74 11.84 0.34
CA ASP D 133 -5.17 12.92 1.15
C ASP D 133 -5.33 14.10 0.22
N LEU D 134 -6.49 14.81 0.14
CA LEU D 134 -6.70 15.94 -0.79
C LEU D 134 -5.74 17.04 -0.57
N GLU D 135 -5.41 17.39 0.65
CA GLU D 135 -4.52 18.56 0.82
C GLU D 135 -3.17 18.30 0.22
N LYS D 136 -2.71 17.07 0.44
CA LYS D 136 -1.43 16.61 -0.05
C LYS D 136 -1.49 16.60 -1.59
N GLU D 137 -2.61 16.20 -2.18
CA GLU D 137 -2.77 16.26 -3.61
C GLU D 137 -2.85 17.65 -4.14
N ILE D 138 -3.48 18.63 -3.54
CA ILE D 138 -3.56 20.02 -4.01
C ILE D 138 -2.19 20.61 -3.93
N ILE D 139 -1.51 20.43 -2.82
CA ILE D 139 -0.13 20.86 -2.65
C ILE D 139 0.76 20.20 -3.71
N SER D 140 0.52 19.00 -4.25
CA SER D 140 1.32 18.46 -5.36
C SER D 140 0.99 19.10 -6.70
N GLU D 141 -0.26 19.24 -7.00
CA GLU D 141 -0.63 19.78 -8.28
C GLU D 141 -0.75 21.32 -8.35
N THR D 142 -0.55 22.17 -7.30
CA THR D 142 -0.64 23.64 -7.48
C THR D 142 0.57 24.39 -6.89
N SER D 143 0.97 25.62 -7.30
CA SER D 143 2.09 26.33 -6.68
C SER D 143 1.75 27.77 -6.29
N GLY D 144 2.49 28.30 -5.33
CA GLY D 144 2.45 29.71 -5.03
C GLY D 144 1.22 30.18 -4.34
N ASN D 145 0.89 31.45 -4.62
CA ASN D 145 -0.24 32.11 -3.96
C ASN D 145 -1.55 31.34 -4.08
N PHE D 146 -1.76 30.66 -5.20
CA PHE D 146 -2.95 29.92 -5.47
C PHE D 146 -3.01 28.71 -4.56
N GLN D 147 -1.88 28.01 -4.54
CA GLN D 147 -1.81 26.83 -3.69
C GLN D 147 -2.17 27.26 -2.26
N ARG D 148 -1.59 28.30 -1.72
CA ARG D 148 -1.87 28.76 -0.40
C ARG D 148 -3.30 29.13 -0.14
N LEU D 149 -4.04 29.77 -1.07
CA LEU D 149 -5.45 30.06 -0.92
C LEU D 149 -6.21 28.75 -0.88
N LEU D 150 -5.91 27.69 -1.67
CA LEU D 150 -6.60 26.42 -1.66
C LEU D 150 -6.19 25.65 -0.45
N VAL D 151 -5.00 25.70 0.11
CA VAL D 151 -4.67 25.06 1.39
C VAL D 151 -5.49 25.71 2.50
N SER D 152 -5.63 27.05 2.58
CA SER D 152 -6.53 27.74 3.51
C SER D 152 -7.97 27.23 3.44
N MET D 153 -8.49 27.03 2.22
CA MET D 153 -9.84 26.55 2.03
C MET D 153 -10.03 25.15 2.60
N LEU D 154 -9.04 24.28 2.50
CA LEU D 154 -9.13 22.90 2.94
C LEU D 154 -9.03 22.75 4.43
N GLN D 155 -8.72 23.82 5.16
CA GLN D 155 -8.67 23.73 6.60
C GLN D 155 -10.02 23.71 7.27
N GLY D 156 -11.07 24.25 6.67
CA GLY D 156 -12.35 24.33 7.33
C GLY D 156 -12.20 25.24 8.57
N GLY D 157 -11.46 26.37 8.50
CA GLY D 157 -11.23 27.19 9.67
C GLY D 157 -11.82 28.58 9.59
N ARG D 158 -12.86 28.84 8.77
CA ARG D 158 -13.47 30.18 8.70
C ARG D 158 -14.18 30.39 10.02
N LYS D 159 -14.12 31.58 10.65
CA LYS D 159 -14.79 31.81 11.91
C LYS D 159 -16.23 32.12 11.51
N GLU D 160 -17.02 31.11 11.13
CA GLU D 160 -18.41 31.30 10.70
C GLU D 160 -19.37 31.91 11.69
N ASP D 161 -19.03 31.88 12.96
CA ASP D 161 -19.84 32.41 14.00
C ASP D 161 -19.33 33.81 14.38
N GLU D 162 -18.42 34.40 13.59
CA GLU D 162 -17.93 35.71 13.92
C GLU D 162 -19.02 36.72 13.65
N PRO D 163 -19.37 37.61 14.57
CA PRO D 163 -20.40 38.63 14.38
C PRO D 163 -19.86 39.90 13.72
N VAL D 164 -20.80 40.51 12.96
CA VAL D 164 -20.62 41.81 12.35
C VAL D 164 -20.30 42.84 13.42
N ASN D 165 -19.12 43.42 13.29
CA ASN D 165 -18.68 44.43 14.21
C ASN D 165 -18.07 45.39 13.28
N ALA D 166 -18.77 46.53 13.15
CA ALA D 166 -18.34 47.63 12.29
C ALA D 166 -16.94 48.20 12.53
N ALA D 167 -16.52 48.47 13.79
CA ALA D 167 -15.16 48.96 14.04
C ALA D 167 -14.14 48.04 13.45
N HIS D 168 -14.33 46.70 13.51
CA HIS D 168 -13.36 45.74 13.00
C HIS D 168 -13.44 45.59 11.52
N ALA D 169 -14.66 45.62 10.97
CA ALA D 169 -14.92 45.63 9.52
C ALA D 169 -14.17 46.78 8.91
N ALA D 170 -14.18 47.93 9.54
CA ALA D 170 -13.34 49.09 9.17
C ALA D 170 -11.82 48.97 9.33
N GLU D 171 -11.32 48.38 10.43
CA GLU D 171 -9.93 48.06 10.61
C GLU D 171 -9.43 47.15 9.51
N ASP D 172 -10.14 46.08 9.15
CA ASP D 172 -9.70 45.17 8.12
C ASP D 172 -9.85 45.78 6.75
N ALA D 173 -10.94 46.50 6.43
CA ALA D 173 -11.04 47.13 5.13
C ALA D 173 -9.83 48.06 4.98
N ALA D 174 -9.41 48.85 5.96
CA ALA D 174 -8.24 49.68 5.85
C ALA D 174 -6.99 48.83 5.70
N ALA D 175 -6.88 47.66 6.31
CA ALA D 175 -5.71 46.79 6.09
C ALA D 175 -5.58 46.22 4.68
N ILE D 176 -6.73 45.91 4.11
CA ILE D 176 -6.77 45.43 2.76
C ILE D 176 -6.39 46.57 1.78
N TYR D 177 -6.75 47.78 2.17
CA TYR D 177 -6.48 48.93 1.38
C TYR D 177 -4.98 49.17 1.31
N GLN D 178 -4.28 49.25 2.43
CA GLN D 178 -2.83 49.35 2.44
C GLN D 178 -2.10 48.19 1.77
N ALA D 179 -2.72 47.03 1.75
CA ALA D 179 -2.07 45.88 1.17
C ALA D 179 -2.13 45.93 -0.33
N GLY D 180 -3.15 46.60 -0.82
CA GLY D 180 -3.38 46.68 -2.22
C GLY D 180 -3.05 48.04 -2.76
N GLU D 181 -4.18 48.70 -2.83
CA GLU D 181 -4.24 50.04 -3.45
C GLU D 181 -3.27 51.06 -2.87
N GLY D 182 -2.98 50.93 -1.57
CA GLY D 182 -2.12 51.84 -0.85
C GLY D 182 -0.64 51.59 -1.01
N GLN D 183 -0.27 50.75 -1.96
CA GLN D 183 1.11 50.51 -2.17
C GLN D 183 1.23 49.98 -3.58
N ILE D 184 2.47 50.11 -4.03
CA ILE D 184 2.90 49.68 -5.34
C ILE D 184 2.60 48.21 -5.51
N GLY D 185 3.28 47.36 -4.70
CA GLY D 185 3.07 45.92 -4.67
C GLY D 185 1.65 45.58 -4.25
N THR D 186 1.54 44.34 -3.81
CA THR D 186 0.35 43.79 -3.19
C THR D 186 0.90 42.99 -2.01
N ASP D 187 0.59 43.19 -0.72
CA ASP D 187 0.88 42.14 0.28
C ASP D 187 -0.27 41.13 0.10
N GLU D 188 -0.08 40.00 -0.59
CA GLU D 188 -1.14 39.03 -0.73
C GLU D 188 -1.52 38.35 0.58
N SER D 189 -0.61 38.13 1.56
CA SER D 189 -0.94 37.54 2.88
C SER D 189 -2.19 38.23 3.41
N ARG D 190 -2.27 39.57 3.39
CA ARG D 190 -3.46 40.24 3.88
C ARG D 190 -4.79 39.99 3.14
N PHE D 191 -4.75 39.88 1.82
CA PHE D 191 -5.95 39.53 1.10
C PHE D 191 -6.45 38.12 1.43
N ASN D 192 -5.56 37.13 1.38
CA ASN D 192 -5.74 35.71 1.76
C ASN D 192 -6.30 35.52 3.20
N ALA D 193 -5.59 36.08 4.19
CA ALA D 193 -5.90 36.05 5.60
C ALA D 193 -7.28 36.64 5.83
N VAL D 194 -7.70 37.86 5.39
CA VAL D 194 -9.04 38.41 5.67
C VAL D 194 -10.08 37.63 4.91
N LEU D 195 -9.90 37.32 3.66
CA LEU D 195 -10.93 36.59 2.94
C LEU D 195 -11.12 35.11 3.35
N ALA D 196 -10.07 34.47 3.81
CA ALA D 196 -10.19 33.12 4.28
C ALA D 196 -10.75 32.94 5.69
N THR D 197 -10.55 33.89 6.64
CA THR D 197 -11.03 33.70 8.00
C THR D 197 -12.29 34.40 8.46
N ARG D 198 -12.70 35.55 7.88
CA ARG D 198 -13.84 36.27 8.52
C ARG D 198 -15.20 35.67 8.13
N SER D 199 -16.20 35.80 8.98
CA SER D 199 -17.46 35.14 8.67
C SER D 199 -18.09 35.75 7.43
N TYR D 200 -18.95 35.11 6.65
CA TYR D 200 -19.53 35.80 5.51
C TYR D 200 -20.28 37.11 5.82
N PRO D 201 -21.07 37.29 6.89
CA PRO D 201 -21.71 38.52 7.34
C PRO D 201 -20.73 39.60 7.71
N GLN D 202 -19.66 39.28 8.44
CA GLN D 202 -18.60 40.20 8.68
C GLN D 202 -17.87 40.59 7.40
N LEU D 203 -17.66 39.68 6.46
CA LEU D 203 -17.05 40.01 5.19
C LEU D 203 -17.87 41.03 4.35
N HIS D 204 -19.17 40.88 4.34
CA HIS D 204 -20.05 41.83 3.66
C HIS D 204 -19.89 43.26 4.23
N GLN D 205 -19.84 43.34 5.55
CA GLN D 205 -19.61 44.58 6.25
C GLN D 205 -18.25 45.17 5.85
N ILE D 206 -17.19 44.34 5.60
CA ILE D 206 -15.86 44.78 5.22
C ILE D 206 -15.83 45.40 3.83
N PHE D 207 -16.55 44.80 2.91
CA PHE D 207 -16.64 45.24 1.54
C PHE D 207 -17.29 46.59 1.51
N HIS D 208 -18.33 46.78 2.32
CA HIS D 208 -18.96 48.08 2.48
C HIS D 208 -17.98 49.12 3.07
N GLU D 209 -17.25 48.82 4.13
CA GLU D 209 -16.30 49.74 4.66
C GLU D 209 -15.25 50.08 3.63
N TYR D 210 -14.88 49.17 2.77
CA TYR D 210 -13.84 49.39 1.77
C TYR D 210 -14.23 50.41 0.73
N SER D 211 -15.51 50.49 0.38
CA SER D 211 -15.92 51.37 -0.66
C SER D 211 -16.06 52.76 -0.05
N LYS D 212 -16.20 52.90 1.26
CA LYS D 212 -16.17 54.22 1.83
C LYS D 212 -14.75 54.75 1.89
N ILE D 213 -13.68 53.95 1.90
CA ILE D 213 -12.35 54.51 1.93
C ILE D 213 -11.77 54.57 0.53
N SER D 214 -12.15 53.69 -0.36
CA SER D 214 -11.54 53.62 -1.65
C SER D 214 -12.53 54.21 -2.59
N ASN D 215 -12.11 54.49 -3.82
CA ASN D 215 -13.13 54.84 -4.81
C ASN D 215 -13.50 53.65 -5.69
N LYS D 216 -12.81 52.50 -5.50
CA LYS D 216 -13.05 51.31 -6.29
C LYS D 216 -13.62 50.30 -5.33
N THR D 217 -14.42 49.34 -5.85
CA THR D 217 -14.99 48.28 -5.06
C THR D 217 -13.91 47.26 -4.87
N ILE D 218 -14.06 46.41 -3.83
CA ILE D 218 -13.10 45.32 -3.54
C ILE D 218 -12.85 44.43 -4.78
N LEU D 219 -13.90 44.10 -5.53
CA LEU D 219 -13.77 43.46 -6.82
C LEU D 219 -12.83 44.17 -7.80
N GLN D 220 -12.94 45.51 -7.95
CA GLN D 220 -12.06 46.23 -8.83
C GLN D 220 -10.66 46.22 -8.28
N ALA D 221 -10.46 46.44 -7.00
CA ALA D 221 -9.15 46.39 -6.43
C ALA D 221 -8.60 45.01 -6.62
N ILE D 222 -9.32 43.87 -6.52
CA ILE D 222 -8.73 42.53 -6.70
C ILE D 222 -8.35 42.42 -8.14
N GLU D 223 -9.32 42.76 -9.00
CA GLU D 223 -9.16 42.76 -10.45
C GLU D 223 -7.89 43.42 -10.96
N ASN D 224 -7.42 44.44 -10.23
CA ASN D 224 -6.23 45.24 -10.57
C ASN D 224 -4.92 44.87 -9.86
N GLU D 225 -4.98 44.56 -8.57
CA GLU D 225 -3.80 44.17 -7.84
C GLU D 225 -3.34 42.73 -8.11
N PHE D 226 -4.25 41.82 -8.58
CA PHE D 226 -4.00 40.41 -8.83
C PHE D 226 -4.09 39.92 -10.26
N SER D 227 -3.47 38.78 -10.55
CA SER D 227 -3.54 38.15 -11.88
C SER D 227 -3.81 36.68 -11.87
N GLY D 228 -4.46 36.17 -12.89
CA GLY D 228 -4.65 34.73 -13.11
C GLY D 228 -5.43 33.99 -12.05
N ASP D 229 -4.95 32.80 -11.78
CA ASP D 229 -5.51 31.88 -10.85
C ASP D 229 -5.87 32.43 -9.46
N ILE D 230 -4.93 33.09 -8.78
CA ILE D 230 -5.29 33.68 -7.51
C ILE D 230 -6.30 34.82 -7.68
N LYS D 231 -6.26 35.71 -8.69
CA LYS D 231 -7.29 36.72 -8.94
C LYS D 231 -8.65 36.08 -9.02
N ASN D 232 -8.84 35.02 -9.75
CA ASN D 232 -10.12 34.30 -9.86
C ASN D 232 -10.50 33.57 -8.60
N GLY D 233 -9.50 33.04 -7.86
CA GLY D 233 -9.69 32.42 -6.57
C GLY D 233 -10.29 33.43 -5.59
N LEU D 234 -9.63 34.59 -5.39
CA LEU D 234 -10.15 35.64 -4.52
C LEU D 234 -11.46 36.18 -5.03
N LEU D 235 -11.69 36.45 -6.29
CA LEU D 235 -12.99 36.96 -6.71
C LEU D 235 -14.13 35.95 -6.46
N ALA D 236 -13.90 34.59 -6.50
CA ALA D 236 -14.99 33.66 -6.25
C ALA D 236 -15.57 33.76 -4.86
N ILE D 237 -14.70 34.04 -3.85
CA ILE D 237 -15.07 34.26 -2.44
C ILE D 237 -15.86 35.55 -2.28
N VAL D 238 -15.41 36.62 -2.97
CA VAL D 238 -16.11 37.91 -2.93
C VAL D 238 -17.48 37.73 -3.57
N LYS D 239 -17.61 37.10 -4.74
CA LYS D 239 -18.91 36.81 -5.34
C LYS D 239 -19.72 35.87 -4.48
N SER D 240 -19.18 34.87 -3.81
CA SER D 240 -19.91 34.02 -2.90
C SER D 240 -20.55 34.73 -1.71
N VAL D 241 -19.84 35.73 -1.18
CA VAL D 241 -20.32 36.47 -0.02
C VAL D 241 -21.40 37.43 -0.43
N GLU D 242 -21.21 38.11 -1.58
CA GLU D 242 -22.16 39.09 -2.09
C GLU D 242 -23.38 38.47 -2.69
N ASN D 243 -23.24 37.51 -3.62
CA ASN D 243 -24.35 36.77 -4.22
C ASN D 243 -23.91 35.47 -4.86
N ARG D 244 -24.12 34.36 -4.14
CA ARG D 244 -23.73 33.05 -4.64
C ARG D 244 -24.38 32.62 -5.95
N PHE D 245 -25.70 32.86 -6.09
CA PHE D 245 -26.54 32.51 -7.24
C PHE D 245 -26.06 33.20 -8.49
N ALA D 246 -25.53 34.43 -8.38
CA ALA D 246 -24.97 35.12 -9.50
C ALA D 246 -23.63 34.54 -9.86
N TYR D 247 -22.83 34.06 -8.90
CA TYR D 247 -21.53 33.49 -9.21
C TYR D 247 -21.75 32.33 -10.14
N PHE D 248 -22.67 31.44 -9.76
CA PHE D 248 -22.94 30.28 -10.59
C PHE D 248 -23.62 30.59 -11.93
N ALA D 249 -24.53 31.59 -11.95
CA ALA D 249 -25.25 32.00 -13.14
C ALA D 249 -24.22 32.47 -14.14
N GLU D 250 -23.16 33.05 -13.61
CA GLU D 250 -22.08 33.59 -14.39
C GLU D 250 -21.28 32.47 -14.97
N ARG D 251 -20.87 31.51 -14.09
CA ARG D 251 -20.10 30.37 -14.54
C ARG D 251 -20.80 29.53 -15.60
N LEU D 252 -22.10 29.23 -15.42
CA LEU D 252 -22.94 28.57 -16.39
C LEU D 252 -23.01 29.29 -17.75
N HIS D 253 -23.21 30.61 -17.69
CA HIS D 253 -23.33 31.41 -18.91
C HIS D 253 -22.08 31.25 -19.79
N HIS D 254 -20.93 31.21 -19.10
CA HIS D 254 -19.63 31.10 -19.72
C HIS D 254 -19.43 29.70 -20.24
N ALA D 255 -19.98 28.63 -19.60
CA ALA D 255 -19.91 27.23 -20.09
C ALA D 255 -20.59 27.09 -21.49
N MET D 256 -21.70 27.78 -21.58
CA MET D 256 -22.45 27.81 -22.80
C MET D 256 -22.02 28.86 -23.76
N LYS D 257 -21.02 29.70 -23.51
CA LYS D 257 -20.74 30.75 -24.49
C LYS D 257 -19.94 30.26 -25.67
N GLY D 258 -20.15 31.02 -26.76
CA GLY D 258 -19.53 30.76 -28.06
C GLY D 258 -19.81 29.36 -28.61
N LEU D 259 -18.84 29.05 -29.48
CA LEU D 259 -18.77 27.79 -30.19
C LEU D 259 -18.67 26.64 -29.21
N GLY D 260 -19.40 25.56 -29.44
CA GLY D 260 -19.40 24.45 -28.47
C GLY D 260 -19.96 24.84 -27.08
N THR D 261 -19.72 23.94 -26.12
CA THR D 261 -20.16 24.01 -24.74
C THR D 261 -19.02 23.49 -23.88
N SER D 262 -18.92 23.92 -22.63
CA SER D 262 -18.05 23.31 -21.65
C SER D 262 -19.08 22.58 -20.80
N ASP D 263 -19.40 21.39 -21.31
CA ASP D 263 -20.32 20.42 -20.69
C ASP D 263 -19.98 19.99 -19.32
N LYS D 264 -18.70 19.92 -19.06
CA LYS D 264 -18.05 19.46 -17.84
C LYS D 264 -18.49 20.46 -16.76
N THR D 265 -18.30 21.80 -16.92
CA THR D 265 -18.89 22.80 -16.07
C THR D 265 -20.42 22.70 -16.02
N LEU D 266 -21.09 22.54 -17.14
CA LEU D 266 -22.52 22.50 -17.22
C LEU D 266 -23.13 21.36 -16.37
N ILE D 267 -22.77 20.08 -16.64
CA ILE D 267 -23.10 18.92 -15.85
C ILE D 267 -22.68 19.20 -14.39
N ARG D 268 -21.44 19.59 -14.06
CA ARG D 268 -21.08 19.83 -12.70
C ARG D 268 -21.94 20.81 -11.97
N ILE D 269 -22.25 22.02 -12.44
CA ILE D 269 -23.03 22.98 -11.67
C ILE D 269 -24.50 22.57 -11.64
N LEU D 270 -25.06 22.08 -12.75
CA LEU D 270 -26.49 21.71 -12.80
C LEU D 270 -26.86 20.62 -11.83
N VAL D 271 -26.01 19.58 -11.89
CA VAL D 271 -26.11 18.43 -11.03
C VAL D 271 -25.78 18.84 -9.59
N SER D 272 -24.68 19.52 -9.26
CA SER D 272 -24.49 19.79 -7.85
C SER D 272 -25.46 20.74 -7.19
N ARG D 273 -26.05 21.70 -7.91
CA ARG D 273 -26.91 22.66 -7.24
C ARG D 273 -28.37 22.32 -7.42
N SER D 274 -28.72 21.33 -8.24
CA SER D 274 -30.08 20.87 -8.42
C SER D 274 -30.94 20.69 -7.17
N GLU D 275 -30.45 20.13 -6.08
CA GLU D 275 -31.25 19.99 -4.89
C GLU D 275 -30.87 21.07 -3.87
N ILE D 276 -30.00 22.05 -4.19
CA ILE D 276 -29.72 23.09 -3.21
C ILE D 276 -30.30 24.41 -3.57
N ASP D 277 -29.96 25.05 -4.71
CA ASP D 277 -30.47 26.41 -5.06
C ASP D 277 -30.58 26.69 -6.55
N LEU D 278 -30.76 25.62 -7.35
CA LEU D 278 -30.83 25.77 -8.82
C LEU D 278 -32.02 26.62 -9.19
N ALA D 279 -33.03 26.71 -8.32
CA ALA D 279 -34.20 27.53 -8.59
C ALA D 279 -33.79 28.96 -8.57
N ASN D 280 -33.03 29.36 -7.54
CA ASN D 280 -32.53 30.71 -7.43
C ASN D 280 -31.53 31.00 -8.54
N ILE D 281 -30.56 30.16 -8.82
CA ILE D 281 -29.61 30.37 -9.90
C ILE D 281 -30.32 30.55 -11.23
N LYS D 282 -31.44 29.92 -11.42
CA LYS D 282 -32.20 30.15 -12.64
C LYS D 282 -32.81 31.55 -12.70
N GLU D 283 -33.29 32.11 -11.59
CA GLU D 283 -33.92 33.44 -11.62
C GLU D 283 -32.86 34.53 -11.81
N THR D 284 -31.69 34.31 -11.18
CA THR D 284 -30.57 35.19 -11.34
C THR D 284 -30.02 35.04 -12.75
N PHE D 285 -30.08 33.88 -13.41
CA PHE D 285 -29.58 33.80 -14.76
C PHE D 285 -30.42 34.68 -15.70
N GLN D 286 -31.74 34.45 -15.78
CA GLN D 286 -32.67 35.23 -16.61
C GLN D 286 -32.48 36.75 -16.45
N ALA D 287 -32.58 37.19 -15.18
CA ALA D 287 -32.38 38.58 -14.77
C ALA D 287 -31.05 39.11 -15.28
N MET D 288 -29.98 38.35 -15.25
CA MET D 288 -28.72 38.85 -15.71
C MET D 288 -28.54 38.78 -17.22
N TYR D 289 -29.18 37.77 -17.82
CA TYR D 289 -28.82 37.45 -19.18
C TYR D 289 -29.84 37.61 -20.28
N GLY D 290 -31.11 37.88 -19.96
CA GLY D 290 -32.14 38.02 -20.96
C GLY D 290 -32.93 36.73 -21.14
N LYS D 291 -32.31 35.72 -21.73
CA LYS D 291 -32.91 34.39 -21.96
C LYS D 291 -32.92 33.59 -20.68
N SER D 292 -33.71 32.54 -20.70
CA SER D 292 -33.82 31.59 -19.61
C SER D 292 -32.66 30.59 -19.70
N LEU D 293 -32.29 30.02 -18.52
CA LEU D 293 -31.33 28.94 -18.48
C LEU D 293 -31.84 27.74 -19.35
N TYR D 294 -33.17 27.50 -19.31
CA TYR D 294 -33.76 26.44 -20.07
C TYR D 294 -33.46 26.68 -21.55
N GLU D 295 -33.72 27.90 -21.97
CA GLU D 295 -33.56 28.27 -23.39
C GLU D 295 -32.12 28.13 -23.85
N PHE D 296 -31.21 28.58 -22.98
CA PHE D 296 -29.78 28.43 -23.22
C PHE D 296 -29.27 26.99 -23.48
N ILE D 297 -29.74 26.05 -22.65
CA ILE D 297 -29.34 24.65 -22.70
C ILE D 297 -29.93 24.15 -23.97
N ALA D 298 -31.20 24.48 -24.20
CA ALA D 298 -31.93 23.92 -25.32
C ALA D 298 -31.29 24.28 -26.64
N ASP D 299 -30.60 25.41 -26.71
CA ASP D 299 -29.81 25.79 -27.89
C ASP D 299 -28.39 25.19 -27.94
N ASP D 300 -27.61 25.23 -26.84
CA ASP D 300 -26.26 24.73 -26.92
C ASP D 300 -26.12 23.22 -26.91
N CYS D 301 -27.09 22.50 -26.36
CA CYS D 301 -27.04 21.04 -26.22
C CYS D 301 -27.87 20.19 -27.19
N SER D 302 -27.63 18.88 -27.36
CA SER D 302 -28.49 18.06 -28.20
C SER D 302 -28.82 16.67 -27.63
N GLY D 303 -29.59 15.91 -28.37
CA GLY D 303 -29.90 14.53 -28.04
C GLY D 303 -30.68 14.43 -26.76
N ASP D 304 -30.40 13.25 -26.20
CA ASP D 304 -30.87 12.90 -24.88
C ASP D 304 -30.15 13.65 -23.80
N TYR D 305 -28.90 14.01 -24.10
CA TYR D 305 -28.13 14.82 -23.17
C TYR D 305 -28.93 16.06 -22.82
N LYS D 306 -29.35 16.78 -23.88
CA LYS D 306 -30.15 18.01 -23.82
C LYS D 306 -31.40 17.69 -23.03
N ASP D 307 -32.13 16.58 -23.21
CA ASP D 307 -33.35 16.30 -22.48
C ASP D 307 -33.16 16.11 -21.00
N LEU D 308 -32.14 15.30 -20.66
CA LEU D 308 -31.80 15.04 -19.28
C LEU D 308 -31.54 16.37 -18.63
N LEU D 309 -30.61 17.12 -19.21
CA LEU D 309 -30.27 18.43 -18.65
C LEU D 309 -31.53 19.32 -18.56
N LEU D 310 -32.45 19.35 -19.55
CA LEU D 310 -33.61 20.21 -19.49
C LEU D 310 -34.61 19.78 -18.45
N GLN D 311 -34.70 18.47 -18.10
CA GLN D 311 -35.59 17.95 -17.09
C GLN D 311 -34.99 18.22 -15.73
N ILE D 312 -33.70 18.04 -15.44
CA ILE D 312 -33.16 18.43 -14.13
C ILE D 312 -33.43 19.94 -13.95
N THR D 313 -33.23 20.79 -14.98
CA THR D 313 -33.37 22.20 -14.83
C THR D 313 -34.81 22.68 -14.67
N GLY D 314 -35.68 22.17 -15.54
CA GLY D 314 -37.05 22.64 -15.59
C GLY D 314 -37.09 23.96 -16.33
N HIS D 315 -38.30 24.45 -16.57
CA HIS D 315 -38.49 25.72 -17.28
C HIS D 315 -38.34 26.83 -16.24
N VAL E 1 -37.29 -23.93 20.97
CA VAL E 1 -36.44 -22.77 21.13
C VAL E 1 -35.22 -23.15 20.28
N VAL E 2 -34.48 -22.16 19.81
CA VAL E 2 -33.34 -22.40 18.94
C VAL E 2 -32.22 -21.94 19.83
N GLN E 3 -31.23 -22.79 19.99
CA GLN E 3 -30.12 -22.55 20.90
C GLN E 3 -28.97 -23.43 20.45
N GLY E 4 -27.79 -23.05 20.90
CA GLY E 4 -26.59 -23.77 20.53
C GLY E 4 -26.20 -24.74 21.62
N THR E 5 -25.10 -25.46 21.46
CA THR E 5 -24.62 -26.41 22.44
C THR E 5 -23.58 -25.85 23.37
N VAL E 6 -23.07 -24.62 23.22
CA VAL E 6 -22.10 -24.08 24.17
C VAL E 6 -22.75 -22.91 24.86
N LYS E 7 -22.61 -23.09 26.18
CA LYS E 7 -23.11 -22.17 27.17
C LYS E 7 -21.90 -21.68 28.01
N PRO E 8 -21.80 -20.34 28.29
CA PRO E 8 -20.83 -19.75 29.20
C PRO E 8 -20.68 -20.41 30.51
N HIS E 9 -19.42 -20.73 30.76
CA HIS E 9 -18.96 -21.33 32.01
C HIS E 9 -19.29 -20.38 33.15
N ALA E 10 -19.96 -20.94 34.12
CA ALA E 10 -20.34 -20.17 35.31
C ALA E 10 -19.12 -20.17 36.24
N SER E 11 -18.77 -19.06 36.91
CA SER E 11 -17.55 -18.93 37.75
C SER E 11 -16.29 -19.22 36.91
N PHE E 12 -16.17 -18.25 36.00
CA PHE E 12 -15.17 -18.23 34.96
C PHE E 12 -14.13 -17.23 35.48
N ASN E 13 -12.85 -17.52 35.37
CA ASN E 13 -11.89 -16.49 35.68
C ASN E 13 -10.81 -16.54 34.60
N SER E 14 -10.72 -15.50 33.76
CA SER E 14 -9.77 -15.52 32.67
C SER E 14 -8.28 -15.60 33.00
N ARG E 15 -7.91 -15.01 34.12
CA ARG E 15 -6.54 -15.08 34.65
C ARG E 15 -6.24 -16.51 34.98
N GLU E 16 -7.10 -17.23 35.72
CA GLU E 16 -6.87 -18.63 36.14
C GLU E 16 -6.86 -19.61 34.97
N ASP E 17 -7.76 -19.40 34.00
CA ASP E 17 -7.79 -20.15 32.73
C ASP E 17 -6.57 -19.98 31.84
N ALA E 18 -6.06 -18.73 31.75
CA ALA E 18 -4.85 -18.41 31.00
C ALA E 18 -3.71 -19.10 31.66
N GLU E 19 -3.66 -19.11 33.01
CA GLU E 19 -2.61 -19.80 33.73
C GLU E 19 -2.68 -21.34 33.53
N THR E 20 -3.84 -21.94 33.54
CA THR E 20 -4.04 -23.34 33.27
C THR E 20 -3.56 -23.72 31.88
N LEU E 21 -3.84 -22.93 30.83
CA LEU E 21 -3.34 -23.22 29.52
C LEU E 21 -1.82 -23.09 29.52
N ARG E 22 -1.17 -22.13 30.13
CA ARG E 22 0.28 -22.08 30.15
C ARG E 22 0.81 -23.35 30.80
N LYS E 23 0.23 -23.77 31.94
CA LYS E 23 0.65 -25.01 32.59
C LYS E 23 0.43 -26.18 31.63
N ALA E 24 -0.68 -26.27 30.87
CA ALA E 24 -0.90 -27.37 29.93
C ALA E 24 0.16 -27.54 28.87
N MET E 25 0.84 -26.47 28.44
CA MET E 25 1.78 -26.53 27.36
C MET E 25 3.20 -26.53 27.85
N LYS E 26 3.47 -26.00 29.05
CA LYS E 26 4.80 -25.99 29.65
C LYS E 26 5.51 -27.36 29.56
N GLY E 27 6.78 -27.25 29.23
CA GLY E 27 7.61 -28.42 29.03
C GLY E 27 7.34 -29.08 27.70
N ILE E 28 7.94 -30.26 27.70
CA ILE E 28 7.93 -31.15 26.56
C ILE E 28 6.54 -31.72 26.63
N GLY E 29 5.99 -32.04 25.47
CA GLY E 29 4.57 -32.43 25.44
C GLY E 29 3.67 -31.19 25.65
N THR E 30 2.41 -31.56 25.77
CA THR E 30 1.26 -30.70 25.83
C THR E 30 0.21 -31.51 26.56
N ASP E 31 -0.69 -30.91 27.30
CA ASP E 31 -1.72 -31.66 27.95
C ASP E 31 -2.97 -31.26 27.20
N GLU E 32 -3.29 -32.10 26.21
CA GLU E 32 -4.35 -31.77 25.33
C GLU E 32 -5.68 -31.85 26.00
N LYS E 33 -5.78 -32.72 26.99
CA LYS E 33 -7.04 -32.96 27.67
C LYS E 33 -7.49 -31.68 28.41
N SER E 34 -6.51 -30.98 28.94
CA SER E 34 -6.71 -29.67 29.55
C SER E 34 -7.04 -28.50 28.61
N ILE E 35 -6.42 -28.49 27.42
CA ILE E 35 -6.72 -27.48 26.45
C ILE E 35 -8.11 -27.77 25.92
N THR E 36 -8.42 -29.00 25.48
CA THR E 36 -9.74 -29.39 25.06
C THR E 36 -10.81 -29.00 26.05
N HIS E 37 -10.54 -29.20 27.34
CA HIS E 37 -11.49 -28.86 28.38
C HIS E 37 -11.80 -27.37 28.47
N ILE E 38 -10.79 -26.51 28.61
CA ILE E 38 -11.06 -25.06 28.69
C ILE E 38 -11.75 -24.44 27.46
N LEU E 39 -11.23 -24.78 26.27
CA LEU E 39 -11.75 -24.31 25.03
C LEU E 39 -13.19 -24.74 24.82
N ALA E 40 -13.48 -26.04 24.98
CA ALA E 40 -14.81 -26.50 24.69
C ALA E 40 -15.73 -26.09 25.78
N THR E 41 -15.39 -25.72 27.02
CA THR E 41 -16.43 -25.39 28.03
C THR E 41 -16.56 -23.93 28.43
N ARG E 42 -16.07 -23.05 27.59
CA ARG E 42 -16.09 -21.60 27.79
C ARG E 42 -16.84 -21.11 26.57
N SER E 43 -17.56 -20.01 26.66
CA SER E 43 -18.23 -19.54 25.44
C SER E 43 -17.16 -18.74 24.72
N ASN E 44 -17.46 -18.41 23.48
CA ASN E 44 -16.51 -17.64 22.67
C ASN E 44 -16.07 -16.31 23.27
N ALA E 45 -16.92 -15.63 23.99
CA ALA E 45 -16.59 -14.37 24.58
C ALA E 45 -15.68 -14.57 25.75
N GLN E 46 -15.88 -15.64 26.53
CA GLN E 46 -14.98 -15.96 27.64
C GLN E 46 -13.61 -16.27 27.03
N ARG E 47 -13.54 -17.01 25.90
CA ARG E 47 -12.30 -17.38 25.28
C ARG E 47 -11.65 -16.08 24.91
N GLN E 48 -12.34 -15.03 24.44
CA GLN E 48 -11.62 -13.81 24.09
C GLN E 48 -11.01 -13.10 25.32
N GLN E 49 -11.62 -13.20 26.50
CA GLN E 49 -11.05 -12.73 27.75
C GLN E 49 -9.85 -13.60 28.17
N ILE E 50 -9.86 -14.93 28.04
CA ILE E 50 -8.68 -15.76 28.31
C ILE E 50 -7.49 -15.30 27.44
N LYS E 51 -7.76 -15.02 26.15
CA LYS E 51 -6.79 -14.56 25.18
C LYS E 51 -6.08 -13.26 25.51
N THR E 52 -6.80 -12.23 26.00
CA THR E 52 -6.16 -11.02 26.47
C THR E 52 -5.35 -11.26 27.73
N ASP E 53 -5.86 -12.10 28.68
CA ASP E 53 -5.03 -12.29 29.87
C ASP E 53 -3.79 -13.06 29.57
N TYR E 54 -3.87 -14.10 28.70
CA TYR E 54 -2.69 -14.83 28.32
C TYR E 54 -1.63 -13.87 27.74
N THR E 55 -1.97 -12.96 26.82
CA THR E 55 -0.98 -12.05 26.26
C THR E 55 -0.49 -11.05 27.28
N THR E 56 -1.32 -10.56 28.21
CA THR E 56 -0.82 -9.60 29.21
C THR E 56 0.03 -10.32 30.30
N LEU E 57 -0.32 -11.52 30.78
CA LEU E 57 0.51 -12.29 31.65
C LEU E 57 1.81 -12.71 30.96
N PHE E 58 1.79 -13.26 29.74
CA PHE E 58 3.01 -13.87 29.27
C PHE E 58 3.81 -13.21 28.13
N GLY E 59 3.21 -12.20 27.53
CA GLY E 59 3.81 -11.50 26.41
C GLY E 59 3.91 -12.22 25.09
N LYS E 60 3.10 -13.23 24.88
CA LYS E 60 3.11 -14.01 23.67
C LYS E 60 1.61 -14.32 23.41
N HIS E 61 1.10 -14.45 22.17
CA HIS E 61 -0.31 -14.67 21.99
C HIS E 61 -0.64 -16.14 22.10
N LEU E 62 -1.80 -16.44 22.71
CA LEU E 62 -2.24 -17.81 22.83
C LEU E 62 -2.18 -18.53 21.55
N GLU E 63 -2.59 -17.90 20.48
CA GLU E 63 -2.55 -18.56 19.17
C GLU E 63 -1.20 -19.14 18.72
N ASP E 64 -0.16 -18.31 18.86
CA ASP E 64 1.17 -18.71 18.51
C ASP E 64 1.70 -19.89 19.32
N GLU E 65 1.35 -19.97 20.60
CA GLU E 65 1.71 -21.01 21.51
C GLU E 65 1.02 -22.28 21.06
N LEU E 66 -0.29 -22.27 20.72
CA LEU E 66 -0.98 -23.49 20.23
C LEU E 66 -0.47 -23.90 18.89
N LYS E 67 -0.05 -23.08 17.95
CA LYS E 67 0.47 -23.58 16.70
C LYS E 67 1.74 -24.36 16.89
N SER E 68 2.59 -23.96 17.83
CA SER E 68 3.81 -24.74 18.16
C SER E 68 3.52 -26.02 18.96
N GLU E 69 2.64 -25.98 19.96
CA GLU E 69 2.26 -27.18 20.61
C GLU E 69 1.39 -28.08 19.75
N LEU E 70 0.46 -27.63 18.88
CA LEU E 70 -0.43 -28.57 18.23
C LEU E 70 -0.12 -28.82 16.75
N SER E 71 -0.85 -29.79 16.21
CA SER E 71 -0.73 -30.24 14.83
C SER E 71 -2.05 -30.64 14.25
N GLY E 72 -2.06 -30.63 12.92
CA GLY E 72 -3.15 -31.13 12.09
C GLY E 72 -4.51 -30.64 12.47
N ASN E 73 -5.51 -31.51 12.45
CA ASN E 73 -6.87 -31.13 12.73
C ASN E 73 -7.16 -30.68 14.13
N TYR E 74 -6.46 -31.17 15.16
CA TYR E 74 -6.68 -30.60 16.48
C TYR E 74 -6.25 -29.10 16.49
N GLU E 75 -5.13 -28.75 15.82
CA GLU E 75 -4.65 -27.41 15.78
C GLU E 75 -5.68 -26.48 15.14
N ALA E 76 -6.28 -26.93 14.03
CA ALA E 76 -7.26 -26.23 13.22
C ALA E 76 -8.53 -26.06 14.03
N ALA E 77 -9.06 -27.09 14.67
CA ALA E 77 -10.27 -26.96 15.46
C ALA E 77 -10.06 -26.08 16.67
N ALA E 78 -8.90 -26.23 17.41
CA ALA E 78 -8.62 -25.41 18.62
C ALA E 78 -8.41 -23.92 18.22
N LEU E 79 -7.75 -23.59 17.15
CA LEU E 79 -7.67 -22.26 16.63
C LEU E 79 -9.03 -21.77 16.10
N ALA E 80 -9.88 -22.60 15.54
CA ALA E 80 -11.18 -22.14 15.08
C ALA E 80 -12.06 -21.58 16.20
N LEU E 81 -11.95 -22.22 17.34
CA LEU E 81 -12.72 -21.91 18.53
C LEU E 81 -12.28 -20.62 19.24
N LEU E 82 -11.02 -20.18 19.10
CA LEU E 82 -10.51 -18.90 19.57
C LEU E 82 -10.80 -17.72 18.63
N ARG E 83 -11.12 -17.91 17.32
CA ARG E 83 -11.48 -16.84 16.39
C ARG E 83 -12.76 -16.13 16.74
N LYS E 84 -12.81 -14.80 16.74
CA LYS E 84 -14.01 -14.01 16.96
C LYS E 84 -14.92 -14.47 15.78
N PRO E 85 -16.23 -14.63 15.97
CA PRO E 85 -17.12 -15.42 15.09
C PRO E 85 -17.27 -14.96 13.67
N ASP E 86 -17.23 -13.64 13.51
CA ASP E 86 -17.28 -12.85 12.30
C ASP E 86 -16.00 -13.03 11.51
N GLU E 87 -14.87 -13.02 12.19
CA GLU E 87 -13.56 -13.18 11.62
C GLU E 87 -13.37 -14.56 11.12
N PHE E 88 -13.87 -15.52 11.87
CA PHE E 88 -13.77 -16.89 11.46
C PHE E 88 -14.39 -17.05 10.09
N LEU E 89 -15.55 -16.49 9.84
CA LEU E 89 -16.24 -16.62 8.59
C LEU E 89 -15.60 -15.80 7.53
N ALA E 90 -15.12 -14.57 7.80
CA ALA E 90 -14.31 -13.85 6.82
C ALA E 90 -13.04 -14.64 6.41
N GLU E 91 -12.32 -15.29 7.35
CA GLU E 91 -11.17 -16.18 7.11
C GLU E 91 -11.52 -17.45 6.36
N GLN E 92 -12.64 -18.11 6.64
CA GLN E 92 -13.11 -19.23 5.83
C GLN E 92 -13.37 -18.78 4.39
N LEU E 93 -13.89 -17.57 4.12
CA LEU E 93 -14.15 -17.18 2.70
C LEU E 93 -12.84 -17.00 1.92
N HIS E 94 -11.89 -16.38 2.60
CA HIS E 94 -10.55 -16.24 2.11
C HIS E 94 -9.99 -17.62 1.74
N ALA E 95 -10.06 -18.60 2.62
CA ALA E 95 -9.54 -19.93 2.32
C ALA E 95 -10.25 -20.64 1.14
N ALA E 96 -11.55 -20.34 0.88
CA ALA E 96 -12.33 -20.93 -0.17
C ALA E 96 -11.91 -20.35 -1.48
N MET E 97 -11.61 -19.05 -1.49
CA MET E 97 -11.30 -18.35 -2.74
C MET E 97 -9.87 -18.37 -3.23
N LYS E 98 -8.97 -18.09 -2.27
CA LYS E 98 -7.59 -17.80 -2.65
C LYS E 98 -6.61 -18.97 -2.61
N GLY E 99 -7.02 -20.16 -2.99
CA GLY E 99 -6.09 -21.28 -3.04
C GLY E 99 -5.96 -21.77 -4.46
N LEU E 100 -5.68 -23.06 -4.57
CA LEU E 100 -5.75 -23.76 -5.86
C LEU E 100 -7.24 -24.16 -6.08
N GLY E 101 -7.94 -23.60 -7.05
CA GLY E 101 -9.34 -23.89 -7.17
C GLY E 101 -10.26 -23.01 -6.26
N THR E 102 -11.46 -23.53 -5.96
CA THR E 102 -12.48 -22.87 -5.18
C THR E 102 -13.23 -23.93 -4.35
N ASP E 103 -13.48 -23.63 -3.07
CA ASP E 103 -14.41 -24.43 -2.32
C ASP E 103 -15.71 -23.69 -2.55
N GLU E 104 -16.36 -23.95 -3.66
CA GLU E 104 -17.63 -23.33 -4.11
C GLU E 104 -18.66 -23.44 -3.00
N ASN E 105 -18.60 -24.55 -2.29
CA ASN E 105 -19.50 -24.95 -1.23
C ASN E 105 -19.27 -24.21 0.01
N ALA E 106 -18.04 -23.78 0.34
CA ALA E 106 -17.85 -22.92 1.50
C ALA E 106 -18.49 -21.57 1.27
N LEU E 107 -18.37 -21.05 0.05
CA LEU E 107 -18.94 -19.77 -0.31
C LEU E 107 -20.44 -19.78 -0.22
N ILE E 108 -21.10 -20.84 -0.62
CA ILE E 108 -22.54 -20.93 -0.54
C ILE E 108 -22.96 -21.12 0.89
N ASP E 109 -22.38 -22.02 1.71
CA ASP E 109 -22.68 -22.10 3.13
C ASP E 109 -22.60 -20.77 3.82
N ILE E 110 -21.68 -19.87 3.44
CA ILE E 110 -21.51 -18.67 4.22
C ILE E 110 -22.35 -17.54 3.73
N LEU E 111 -22.44 -17.41 2.39
CA LEU E 111 -23.11 -16.24 1.84
C LEU E 111 -24.61 -16.39 1.57
N CYS E 112 -24.99 -17.56 1.04
CA CYS E 112 -26.37 -17.86 0.76
C CYS E 112 -27.28 -18.22 1.94
N THR E 113 -26.80 -18.31 3.19
CA THR E 113 -27.67 -18.70 4.34
C THR E 113 -27.81 -17.66 5.48
N GLN E 114 -27.28 -16.46 5.16
CA GLN E 114 -27.09 -15.30 6.06
C GLN E 114 -28.14 -14.15 6.13
N SER E 115 -28.21 -13.41 7.26
CA SER E 115 -29.06 -12.22 7.24
C SER E 115 -28.34 -11.02 6.67
N ASN E 116 -29.11 -9.92 6.57
CA ASN E 116 -28.48 -8.71 6.06
C ASN E 116 -27.40 -8.26 6.98
N ALA E 117 -27.76 -8.16 8.28
CA ALA E 117 -26.81 -7.78 9.32
C ALA E 117 -25.61 -8.73 9.44
N GLN E 118 -25.73 -10.04 9.28
CA GLN E 118 -24.57 -10.91 9.32
C GLN E 118 -23.70 -10.73 8.10
N ILE E 119 -24.26 -10.49 6.90
CA ILE E 119 -23.46 -10.29 5.72
C ILE E 119 -22.59 -9.08 5.91
N HIS E 120 -23.24 -8.03 6.46
CA HIS E 120 -22.57 -6.78 6.70
C HIS E 120 -21.40 -6.93 7.62
N ALA E 121 -21.46 -7.82 8.61
CA ALA E 121 -20.36 -8.06 9.53
C ALA E 121 -19.32 -8.90 8.82
N ILE E 122 -19.62 -10.02 8.23
CA ILE E 122 -18.62 -10.77 7.44
C ILE E 122 -17.88 -9.87 6.41
N LYS E 123 -18.53 -8.98 5.68
CA LYS E 123 -17.84 -8.00 4.84
C LYS E 123 -16.80 -7.12 5.57
N ALA E 124 -17.20 -6.67 6.75
CA ALA E 124 -16.38 -5.81 7.55
C ALA E 124 -15.12 -6.47 8.14
N ALA E 125 -15.31 -7.61 8.76
CA ALA E 125 -14.24 -8.44 9.26
C ALA E 125 -13.28 -8.85 8.20
N PHE E 126 -13.70 -9.16 6.96
CA PHE E 126 -12.81 -9.41 5.85
C PHE E 126 -11.94 -8.19 5.48
N LYS E 127 -12.55 -7.02 5.35
CA LYS E 127 -11.79 -5.83 4.98
C LYS E 127 -10.74 -5.52 6.03
N LEU E 128 -11.13 -5.82 7.29
CA LEU E 128 -10.24 -5.64 8.43
C LEU E 128 -9.08 -6.60 8.49
N LEU E 129 -9.36 -7.88 8.37
CA LEU E 129 -8.31 -8.88 8.32
C LEU E 129 -7.46 -8.80 7.05
N TYR E 130 -8.06 -8.46 5.92
CA TYR E 130 -7.36 -8.67 4.67
C TYR E 130 -7.07 -7.45 3.93
N LYS E 131 -7.51 -6.26 4.40
CA LYS E 131 -7.39 -4.99 3.68
C LYS E 131 -8.13 -4.95 2.33
N GLU E 132 -8.46 -6.07 1.71
CA GLU E 132 -9.19 -6.07 0.49
C GLU E 132 -10.66 -6.10 0.75
N ASP E 133 -11.34 -5.92 -0.33
CA ASP E 133 -12.76 -5.78 -0.28
C ASP E 133 -13.39 -7.09 -0.72
N LEU E 134 -14.22 -7.75 0.10
CA LEU E 134 -14.82 -9.04 -0.26
C LEU E 134 -15.57 -9.08 -1.56
N GLU E 135 -16.34 -8.09 -1.92
CA GLU E 135 -17.08 -8.14 -3.18
C GLU E 135 -16.08 -8.09 -4.34
N LYS E 136 -15.05 -7.30 -4.16
CA LYS E 136 -14.04 -7.17 -5.17
C LYS E 136 -13.37 -8.54 -5.34
N GLU E 137 -13.11 -9.24 -4.25
CA GLU E 137 -12.48 -10.53 -4.28
C GLU E 137 -13.39 -11.57 -4.81
N ILE E 138 -14.70 -11.58 -4.53
CA ILE E 138 -15.65 -12.56 -5.06
C ILE E 138 -15.80 -12.32 -6.55
N ILE E 139 -15.91 -11.10 -7.01
CA ILE E 139 -15.89 -10.82 -8.44
C ILE E 139 -14.57 -11.26 -9.10
N SER E 140 -13.40 -11.31 -8.45
CA SER E 140 -12.17 -11.78 -9.07
C SER E 140 -12.11 -13.28 -9.17
N GLU E 141 -12.56 -13.95 -8.08
CA GLU E 141 -12.49 -15.38 -8.08
C GLU E 141 -13.74 -16.06 -8.61
N THR E 142 -14.87 -15.47 -9.05
CA THR E 142 -15.96 -16.32 -9.58
C THR E 142 -16.46 -15.78 -10.95
N SER E 143 -17.16 -16.53 -11.86
CA SER E 143 -17.74 -15.95 -13.08
C SER E 143 -19.23 -16.30 -13.26
N GLY E 144 -19.90 -15.57 -14.11
CA GLY E 144 -21.26 -15.90 -14.53
C GLY E 144 -22.38 -15.67 -13.52
N ASN E 145 -23.35 -16.53 -13.69
CA ASN E 145 -24.60 -16.56 -12.92
C ASN E 145 -24.34 -16.74 -11.44
N PHE E 146 -23.31 -17.55 -11.12
CA PHE E 146 -22.97 -17.83 -9.76
C PHE E 146 -22.45 -16.57 -9.15
N GLN E 147 -21.54 -15.89 -9.91
CA GLN E 147 -20.91 -14.65 -9.44
C GLN E 147 -22.02 -13.71 -9.09
N ARG E 148 -22.93 -13.52 -10.00
CA ARG E 148 -24.04 -12.62 -9.79
C ARG E 148 -24.95 -12.90 -8.61
N LEU E 149 -25.14 -14.12 -8.25
CA LEU E 149 -25.92 -14.47 -7.07
C LEU E 149 -25.06 -14.16 -5.86
N LEU E 150 -23.75 -14.38 -5.82
CA LEU E 150 -22.93 -14.03 -4.68
C LEU E 150 -22.75 -12.51 -4.54
N VAL E 151 -22.69 -11.73 -5.65
CA VAL E 151 -22.68 -10.26 -5.60
C VAL E 151 -24.03 -9.84 -5.08
N SER E 152 -25.18 -10.45 -5.38
CA SER E 152 -26.42 -10.09 -4.76
C SER E 152 -26.38 -10.27 -3.27
N MET E 153 -25.83 -11.43 -2.84
CA MET E 153 -25.82 -11.80 -1.43
C MET E 153 -25.04 -10.76 -0.67
N LEU E 154 -23.86 -10.39 -1.15
CA LEU E 154 -23.05 -9.37 -0.49
C LEU E 154 -23.63 -7.96 -0.34
N GLN E 155 -24.76 -7.60 -0.94
CA GLN E 155 -25.28 -6.26 -0.81
C GLN E 155 -26.00 -6.09 0.51
N GLY E 156 -26.52 -7.16 1.12
CA GLY E 156 -27.32 -6.96 2.32
C GLY E 156 -28.59 -6.16 1.94
N GLY E 157 -29.27 -6.48 0.83
CA GLY E 157 -30.46 -5.73 0.42
C GLY E 157 -31.81 -6.51 0.39
N ARG E 158 -31.94 -7.59 1.20
CA ARG E 158 -33.16 -8.40 1.18
C ARG E 158 -34.17 -7.54 1.87
N LYS E 159 -35.43 -7.53 1.38
CA LYS E 159 -36.42 -6.67 1.98
C LYS E 159 -37.01 -7.43 3.14
N GLU E 160 -36.26 -7.44 4.25
CA GLU E 160 -36.55 -8.28 5.40
C GLU E 160 -37.84 -8.07 6.20
N ASP E 161 -38.32 -6.83 6.03
CA ASP E 161 -39.55 -6.35 6.64
C ASP E 161 -40.74 -6.42 5.65
N GLU E 162 -40.57 -7.05 4.47
CA GLU E 162 -41.64 -7.21 3.50
C GLU E 162 -42.62 -8.19 4.15
N PRO E 163 -43.95 -7.93 4.05
CA PRO E 163 -44.99 -8.79 4.60
C PRO E 163 -45.56 -9.77 3.60
N VAL E 164 -46.00 -10.90 4.14
CA VAL E 164 -46.67 -11.94 3.39
C VAL E 164 -47.92 -11.35 2.76
N ASN E 165 -47.87 -11.26 1.43
CA ASN E 165 -49.00 -10.77 0.67
C ASN E 165 -49.27 -11.84 -0.37
N ALA E 166 -50.35 -12.57 -0.22
CA ALA E 166 -50.63 -13.68 -1.13
C ALA E 166 -50.82 -13.30 -2.57
N ALA E 167 -51.48 -12.20 -2.92
CA ALA E 167 -51.55 -11.79 -4.33
C ALA E 167 -50.17 -11.61 -4.99
N HIS E 168 -49.22 -11.05 -4.29
CA HIS E 168 -47.89 -10.91 -4.83
C HIS E 168 -47.14 -12.21 -4.78
N ALA E 169 -47.18 -13.00 -3.70
CA ALA E 169 -46.61 -14.33 -3.71
C ALA E 169 -47.01 -15.14 -4.96
N ALA E 170 -48.31 -15.10 -5.23
CA ALA E 170 -48.90 -15.62 -6.45
C ALA E 170 -48.37 -15.05 -7.76
N GLU E 171 -48.28 -13.71 -7.87
CA GLU E 171 -47.61 -13.02 -9.00
C GLU E 171 -46.14 -13.43 -9.20
N ASP E 172 -45.34 -13.63 -8.14
CA ASP E 172 -43.95 -13.98 -8.30
C ASP E 172 -43.77 -15.43 -8.59
N ALA E 173 -44.64 -16.25 -7.97
CA ALA E 173 -44.57 -17.66 -8.20
C ALA E 173 -44.87 -17.77 -9.68
N ALA E 174 -45.82 -17.03 -10.20
CA ALA E 174 -46.14 -17.18 -11.61
C ALA E 174 -44.98 -16.85 -12.57
N ALA E 175 -44.26 -15.78 -12.15
CA ALA E 175 -43.11 -15.22 -12.80
C ALA E 175 -41.94 -16.18 -12.84
N ILE E 176 -41.70 -16.88 -11.72
CA ILE E 176 -40.65 -17.90 -11.62
C ILE E 176 -41.05 -19.04 -12.56
N TYR E 177 -42.33 -19.44 -12.57
CA TYR E 177 -42.80 -20.53 -13.41
C TYR E 177 -42.47 -20.27 -14.88
N GLN E 178 -42.91 -19.12 -15.41
CA GLN E 178 -42.61 -18.78 -16.78
C GLN E 178 -41.12 -18.75 -17.08
N ALA E 179 -40.33 -18.48 -16.04
CA ALA E 179 -38.91 -18.31 -16.20
C ALA E 179 -38.22 -19.63 -16.42
N GLY E 180 -38.84 -20.62 -15.82
CA GLY E 180 -38.23 -21.89 -15.74
C GLY E 180 -38.98 -22.83 -16.62
N GLU E 181 -39.85 -23.53 -15.91
CA GLU E 181 -40.69 -24.59 -16.45
C GLU E 181 -41.45 -24.12 -17.64
N GLY E 182 -42.00 -22.91 -17.62
CA GLY E 182 -42.81 -22.40 -18.72
C GLY E 182 -42.07 -21.96 -20.00
N GLN E 183 -40.86 -22.44 -20.22
CA GLN E 183 -40.08 -22.10 -21.38
C GLN E 183 -38.91 -23.03 -21.45
N ILE E 184 -38.42 -23.06 -22.70
CA ILE E 184 -37.33 -23.96 -23.03
C ILE E 184 -36.11 -23.64 -22.14
N GLY E 185 -35.56 -22.43 -22.34
CA GLY E 185 -34.48 -21.95 -21.51
C GLY E 185 -34.93 -21.78 -20.05
N THR E 186 -34.18 -20.89 -19.44
CA THR E 186 -34.39 -20.50 -18.09
C THR E 186 -34.07 -19.01 -18.15
N ASP E 187 -34.95 -18.05 -17.76
CA ASP E 187 -34.48 -16.68 -17.52
C ASP E 187 -33.91 -16.75 -16.08
N GLU E 188 -32.57 -16.82 -15.90
CA GLU E 188 -32.03 -16.85 -14.55
C GLU E 188 -32.26 -15.54 -13.79
N SER E 189 -32.28 -14.36 -14.45
CA SER E 189 -32.50 -13.08 -13.76
C SER E 189 -33.70 -13.21 -12.86
N ARG E 190 -34.82 -13.78 -13.33
CA ARG E 190 -36.01 -13.97 -12.51
C ARG E 190 -35.86 -14.87 -11.28
N PHE E 191 -35.07 -15.96 -11.32
CA PHE E 191 -34.83 -16.78 -10.16
C PHE E 191 -34.02 -16.01 -9.15
N ASN E 192 -32.90 -15.44 -9.57
CA ASN E 192 -31.96 -14.60 -8.79
C ASN E 192 -32.65 -13.39 -8.18
N ALA E 193 -33.43 -12.63 -8.95
CA ALA E 193 -34.17 -11.51 -8.46
C ALA E 193 -35.19 -11.84 -7.35
N VAL E 194 -36.09 -12.79 -7.52
CA VAL E 194 -37.04 -13.13 -6.50
C VAL E 194 -36.31 -13.77 -5.30
N LEU E 195 -35.41 -14.72 -5.48
CA LEU E 195 -34.86 -15.36 -4.28
C LEU E 195 -33.88 -14.50 -3.50
N ALA E 196 -33.44 -13.39 -4.14
CA ALA E 196 -32.52 -12.50 -3.50
C ALA E 196 -33.16 -11.29 -2.83
N THR E 197 -34.34 -10.86 -3.26
CA THR E 197 -34.94 -9.69 -2.63
C THR E 197 -36.13 -9.90 -1.73
N ARG E 198 -36.93 -10.95 -1.89
CA ARG E 198 -38.13 -11.05 -1.08
C ARG E 198 -37.88 -11.50 0.36
N SER E 199 -38.65 -11.12 1.37
CA SER E 199 -38.40 -11.56 2.72
C SER E 199 -38.52 -13.07 2.89
N TYR E 200 -37.91 -13.72 3.92
CA TYR E 200 -38.08 -15.17 4.06
C TYR E 200 -39.54 -15.61 4.29
N PRO E 201 -40.42 -15.00 5.13
CA PRO E 201 -41.86 -15.19 5.20
C PRO E 201 -42.55 -15.08 3.87
N GLN E 202 -42.23 -14.11 3.02
CA GLN E 202 -42.88 -13.99 1.76
C GLN E 202 -42.43 -15.14 0.84
N LEU E 203 -41.16 -15.53 1.02
CA LEU E 203 -40.62 -16.51 0.11
C LEU E 203 -41.35 -17.81 0.33
N HIS E 204 -41.66 -18.12 1.59
CA HIS E 204 -42.37 -19.34 1.96
C HIS E 204 -43.75 -19.46 1.28
N GLN E 205 -44.44 -18.34 1.37
CA GLN E 205 -45.71 -18.15 0.71
C GLN E 205 -45.57 -18.39 -0.80
N ILE E 206 -44.52 -17.86 -1.44
CA ILE E 206 -44.33 -18.10 -2.87
C ILE E 206 -44.18 -19.58 -3.13
N PHE E 207 -43.46 -20.31 -2.29
CA PHE E 207 -43.11 -21.68 -2.64
C PHE E 207 -44.38 -22.49 -2.69
N HIS E 208 -45.21 -22.14 -1.69
CA HIS E 208 -46.58 -22.65 -1.60
C HIS E 208 -47.39 -22.23 -2.82
N GLU E 209 -47.43 -21.00 -3.28
CA GLU E 209 -48.14 -20.64 -4.52
C GLU E 209 -47.60 -21.41 -5.72
N TYR E 210 -46.29 -21.68 -5.76
CA TYR E 210 -45.65 -22.39 -6.85
C TYR E 210 -46.12 -23.82 -7.00
N SER E 211 -46.35 -24.51 -5.89
CA SER E 211 -46.77 -25.89 -5.99
C SER E 211 -48.22 -25.99 -6.45
N LYS E 212 -49.01 -24.92 -6.29
CA LYS E 212 -50.38 -24.95 -6.74
C LYS E 212 -50.42 -24.71 -8.24
N ILE E 213 -49.45 -24.02 -8.85
CA ILE E 213 -49.51 -23.87 -10.30
C ILE E 213 -48.70 -24.95 -11.00
N SER E 214 -47.70 -25.54 -10.37
CA SER E 214 -46.80 -26.46 -11.05
C SER E 214 -47.15 -27.79 -10.43
N ASN E 215 -46.63 -28.83 -11.07
CA ASN E 215 -46.75 -30.11 -10.39
C ASN E 215 -45.43 -30.49 -9.68
N LYS E 216 -44.38 -29.66 -9.83
CA LYS E 216 -43.11 -29.90 -9.20
C LYS E 216 -42.95 -28.85 -8.12
N THR E 217 -42.13 -29.19 -7.13
CA THR E 217 -41.81 -28.23 -6.13
C THR E 217 -40.76 -27.29 -6.74
N ILE E 218 -40.59 -26.11 -6.11
CA ILE E 218 -39.56 -25.17 -6.54
C ILE E 218 -38.15 -25.85 -6.48
N LEU E 219 -37.87 -26.68 -5.47
CA LEU E 219 -36.66 -27.44 -5.43
C LEU E 219 -36.47 -28.28 -6.70
N GLN E 220 -37.37 -29.24 -7.03
CA GLN E 220 -37.33 -29.97 -8.27
C GLN E 220 -37.18 -28.98 -9.43
N ALA E 221 -38.01 -27.91 -9.60
CA ALA E 221 -37.86 -26.98 -10.73
C ALA E 221 -36.42 -26.42 -10.74
N ILE E 222 -35.72 -26.12 -9.59
CA ILE E 222 -34.37 -25.56 -9.63
C ILE E 222 -33.41 -26.64 -10.07
N GLU E 223 -33.59 -27.80 -9.44
CA GLU E 223 -32.88 -29.01 -9.73
C GLU E 223 -32.87 -29.35 -11.21
N ASN E 224 -33.90 -28.95 -11.94
CA ASN E 224 -33.98 -29.32 -13.36
C ASN E 224 -33.54 -28.25 -14.34
N GLU E 225 -33.97 -27.00 -14.06
CA GLU E 225 -33.64 -25.84 -14.86
C GLU E 225 -32.19 -25.36 -14.70
N PHE E 226 -31.52 -25.68 -13.59
CA PHE E 226 -30.18 -25.22 -13.30
C PHE E 226 -29.14 -26.32 -13.20
N SER E 227 -27.87 -25.94 -13.31
CA SER E 227 -26.74 -26.85 -13.15
C SER E 227 -25.56 -26.31 -12.32
N GLY E 228 -24.85 -27.19 -11.61
CA GLY E 228 -23.63 -26.84 -10.90
C GLY E 228 -23.86 -25.88 -9.75
N ASP E 229 -22.83 -25.02 -9.69
CA ASP E 229 -22.71 -23.98 -8.67
C ASP E 229 -23.95 -23.16 -8.48
N ILE E 230 -24.55 -22.60 -9.52
CA ILE E 230 -25.70 -21.77 -9.33
C ILE E 230 -26.89 -22.61 -8.86
N LYS E 231 -27.04 -23.86 -9.30
CA LYS E 231 -28.10 -24.77 -8.87
C LYS E 231 -27.96 -24.96 -7.38
N ASN E 232 -26.76 -25.15 -6.83
CA ASN E 232 -26.59 -25.37 -5.40
C ASN E 232 -26.70 -24.05 -4.66
N GLY E 233 -26.35 -22.90 -5.28
CA GLY E 233 -26.51 -21.59 -4.71
C GLY E 233 -27.97 -21.30 -4.43
N LEU E 234 -28.79 -21.48 -5.48
CA LEU E 234 -30.21 -21.29 -5.39
C LEU E 234 -30.89 -22.32 -4.50
N LEU E 235 -30.49 -23.60 -4.51
CA LEU E 235 -31.10 -24.48 -3.55
C LEU E 235 -30.71 -24.21 -2.08
N ALA E 236 -29.54 -23.61 -1.76
CA ALA E 236 -29.22 -23.23 -0.42
C ALA E 236 -30.20 -22.19 0.15
N ILE E 237 -30.67 -21.26 -0.67
CA ILE E 237 -31.60 -20.24 -0.24
C ILE E 237 -32.94 -20.86 -0.01
N VAL E 238 -33.44 -21.71 -0.94
CA VAL E 238 -34.72 -22.39 -0.75
C VAL E 238 -34.62 -23.25 0.52
N LYS E 239 -33.57 -24.04 0.72
CA LYS E 239 -33.46 -24.79 1.96
C LYS E 239 -33.26 -23.93 3.17
N SER E 240 -32.60 -22.76 3.16
CA SER E 240 -32.60 -21.86 4.32
C SER E 240 -33.98 -21.31 4.67
N VAL E 241 -34.89 -21.09 3.67
CA VAL E 241 -36.19 -20.51 3.97
C VAL E 241 -37.09 -21.54 4.56
N GLU E 242 -37.02 -22.75 3.99
CA GLU E 242 -37.88 -23.82 4.45
C GLU E 242 -37.40 -24.38 5.75
N ASN E 243 -36.15 -24.79 5.86
CA ASN E 243 -35.62 -25.31 7.11
C ASN E 243 -34.08 -25.30 7.11
N ARG E 244 -33.61 -24.28 7.80
CA ARG E 244 -32.17 -24.06 7.96
C ARG E 244 -31.47 -25.20 8.69
N PHE E 245 -32.05 -25.76 9.76
CA PHE E 245 -31.41 -26.82 10.50
C PHE E 245 -31.21 -28.05 9.61
N ALA E 246 -32.16 -28.38 8.73
CA ALA E 246 -32.01 -29.48 7.80
C ALA E 246 -30.90 -29.16 6.78
N TYR E 247 -30.76 -27.91 6.30
CA TYR E 247 -29.69 -27.55 5.37
C TYR E 247 -28.38 -27.93 6.04
N PHE E 248 -28.11 -27.49 7.26
CA PHE E 248 -26.86 -27.86 7.88
C PHE E 248 -26.76 -29.28 8.26
N ALA E 249 -27.79 -29.98 8.72
CA ALA E 249 -27.74 -31.40 9.04
C ALA E 249 -27.36 -32.24 7.85
N GLU E 250 -27.70 -31.78 6.66
CA GLU E 250 -27.40 -32.38 5.38
C GLU E 250 -25.96 -32.09 5.10
N ARG E 251 -25.54 -30.81 5.13
CA ARG E 251 -24.16 -30.47 4.86
C ARG E 251 -23.16 -31.26 5.72
N LEU E 252 -23.51 -31.42 6.99
CA LEU E 252 -22.73 -32.19 7.98
C LEU E 252 -22.67 -33.66 7.68
N HIS E 253 -23.79 -34.21 7.19
CA HIS E 253 -23.89 -35.62 6.85
C HIS E 253 -22.97 -35.93 5.67
N HIS E 254 -22.92 -35.03 4.73
CA HIS E 254 -22.10 -35.23 3.55
C HIS E 254 -20.63 -35.03 3.92
N ALA E 255 -20.27 -34.24 4.97
CA ALA E 255 -18.89 -34.04 5.38
C ALA E 255 -18.30 -35.32 5.90
N MET E 256 -19.13 -36.05 6.59
CA MET E 256 -18.80 -37.34 7.15
C MET E 256 -19.08 -38.51 6.24
N LYS E 257 -19.53 -38.34 5.01
CA LYS E 257 -19.84 -39.52 4.22
C LYS E 257 -18.64 -40.11 3.55
N GLY E 258 -18.79 -41.44 3.39
CA GLY E 258 -17.76 -42.26 2.79
C GLY E 258 -16.44 -42.28 3.55
N LEU E 259 -15.46 -42.59 2.68
CA LEU E 259 -14.08 -42.71 3.07
C LEU E 259 -13.60 -41.35 3.54
N GLY E 260 -12.80 -41.33 4.62
CA GLY E 260 -12.34 -40.07 5.21
C GLY E 260 -13.49 -39.17 5.66
N THR E 261 -13.13 -37.89 5.87
CA THR E 261 -13.99 -36.83 6.37
C THR E 261 -13.63 -35.51 5.64
N SER E 262 -14.59 -34.61 5.51
CA SER E 262 -14.31 -33.26 5.07
C SER E 262 -14.47 -32.46 6.36
N ASP E 263 -13.33 -32.48 7.05
CA ASP E 263 -13.06 -31.82 8.32
C ASP E 263 -13.21 -30.34 8.33
N LYS E 264 -13.03 -29.80 7.13
CA LYS E 264 -13.00 -28.39 6.81
C LYS E 264 -14.44 -27.96 6.95
N THR E 265 -15.36 -28.72 6.38
CA THR E 265 -16.79 -28.45 6.60
C THR E 265 -17.19 -28.78 8.07
N LEU E 266 -16.74 -29.91 8.59
CA LEU E 266 -17.08 -30.40 9.90
C LEU E 266 -16.68 -29.38 10.93
N ILE E 267 -15.43 -28.90 11.00
CA ILE E 267 -14.98 -27.83 11.90
C ILE E 267 -15.77 -26.57 11.57
N ARG E 268 -15.84 -26.10 10.35
CA ARG E 268 -16.63 -24.92 10.06
C ARG E 268 -18.07 -24.96 10.53
N ILE E 269 -18.92 -25.95 10.39
CA ILE E 269 -20.32 -25.83 10.76
C ILE E 269 -20.50 -25.98 12.25
N LEU E 270 -19.72 -26.91 12.85
CA LEU E 270 -19.89 -27.18 14.25
C LEU E 270 -19.50 -26.01 15.10
N VAL E 271 -18.34 -25.43 14.78
CA VAL E 271 -17.86 -24.23 15.48
C VAL E 271 -18.78 -23.03 15.12
N SER E 272 -19.14 -22.65 13.89
CA SER E 272 -20.01 -21.52 13.73
C SER E 272 -21.44 -21.62 14.27
N ARG E 273 -22.08 -22.78 14.28
CA ARG E 273 -23.43 -22.86 14.81
C ARG E 273 -23.47 -23.25 16.29
N SER E 274 -22.35 -23.58 16.94
CA SER E 274 -22.29 -24.05 18.30
C SER E 274 -22.97 -23.12 19.28
N GLU E 275 -22.92 -21.81 19.16
CA GLU E 275 -23.70 -20.97 20.04
C GLU E 275 -25.00 -20.43 19.39
N ILE E 276 -25.43 -20.82 18.16
CA ILE E 276 -26.67 -20.34 17.55
C ILE E 276 -27.77 -21.42 17.54
N ASP E 277 -27.60 -22.53 16.84
CA ASP E 277 -28.63 -23.50 16.74
C ASP E 277 -28.14 -24.91 16.54
N LEU E 278 -26.97 -25.24 17.08
CA LEU E 278 -26.45 -26.59 16.91
C LEU E 278 -27.37 -27.56 17.61
N ALA E 279 -28.08 -27.22 18.70
CA ALA E 279 -28.93 -28.16 19.37
C ALA E 279 -30.04 -28.54 18.36
N ASN E 280 -30.77 -27.61 17.74
CA ASN E 280 -31.71 -27.90 16.68
C ASN E 280 -31.11 -28.79 15.49
N ILE E 281 -29.98 -28.40 14.90
CA ILE E 281 -29.31 -29.12 13.82
C ILE E 281 -29.08 -30.53 14.31
N LYS E 282 -28.80 -30.73 15.59
CA LYS E 282 -28.57 -32.07 16.11
C LYS E 282 -29.83 -32.96 16.12
N GLU E 283 -31.03 -32.41 16.47
CA GLU E 283 -32.30 -33.11 16.50
C GLU E 283 -32.72 -33.41 15.06
N THR E 284 -32.53 -32.48 14.12
CA THR E 284 -32.85 -32.67 12.72
C THR E 284 -31.96 -33.73 12.08
N PHE E 285 -30.69 -33.82 12.52
CA PHE E 285 -29.73 -34.79 12.02
C PHE E 285 -30.29 -36.15 12.32
N GLN E 286 -30.53 -36.43 13.60
CA GLN E 286 -31.03 -37.69 14.13
C GLN E 286 -32.31 -38.13 13.42
N ALA E 287 -33.28 -37.22 13.37
CA ALA E 287 -34.55 -37.36 12.70
C ALA E 287 -34.35 -37.74 11.27
N MET E 288 -33.46 -37.12 10.56
CA MET E 288 -33.24 -37.40 9.14
C MET E 288 -32.32 -38.57 8.96
N TYR E 289 -31.38 -38.84 9.84
CA TYR E 289 -30.36 -39.81 9.51
C TYR E 289 -30.25 -41.14 10.24
N GLY E 290 -30.97 -41.33 11.35
CA GLY E 290 -30.95 -42.58 12.08
C GLY E 290 -30.09 -42.47 13.32
N LYS E 291 -28.79 -42.30 13.06
CA LYS E 291 -27.77 -42.13 14.10
C LYS E 291 -27.75 -40.70 14.61
N SER E 292 -27.09 -40.48 15.74
CA SER E 292 -26.91 -39.18 16.32
C SER E 292 -25.72 -38.49 15.67
N LEU E 293 -25.69 -37.15 15.79
CA LEU E 293 -24.54 -36.38 15.29
C LEU E 293 -23.31 -36.82 16.09
N TYR E 294 -23.49 -37.05 17.40
CA TYR E 294 -22.40 -37.46 18.27
C TYR E 294 -21.80 -38.77 17.80
N GLU E 295 -22.64 -39.76 17.60
CA GLU E 295 -22.24 -41.07 17.13
C GLU E 295 -21.56 -40.96 15.80
N PHE E 296 -22.00 -40.07 14.88
CA PHE E 296 -21.36 -39.94 13.60
C PHE E 296 -19.93 -39.48 13.73
N ILE E 297 -19.66 -38.47 14.56
CA ILE E 297 -18.34 -37.85 14.69
C ILE E 297 -17.45 -38.91 15.32
N ALA E 298 -17.95 -39.54 16.38
CA ALA E 298 -17.21 -40.57 17.10
C ALA E 298 -16.64 -41.63 16.19
N ASP E 299 -17.36 -42.05 15.17
CA ASP E 299 -16.88 -43.01 14.17
C ASP E 299 -15.95 -42.42 13.13
N ASP E 300 -16.25 -41.29 12.49
CA ASP E 300 -15.40 -40.77 11.43
C ASP E 300 -14.13 -40.13 11.97
N CYS E 301 -14.10 -39.48 13.12
CA CYS E 301 -12.93 -38.78 13.63
C CYS E 301 -12.01 -39.53 14.59
N SER E 302 -10.87 -39.01 15.01
CA SER E 302 -10.04 -39.69 15.99
C SER E 302 -9.17 -38.73 16.82
N GLY E 303 -8.45 -39.29 17.82
CA GLY E 303 -7.54 -38.61 18.74
C GLY E 303 -8.31 -37.59 19.53
N ASP E 304 -7.54 -36.59 19.93
CA ASP E 304 -8.08 -35.42 20.62
C ASP E 304 -9.00 -34.62 19.72
N TYR E 305 -8.83 -34.68 18.40
CA TYR E 305 -9.66 -33.95 17.45
C TYR E 305 -11.08 -34.35 17.74
N LYS E 306 -11.32 -35.66 17.65
CA LYS E 306 -12.58 -36.31 17.98
C LYS E 306 -13.12 -35.87 19.31
N ASP E 307 -12.37 -35.79 20.40
CA ASP E 307 -12.86 -35.36 21.69
C ASP E 307 -13.33 -33.95 21.74
N LEU E 308 -12.52 -33.01 21.25
CA LEU E 308 -12.84 -31.60 21.18
C LEU E 308 -14.15 -31.49 20.46
N LEU E 309 -14.30 -32.23 19.35
CA LEU E 309 -15.46 -32.10 18.53
C LEU E 309 -16.63 -32.64 19.25
N LEU E 310 -16.48 -33.76 19.94
CA LEU E 310 -17.59 -34.37 20.70
C LEU E 310 -17.92 -33.50 21.93
N GLN E 311 -17.01 -32.73 22.54
CA GLN E 311 -17.37 -31.83 23.62
C GLN E 311 -18.21 -30.61 23.15
N ILE E 312 -17.79 -30.00 22.02
CA ILE E 312 -18.51 -28.91 21.42
C ILE E 312 -19.90 -29.46 21.12
N THR E 313 -20.01 -30.64 20.50
CA THR E 313 -21.33 -31.11 20.11
C THR E 313 -22.24 -31.59 21.25
N GLY E 314 -21.70 -32.36 22.17
CA GLY E 314 -22.43 -32.93 23.28
C GLY E 314 -23.17 -34.14 22.76
N HIS E 315 -23.90 -34.88 23.61
CA HIS E 315 -24.65 -36.07 23.20
C HIS E 315 -26.02 -35.62 22.71
N VAL F 1 -1.75 17.78 45.57
CA VAL F 1 -2.53 17.68 44.36
C VAL F 1 -1.42 17.42 43.33
N VAL F 2 -1.78 16.80 42.20
CA VAL F 2 -0.83 16.47 41.15
C VAL F 2 -1.30 17.40 40.04
N GLN F 3 -0.34 18.12 39.49
CA GLN F 3 -0.61 19.11 38.49
C GLN F 3 0.67 19.43 37.73
N GLY F 4 0.49 19.90 36.50
CA GLY F 4 1.61 20.25 35.65
C GLY F 4 1.96 21.70 35.89
N THR F 5 2.96 22.18 35.15
CA THR F 5 3.47 23.54 35.18
C THR F 5 2.86 24.44 34.13
N VAL F 6 1.99 23.95 33.19
CA VAL F 6 1.52 24.78 32.10
C VAL F 6 0.04 24.79 32.28
N LYS F 7 -0.43 26.03 32.32
CA LYS F 7 -1.85 26.31 32.55
C LYS F 7 -2.28 27.15 31.33
N PRO F 8 -3.53 27.00 30.85
CA PRO F 8 -4.11 27.80 29.79
C PRO F 8 -4.12 29.29 30.01
N HIS F 9 -3.71 29.93 28.96
CA HIS F 9 -3.68 31.36 28.89
C HIS F 9 -5.13 31.82 28.92
N ALA F 10 -5.38 32.75 29.84
CA ALA F 10 -6.65 33.40 30.04
C ALA F 10 -6.68 34.57 29.05
N SER F 11 -7.81 34.82 28.36
CA SER F 11 -7.92 35.84 27.31
C SER F 11 -6.95 35.53 26.19
N PHE F 12 -7.25 34.37 25.64
CA PHE F 12 -6.45 33.77 24.58
C PHE F 12 -7.18 34.08 23.27
N ASN F 13 -6.47 34.48 22.23
CA ASN F 13 -7.13 34.58 20.95
C ASN F 13 -6.19 33.98 19.89
N SER F 14 -6.58 32.85 19.34
CA SER F 14 -5.77 32.14 18.36
C SER F 14 -5.43 32.90 17.12
N ARG F 15 -6.34 33.78 16.66
CA ARG F 15 -6.13 34.61 15.47
C ARG F 15 -5.01 35.59 15.78
N GLU F 16 -5.00 36.17 16.95
CA GLU F 16 -4.00 37.19 17.30
C GLU F 16 -2.62 36.56 17.50
N ASP F 17 -2.63 35.37 18.12
CA ASP F 17 -1.41 34.63 18.39
C ASP F 17 -0.87 34.10 17.10
N ALA F 18 -1.68 33.64 16.17
CA ALA F 18 -1.19 33.29 14.85
C ALA F 18 -0.54 34.47 14.11
N GLU F 19 -1.14 35.64 14.22
CA GLU F 19 -0.63 36.85 13.60
C GLU F 19 0.64 37.27 14.27
N THR F 20 0.79 37.16 15.57
CA THR F 20 2.03 37.44 16.27
C THR F 20 3.16 36.48 15.87
N LEU F 21 2.92 35.22 15.67
CA LEU F 21 3.98 34.33 15.22
C LEU F 21 4.42 34.74 13.79
N ARG F 22 3.47 35.04 12.88
CA ARG F 22 3.79 35.44 11.53
C ARG F 22 4.70 36.64 11.58
N LYS F 23 4.38 37.66 12.44
CA LYS F 23 5.22 38.84 12.61
C LYS F 23 6.54 38.41 13.22
N ALA F 24 6.69 37.54 14.19
CA ALA F 24 7.98 37.11 14.71
C ALA F 24 8.89 36.36 13.75
N MET F 25 8.42 35.83 12.65
CA MET F 25 9.27 35.18 11.68
C MET F 25 9.48 36.04 10.45
N LYS F 26 8.60 37.01 10.16
CA LYS F 26 8.69 37.84 8.97
C LYS F 26 10.08 38.46 8.84
N GLY F 27 10.53 38.43 7.61
CA GLY F 27 11.83 38.97 7.35
C GLY F 27 12.97 38.02 7.71
N ILE F 28 14.11 38.70 7.63
CA ILE F 28 15.41 38.09 7.86
C ILE F 28 15.44 38.01 9.39
N GLY F 29 16.06 36.94 9.88
CA GLY F 29 15.98 36.69 11.31
C GLY F 29 14.61 36.12 11.65
N THR F 30 14.44 36.09 12.96
CA THR F 30 13.34 35.48 13.69
C THR F 30 13.37 36.16 15.05
N ASP F 31 12.25 36.30 15.72
CA ASP F 31 12.21 36.89 17.05
C ASP F 31 11.82 35.71 17.96
N GLU F 32 12.90 35.11 18.45
CA GLU F 32 12.76 33.88 19.17
C GLU F 32 12.13 34.07 20.47
N LYS F 33 12.30 35.24 21.02
CA LYS F 33 11.77 35.57 22.36
C LYS F 33 10.25 35.62 22.29
N SER F 34 9.71 35.97 21.11
CA SER F 34 8.29 36.02 20.91
C SER F 34 7.70 34.64 20.63
N ILE F 35 8.47 33.79 19.98
CA ILE F 35 7.99 32.43 19.69
C ILE F 35 8.02 31.67 21.01
N THR F 36 9.15 31.69 21.72
CA THR F 36 9.22 31.15 23.05
C THR F 36 8.07 31.57 23.96
N HIS F 37 7.68 32.83 23.89
CA HIS F 37 6.66 33.34 24.80
C HIS F 37 5.32 32.80 24.42
N ILE F 38 4.93 32.72 23.17
CA ILE F 38 3.61 32.20 22.93
C ILE F 38 3.50 30.69 23.16
N LEU F 39 4.46 29.92 22.68
CA LEU F 39 4.45 28.47 22.83
C LEU F 39 4.50 28.05 24.26
N ALA F 40 5.39 28.67 25.05
CA ALA F 40 5.48 28.30 26.47
C ALA F 40 4.32 28.79 27.38
N THR F 41 3.53 29.82 27.05
CA THR F 41 2.44 30.27 27.95
C THR F 41 0.99 30.05 27.52
N ARG F 42 0.84 29.06 26.62
CA ARG F 42 -0.44 28.61 26.04
C ARG F 42 -0.53 27.13 26.32
N SER F 43 -1.68 26.64 26.71
CA SER F 43 -1.70 25.19 26.93
C SER F 43 -1.70 24.47 25.56
N ASN F 44 -1.42 23.18 25.50
CA ASN F 44 -1.40 22.45 24.26
C ASN F 44 -2.69 22.56 23.45
N ALA F 45 -3.86 22.76 24.02
CA ALA F 45 -5.04 22.81 23.21
C ALA F 45 -5.21 24.17 22.62
N GLN F 46 -4.63 25.17 23.28
CA GLN F 46 -4.61 26.51 22.72
C GLN F 46 -3.65 26.48 21.56
N ARG F 47 -2.50 25.82 21.67
CA ARG F 47 -1.52 25.73 20.62
C ARG F 47 -2.18 25.07 19.45
N GLN F 48 -3.03 24.06 19.62
CA GLN F 48 -3.64 23.48 18.45
C GLN F 48 -4.60 24.48 17.77
N GLN F 49 -5.30 25.34 18.53
CA GLN F 49 -6.15 26.35 17.92
C GLN F 49 -5.32 27.39 17.21
N ILE F 50 -4.15 27.78 17.69
CA ILE F 50 -3.25 28.71 17.01
C ILE F 50 -2.85 28.13 15.67
N LYS F 51 -2.62 26.81 15.64
CA LYS F 51 -2.23 26.09 14.44
C LYS F 51 -3.25 26.10 13.32
N THR F 52 -4.52 25.87 13.58
CA THR F 52 -5.55 25.98 12.58
C THR F 52 -5.65 27.40 12.02
N ASP F 53 -5.70 28.45 12.90
CA ASP F 53 -5.80 29.79 12.43
C ASP F 53 -4.56 30.20 11.66
N TYR F 54 -3.34 29.74 11.92
CA TYR F 54 -2.19 30.09 11.14
C TYR F 54 -2.40 29.58 9.74
N THR F 55 -2.71 28.31 9.56
CA THR F 55 -2.86 27.74 8.22
C THR F 55 -4.05 28.39 7.54
N THR F 56 -5.16 28.77 8.18
CA THR F 56 -6.29 29.34 7.44
C THR F 56 -5.96 30.79 7.04
N LEU F 57 -5.33 31.61 7.90
CA LEU F 57 -4.88 32.95 7.57
C LEU F 57 -3.75 32.91 6.50
N PHE F 58 -2.70 32.13 6.64
CA PHE F 58 -1.62 32.21 5.70
C PHE F 58 -1.39 31.10 4.68
N GLY F 59 -2.11 29.99 4.74
CA GLY F 59 -2.01 28.91 3.79
C GLY F 59 -0.72 28.09 3.83
N LYS F 60 0.02 28.12 4.92
CA LYS F 60 1.23 27.35 5.10
C LYS F 60 1.08 26.85 6.52
N HIS F 61 1.58 25.64 6.85
CA HIS F 61 1.48 25.24 8.25
C HIS F 61 2.59 25.87 9.11
N LEU F 62 2.22 26.20 10.34
CA LEU F 62 3.13 26.74 11.33
C LEU F 62 4.40 25.90 11.52
N GLU F 63 4.30 24.59 11.61
CA GLU F 63 5.43 23.70 11.65
C GLU F 63 6.50 23.89 10.54
N ASP F 64 6.02 24.03 9.28
CA ASP F 64 6.89 24.20 8.13
C ASP F 64 7.67 25.52 8.17
N GLU F 65 7.00 26.52 8.75
CA GLU F 65 7.53 27.83 8.97
C GLU F 65 8.61 27.73 10.04
N LEU F 66 8.32 27.10 11.19
CA LEU F 66 9.36 27.01 12.19
C LEU F 66 10.51 26.17 11.68
N LYS F 67 10.41 25.05 10.97
CA LYS F 67 11.61 24.34 10.52
C LYS F 67 12.58 25.20 9.68
N SER F 68 12.03 26.10 8.89
CA SER F 68 12.86 27.04 8.17
C SER F 68 13.43 28.15 9.05
N GLU F 69 12.67 28.70 10.02
CA GLU F 69 13.23 29.73 10.84
C GLU F 69 14.13 29.21 11.92
N LEU F 70 13.89 28.02 12.48
CA LEU F 70 14.71 27.52 13.59
C LEU F 70 15.68 26.40 13.20
N SER F 71 16.55 26.18 14.19
CA SER F 71 17.61 25.16 14.17
C SER F 71 17.81 24.43 15.48
N GLY F 72 18.48 23.30 15.34
CA GLY F 72 18.82 22.42 16.45
C GLY F 72 17.72 22.11 17.52
N ASN F 73 18.21 22.15 18.76
CA ASN F 73 17.40 21.89 19.91
C ASN F 73 16.25 22.84 20.14
N TYR F 74 16.34 24.12 19.81
CA TYR F 74 15.20 25.01 19.92
C TYR F 74 14.12 24.59 18.91
N GLU F 75 14.50 24.18 17.65
CA GLU F 75 13.56 23.73 16.64
C GLU F 75 12.84 22.51 17.17
N ALA F 76 13.60 21.60 17.80
CA ALA F 76 13.12 20.33 18.26
C ALA F 76 12.23 20.58 19.39
N ALA F 77 12.56 21.36 20.39
CA ALA F 77 11.67 21.60 21.51
C ALA F 77 10.44 22.39 21.10
N ALA F 78 10.50 23.38 20.22
CA ALA F 78 9.40 24.23 19.78
C ALA F 78 8.42 23.39 19.04
N LEU F 79 8.90 22.49 18.21
CA LEU F 79 8.10 21.57 17.44
C LEU F 79 7.55 20.48 18.37
N ALA F 80 8.15 20.07 19.49
CA ALA F 80 7.58 19.08 20.38
C ALA F 80 6.27 19.57 21.01
N LEU F 81 6.27 20.89 21.25
CA LEU F 81 5.25 21.63 21.98
C LEU F 81 3.93 21.85 21.20
N LEU F 82 4.05 21.68 19.89
CA LEU F 82 2.96 21.84 18.96
C LEU F 82 2.31 20.48 18.62
N ARG F 83 2.97 19.35 18.89
CA ARG F 83 2.42 18.04 18.63
C ARG F 83 1.28 17.74 19.61
N LYS F 84 0.28 17.02 19.10
CA LYS F 84 -0.87 16.62 19.90
C LYS F 84 -0.23 15.61 20.80
N PRO F 85 -0.61 15.44 22.05
CA PRO F 85 0.16 14.73 23.06
C PRO F 85 0.45 13.26 22.83
N ASP F 86 -0.54 12.62 22.28
CA ASP F 86 -0.61 11.21 21.92
C ASP F 86 0.26 10.92 20.72
N GLU F 87 0.33 11.90 19.81
CA GLU F 87 1.13 11.87 18.60
C GLU F 87 2.61 12.10 18.84
N PHE F 88 2.88 12.92 19.81
CA PHE F 88 4.23 13.13 20.21
C PHE F 88 4.81 11.85 20.76
N LEU F 89 4.11 11.07 21.54
CA LEU F 89 4.68 9.84 22.11
C LEU F 89 4.70 8.84 21.01
N ALA F 90 3.74 8.77 20.10
CA ALA F 90 3.75 7.79 19.01
C ALA F 90 4.95 8.01 18.10
N GLU F 91 5.35 9.27 17.95
CA GLU F 91 6.49 9.69 17.18
C GLU F 91 7.73 9.37 18.00
N GLN F 92 7.90 9.70 19.28
CA GLN F 92 9.03 9.31 20.11
C GLN F 92 9.34 7.85 20.10
N LEU F 93 8.34 6.99 20.02
CA LEU F 93 8.53 5.56 19.86
C LEU F 93 9.16 5.14 18.51
N HIS F 94 8.64 5.76 17.47
CA HIS F 94 9.09 5.59 16.13
C HIS F 94 10.55 5.97 16.03
N ALA F 95 10.89 7.10 16.62
CA ALA F 95 12.25 7.51 16.68
C ALA F 95 13.16 6.56 17.49
N ALA F 96 12.71 5.94 18.57
CA ALA F 96 13.51 5.03 19.41
C ALA F 96 13.79 3.74 18.70
N MET F 97 12.83 3.25 17.94
CA MET F 97 12.94 1.99 17.21
C MET F 97 13.58 1.93 15.84
N LYS F 98 13.18 2.84 14.93
CA LYS F 98 13.61 2.75 13.52
C LYS F 98 14.80 3.68 13.21
N GLY F 99 15.81 3.78 14.07
CA GLY F 99 17.03 4.46 13.68
C GLY F 99 18.16 3.42 13.53
N LEU F 100 19.39 3.94 13.73
CA LEU F 100 20.54 3.07 13.90
C LEU F 100 20.50 2.66 15.38
N GLY F 101 20.15 1.44 15.71
CA GLY F 101 20.15 1.06 17.11
C GLY F 101 18.77 1.12 17.72
N THR F 102 18.69 1.14 19.06
CA THR F 102 17.43 1.25 19.77
C THR F 102 17.56 2.24 20.90
N ASP F 103 16.67 3.16 21.17
CA ASP F 103 16.76 3.89 22.43
C ASP F 103 15.79 3.04 23.28
N GLU F 104 16.42 2.01 23.88
CA GLU F 104 15.83 1.07 24.86
C GLU F 104 15.09 1.81 25.97
N ASN F 105 15.69 2.89 26.35
CA ASN F 105 15.22 3.76 27.37
C ASN F 105 14.03 4.64 27.07
N ALA F 106 13.85 5.06 25.82
CA ALA F 106 12.66 5.80 25.41
C ALA F 106 11.47 4.90 25.47
N LEU F 107 11.65 3.65 24.98
CA LEU F 107 10.60 2.64 24.91
C LEU F 107 10.11 2.34 26.28
N ILE F 108 10.99 2.20 27.29
CA ILE F 108 10.54 1.89 28.67
C ILE F 108 9.83 3.14 29.27
N ASP F 109 10.39 4.35 29.22
CA ASP F 109 9.69 5.54 29.64
C ASP F 109 8.31 5.66 29.09
N ILE F 110 8.04 5.25 27.86
CA ILE F 110 6.71 5.43 27.32
C ILE F 110 5.75 4.26 27.62
N LEU F 111 6.16 3.00 27.44
CA LEU F 111 5.26 1.87 27.51
C LEU F 111 5.11 1.30 28.89
N CYS F 112 6.14 1.38 29.77
CA CYS F 112 6.12 0.74 31.09
C CYS F 112 5.54 1.61 32.22
N THR F 113 5.21 2.87 31.98
CA THR F 113 4.82 3.82 33.03
C THR F 113 3.38 4.36 32.86
N GLN F 114 2.68 3.88 31.83
CA GLN F 114 1.39 4.26 31.29
C GLN F 114 0.13 3.49 31.76
N SER F 115 -1.06 4.09 31.67
CA SER F 115 -2.27 3.35 32.04
C SER F 115 -2.79 2.65 30.76
N ASN F 116 -3.89 1.86 30.93
CA ASN F 116 -4.44 1.15 29.81
C ASN F 116 -4.90 2.08 28.77
N ALA F 117 -5.59 3.10 29.23
CA ALA F 117 -6.19 4.08 28.35
C ALA F 117 -5.17 4.88 27.57
N GLN F 118 -4.06 5.25 28.19
CA GLN F 118 -3.01 5.96 27.48
C GLN F 118 -2.36 5.05 26.45
N ILE F 119 -2.08 3.74 26.80
CA ILE F 119 -1.44 2.81 25.89
C ILE F 119 -2.32 2.73 24.67
N HIS F 120 -3.65 2.66 24.87
CA HIS F 120 -4.55 2.55 23.76
C HIS F 120 -4.57 3.79 22.86
N ALA F 121 -4.31 4.94 23.42
CA ALA F 121 -4.20 6.16 22.60
C ALA F 121 -2.82 6.22 21.90
N ILE F 122 -1.69 5.88 22.52
CA ILE F 122 -0.38 5.85 21.84
C ILE F 122 -0.42 4.83 20.74
N LYS F 123 -1.01 3.68 20.93
CA LYS F 123 -1.21 2.72 19.83
C LYS F 123 -1.96 3.26 18.60
N ALA F 124 -3.07 3.95 18.86
CA ALA F 124 -3.91 4.53 17.80
C ALA F 124 -3.23 5.62 17.05
N ALA F 125 -2.65 6.60 17.76
CA ALA F 125 -1.92 7.72 17.16
C ALA F 125 -0.78 7.20 16.31
N PHE F 126 -0.07 6.11 16.67
CA PHE F 126 0.99 5.50 15.86
C PHE F 126 0.48 4.97 14.54
N LYS F 127 -0.57 4.14 14.55
CA LYS F 127 -1.19 3.55 13.38
C LYS F 127 -1.67 4.66 12.41
N LEU F 128 -2.19 5.75 12.96
CA LEU F 128 -2.58 6.93 12.21
C LEU F 128 -1.42 7.61 11.46
N LEU F 129 -0.42 7.90 12.26
CA LEU F 129 0.74 8.60 11.79
C LEU F 129 1.54 7.83 10.85
N TYR F 130 1.62 6.52 11.07
CA TYR F 130 2.61 5.68 10.40
C TYR F 130 2.01 4.59 9.60
N LYS F 131 0.70 4.43 9.58
CA LYS F 131 0.03 3.33 8.88
C LYS F 131 0.46 1.97 9.44
N GLU F 132 1.52 1.76 10.18
CA GLU F 132 1.86 0.48 10.71
C GLU F 132 1.32 0.30 12.10
N ASP F 133 1.38 -0.94 12.48
CA ASP F 133 0.90 -1.37 13.74
C ASP F 133 1.99 -1.36 14.80
N LEU F 134 1.88 -0.65 15.93
CA LEU F 134 2.96 -0.58 16.89
C LEU F 134 3.40 -1.90 17.44
N GLU F 135 2.51 -2.87 17.68
CA GLU F 135 2.93 -4.11 18.30
C GLU F 135 3.73 -4.82 17.28
N LYS F 136 3.29 -4.86 16.03
CA LYS F 136 4.05 -5.50 14.97
C LYS F 136 5.41 -4.85 14.83
N GLU F 137 5.57 -3.53 15.02
CA GLU F 137 6.88 -2.86 14.94
C GLU F 137 7.72 -3.10 16.14
N ILE F 138 7.18 -3.24 17.37
CA ILE F 138 7.94 -3.53 18.57
C ILE F 138 8.45 -4.97 18.37
N ILE F 139 7.63 -5.89 17.92
CA ILE F 139 8.05 -7.24 17.72
C ILE F 139 9.13 -7.34 16.63
N SER F 140 9.25 -6.38 15.72
CA SER F 140 10.28 -6.47 14.72
C SER F 140 11.56 -5.95 15.33
N GLU F 141 11.47 -4.86 16.08
CA GLU F 141 12.68 -4.23 16.53
C GLU F 141 13.17 -4.68 17.89
N THR F 142 12.54 -5.61 18.63
CA THR F 142 13.04 -6.07 19.93
C THR F 142 13.01 -7.61 20.04
N SER F 143 13.83 -8.29 20.88
CA SER F 143 13.80 -9.74 21.03
C SER F 143 13.75 -10.10 22.50
N GLY F 144 13.30 -11.34 22.72
CA GLY F 144 13.44 -12.01 24.00
C GLY F 144 12.59 -11.53 25.10
N ASN F 145 13.11 -11.68 26.30
CA ASN F 145 12.37 -11.29 27.49
C ASN F 145 11.84 -9.87 27.52
N PHE F 146 12.65 -8.92 27.03
CA PHE F 146 12.26 -7.54 26.85
C PHE F 146 11.13 -7.38 25.88
N GLN F 147 11.16 -8.06 24.75
CA GLN F 147 10.10 -7.97 23.75
C GLN F 147 8.80 -8.44 24.37
N ARG F 148 8.86 -9.48 25.15
CA ARG F 148 7.66 -9.97 25.76
C ARG F 148 7.10 -9.02 26.76
N LEU F 149 7.92 -8.27 27.49
CA LEU F 149 7.44 -7.26 28.41
C LEU F 149 6.78 -6.11 27.70
N LEU F 150 7.30 -5.77 26.50
CA LEU F 150 6.73 -4.68 25.75
C LEU F 150 5.45 -5.09 25.05
N VAL F 151 5.38 -6.30 24.52
CA VAL F 151 4.11 -6.82 23.96
C VAL F 151 3.03 -6.84 25.09
N SER F 152 3.32 -7.30 26.33
CA SER F 152 2.42 -7.22 27.45
C SER F 152 1.86 -5.80 27.71
N MET F 153 2.76 -4.83 27.70
CA MET F 153 2.36 -3.45 27.98
C MET F 153 1.43 -2.95 26.88
N LEU F 154 1.68 -3.22 25.59
CA LEU F 154 0.82 -2.82 24.51
C LEU F 154 -0.55 -3.45 24.52
N GLN F 155 -0.92 -4.43 25.35
CA GLN F 155 -2.24 -5.05 25.32
C GLN F 155 -3.28 -4.27 26.04
N GLY F 156 -2.87 -3.45 26.97
CA GLY F 156 -3.78 -2.65 27.74
C GLY F 156 -4.61 -3.60 28.60
N GLY F 157 -4.03 -4.60 29.30
CA GLY F 157 -4.85 -5.58 30.00
C GLY F 157 -4.60 -5.67 31.49
N ARG F 158 -4.16 -4.58 32.08
CA ARG F 158 -3.86 -4.61 33.49
C ARG F 158 -5.20 -4.62 34.17
N LYS F 159 -5.42 -5.44 35.19
CA LYS F 159 -6.67 -5.46 35.89
C LYS F 159 -6.62 -4.27 36.84
N GLU F 160 -6.68 -3.06 36.29
CA GLU F 160 -6.72 -1.82 37.05
C GLU F 160 -7.78 -1.64 38.16
N ASP F 161 -8.88 -2.43 38.14
CA ASP F 161 -9.97 -2.35 39.10
C ASP F 161 -9.83 -3.48 40.13
N GLU F 162 -8.69 -4.21 40.07
CA GLU F 162 -8.45 -5.31 41.01
C GLU F 162 -8.21 -4.68 42.36
N PRO F 163 -8.91 -5.10 43.43
CA PRO F 163 -8.73 -4.58 44.76
C PRO F 163 -7.62 -5.28 45.53
N VAL F 164 -7.13 -4.49 46.47
CA VAL F 164 -6.11 -4.97 47.40
C VAL F 164 -6.73 -6.13 48.20
N ASN F 165 -6.06 -7.24 48.13
CA ASN F 165 -6.46 -8.41 48.87
C ASN F 165 -5.14 -8.94 49.37
N ALA F 166 -4.90 -8.73 50.66
CA ALA F 166 -3.67 -9.21 51.22
C ALA F 166 -3.46 -10.72 51.16
N ALA F 167 -4.42 -11.67 51.33
CA ALA F 167 -4.10 -13.10 51.13
C ALA F 167 -3.40 -13.37 49.79
N HIS F 168 -3.91 -12.76 48.71
CA HIS F 168 -3.35 -12.96 47.38
C HIS F 168 -2.10 -12.14 47.19
N ALA F 169 -2.02 -10.91 47.74
CA ALA F 169 -0.76 -10.18 47.68
C ALA F 169 0.41 -11.04 48.21
N ALA F 170 0.10 -11.78 49.26
CA ALA F 170 0.99 -12.74 49.88
C ALA F 170 1.27 -13.95 49.03
N GLU F 171 0.24 -14.59 48.45
CA GLU F 171 0.43 -15.68 47.49
C GLU F 171 1.30 -15.26 46.30
N ASP F 172 1.17 -14.06 45.74
CA ASP F 172 1.97 -13.65 44.60
C ASP F 172 3.36 -13.30 45.02
N ALA F 173 3.54 -12.63 46.17
CA ALA F 173 4.86 -12.25 46.71
C ALA F 173 5.67 -13.50 46.91
N ALA F 174 4.99 -14.52 47.43
CA ALA F 174 5.66 -15.79 47.57
C ALA F 174 6.07 -16.39 46.23
N ALA F 175 5.26 -16.23 45.20
CA ALA F 175 5.48 -16.78 43.88
C ALA F 175 6.63 -16.16 43.16
N ILE F 176 6.70 -14.84 43.35
CA ILE F 176 7.79 -14.03 42.85
C ILE F 176 9.02 -14.49 43.59
N TYR F 177 8.97 -14.69 44.91
CA TYR F 177 10.14 -15.15 45.64
C TYR F 177 10.73 -16.46 45.06
N GLN F 178 9.92 -17.48 44.91
CA GLN F 178 10.37 -18.70 44.33
C GLN F 178 10.93 -18.62 42.92
N ALA F 179 10.38 -17.71 42.14
CA ALA F 179 10.85 -17.48 40.78
C ALA F 179 12.27 -16.90 40.71
N GLY F 180 12.57 -16.09 41.73
CA GLY F 180 13.79 -15.38 41.74
C GLY F 180 14.69 -16.00 42.77
N GLU F 181 14.65 -15.32 43.91
CA GLU F 181 15.56 -15.58 45.00
C GLU F 181 15.56 -17.04 45.32
N GLY F 182 14.41 -17.68 45.41
CA GLY F 182 14.28 -19.06 45.79
C GLY F 182 14.79 -20.14 44.83
N GLN F 183 15.67 -19.79 43.92
CA GLN F 183 16.15 -20.72 42.96
C GLN F 183 17.28 -20.03 42.25
N ILE F 184 18.09 -20.93 41.70
CA ILE F 184 19.32 -20.58 41.02
C ILE F 184 18.98 -19.66 39.88
N GLY F 185 18.33 -20.14 38.82
CA GLY F 185 17.92 -19.24 37.74
C GLY F 185 16.91 -18.17 38.17
N THR F 186 16.08 -17.81 37.20
CA THR F 186 15.01 -16.84 37.40
C THR F 186 13.91 -17.41 36.55
N ASP F 187 12.64 -17.59 37.01
CA ASP F 187 11.55 -17.91 36.09
C ASP F 187 11.14 -16.51 35.75
N GLU F 188 11.42 -15.99 34.58
CA GLU F 188 10.95 -14.66 34.25
C GLU F 188 9.46 -14.63 34.02
N SER F 189 8.79 -15.63 33.44
CA SER F 189 7.36 -15.63 33.26
C SER F 189 6.64 -15.17 34.52
N ARG F 190 7.00 -15.65 35.72
CA ARG F 190 6.38 -15.13 36.89
C ARG F 190 6.63 -13.63 37.16
N PHE F 191 7.82 -13.07 36.95
CA PHE F 191 8.02 -11.64 37.15
C PHE F 191 7.19 -10.79 36.23
N ASN F 192 7.20 -11.15 34.95
CA ASN F 192 6.39 -10.59 33.89
C ASN F 192 4.92 -10.61 34.17
N ALA F 193 4.43 -11.81 34.48
CA ALA F 193 3.01 -12.09 34.72
C ALA F 193 2.42 -11.25 35.82
N VAL F 194 3.04 -11.24 37.03
CA VAL F 194 2.50 -10.49 38.16
C VAL F 194 2.71 -8.97 37.96
N LEU F 195 3.81 -8.46 37.43
CA LEU F 195 4.00 -7.05 37.28
C LEU F 195 3.21 -6.45 36.16
N ALA F 196 2.81 -7.25 35.19
CA ALA F 196 2.01 -6.77 34.11
C ALA F 196 0.52 -6.86 34.33
N THR F 197 -0.03 -7.73 35.17
CA THR F 197 -1.49 -7.77 35.23
C THR F 197 -2.05 -7.16 36.51
N ARG F 198 -1.33 -7.02 37.63
CA ARG F 198 -2.06 -6.74 38.85
C ARG F 198 -2.27 -5.27 38.94
N SER F 199 -3.34 -4.81 39.61
CA SER F 199 -3.52 -3.39 39.66
C SER F 199 -2.33 -2.76 40.39
N TYR F 200 -2.08 -1.44 40.31
CA TYR F 200 -1.02 -0.76 41.01
C TYR F 200 -1.32 -0.77 42.47
N PRO F 201 -2.49 -0.57 43.09
CA PRO F 201 -2.76 -0.74 44.55
C PRO F 201 -2.41 -2.12 45.07
N GLN F 202 -2.87 -3.18 44.35
CA GLN F 202 -2.58 -4.54 44.70
C GLN F 202 -1.09 -4.72 44.55
N LEU F 203 -0.39 -4.13 43.55
CA LEU F 203 1.05 -4.36 43.43
C LEU F 203 1.84 -3.83 44.61
N HIS F 204 1.44 -2.67 45.10
CA HIS F 204 2.02 -2.09 46.29
C HIS F 204 1.96 -3.03 47.50
N GLN F 205 0.80 -3.64 47.69
CA GLN F 205 0.59 -4.54 48.79
C GLN F 205 1.50 -5.75 48.64
N ILE F 206 1.70 -6.28 47.42
CA ILE F 206 2.63 -7.36 47.11
C ILE F 206 4.08 -7.01 47.48
N PHE F 207 4.57 -5.84 47.16
CA PHE F 207 5.95 -5.45 47.44
C PHE F 207 6.22 -5.45 48.95
N HIS F 208 5.24 -4.91 49.67
CA HIS F 208 5.17 -5.03 51.12
C HIS F 208 5.16 -6.49 51.58
N GLU F 209 4.31 -7.39 51.09
CA GLU F 209 4.36 -8.76 51.49
C GLU F 209 5.71 -9.34 51.19
N TYR F 210 6.34 -9.06 50.05
CA TYR F 210 7.66 -9.56 49.70
C TYR F 210 8.71 -9.21 50.72
N SER F 211 8.78 -7.97 51.21
CA SER F 211 9.83 -7.60 52.12
C SER F 211 9.70 -8.35 53.45
N LYS F 212 8.52 -8.85 53.78
CA LYS F 212 8.34 -9.62 54.99
C LYS F 212 8.83 -11.06 54.74
N ILE F 213 8.87 -11.60 53.51
CA ILE F 213 9.42 -12.96 53.32
C ILE F 213 10.90 -12.97 52.89
N SER F 214 11.43 -11.88 52.42
CA SER F 214 12.77 -11.80 51.90
C SER F 214 13.42 -10.75 52.75
N ASN F 215 14.74 -10.72 52.73
CA ASN F 215 15.45 -9.64 53.41
C ASN F 215 15.86 -8.56 52.41
N LYS F 216 15.53 -8.74 51.13
CA LYS F 216 15.82 -7.76 50.12
C LYS F 216 14.50 -7.18 49.68
N THR F 217 14.55 -5.98 49.17
CA THR F 217 13.34 -5.41 48.57
C THR F 217 13.12 -6.05 47.21
N ILE F 218 11.92 -5.85 46.61
CA ILE F 218 11.68 -6.32 45.23
C ILE F 218 12.68 -5.65 44.24
N LEU F 219 12.97 -4.36 44.48
CA LEU F 219 13.98 -3.68 43.65
C LEU F 219 15.35 -4.37 43.63
N GLN F 220 15.84 -4.65 44.82
CA GLN F 220 17.06 -5.39 44.98
C GLN F 220 16.89 -6.75 44.38
N ALA F 221 15.80 -7.47 44.63
CA ALA F 221 15.64 -8.78 43.98
C ALA F 221 15.67 -8.72 42.45
N ILE F 222 15.10 -7.67 41.81
CA ILE F 222 15.10 -7.48 40.33
C ILE F 222 16.51 -7.13 39.89
N GLU F 223 17.10 -6.22 40.62
CA GLU F 223 18.43 -5.78 40.41
C GLU F 223 19.43 -6.89 40.35
N ASN F 224 19.17 -7.98 41.08
CA ASN F 224 20.10 -9.13 41.14
C ASN F 224 19.81 -10.30 40.22
N GLU F 225 18.52 -10.71 40.17
CA GLU F 225 18.04 -11.76 39.27
C GLU F 225 18.06 -11.39 37.75
N PHE F 226 18.01 -10.11 37.38
CA PHE F 226 17.90 -9.67 36.03
C PHE F 226 19.07 -8.80 35.51
N SER F 227 19.19 -8.75 34.19
CA SER F 227 20.18 -7.91 33.52
C SER F 227 19.68 -7.06 32.37
N GLY F 228 20.23 -5.88 32.20
CA GLY F 228 19.97 -5.09 31.00
C GLY F 228 18.55 -4.64 30.85
N ASP F 229 18.18 -4.61 29.59
CA ASP F 229 16.91 -4.05 29.17
C ASP F 229 15.70 -4.52 29.98
N ILE F 230 15.46 -5.84 30.16
CA ILE F 230 14.35 -6.33 30.96
C ILE F 230 14.55 -5.93 32.45
N LYS F 231 15.76 -5.87 33.04
CA LYS F 231 15.94 -5.43 34.41
C LYS F 231 15.43 -4.01 34.46
N ASN F 232 15.72 -3.14 33.53
CA ASN F 232 15.25 -1.74 33.58
C ASN F 232 13.78 -1.52 33.30
N GLY F 233 13.27 -2.41 32.45
CA GLY F 233 11.87 -2.56 32.13
C GLY F 233 11.10 -2.86 33.41
N LEU F 234 11.44 -3.92 34.15
CA LEU F 234 10.73 -4.32 35.36
C LEU F 234 10.95 -3.35 36.49
N LEU F 235 12.11 -2.72 36.65
CA LEU F 235 12.26 -1.68 37.64
C LEU F 235 11.45 -0.45 37.34
N ALA F 236 11.17 -0.05 36.08
CA ALA F 236 10.31 1.03 35.73
C ALA F 236 8.89 0.87 36.25
N ILE F 237 8.28 -0.27 36.12
CA ILE F 237 6.98 -0.58 36.64
C ILE F 237 7.02 -0.49 38.18
N VAL F 238 7.95 -1.16 38.90
CA VAL F 238 8.06 -1.04 40.34
C VAL F 238 8.18 0.42 40.75
N LYS F 239 9.07 1.23 40.19
CA LYS F 239 9.17 2.62 40.54
C LYS F 239 7.93 3.31 40.10
N SER F 240 7.23 3.06 39.02
CA SER F 240 5.94 3.73 38.75
C SER F 240 4.89 3.47 39.79
N VAL F 241 4.76 2.23 40.30
CA VAL F 241 3.81 1.88 41.37
C VAL F 241 4.16 2.54 42.71
N GLU F 242 5.44 2.51 43.08
CA GLU F 242 5.85 3.14 44.33
C GLU F 242 5.82 4.64 44.24
N ASN F 243 6.52 5.26 43.28
CA ASN F 243 6.51 6.71 43.16
C ASN F 243 6.90 7.11 41.77
N ARG F 244 5.89 7.47 40.99
CA ARG F 244 6.07 7.88 39.59
C ARG F 244 6.85 9.16 39.41
N PHE F 245 6.71 10.13 40.31
CA PHE F 245 7.43 11.38 40.27
C PHE F 245 8.91 11.17 40.44
N ALA F 246 9.24 10.20 41.28
CA ALA F 246 10.64 9.91 41.51
C ALA F 246 11.25 9.18 40.36
N TYR F 247 10.45 8.44 39.65
CA TYR F 247 10.98 7.74 38.46
C TYR F 247 11.47 8.76 37.43
N PHE F 248 10.65 9.80 37.21
CA PHE F 248 10.99 10.81 36.23
C PHE F 248 12.05 11.71 36.76
N ALA F 249 12.08 12.07 38.05
CA ALA F 249 13.12 12.93 38.59
C ALA F 249 14.49 12.29 38.38
N GLU F 250 14.45 11.00 38.36
CA GLU F 250 15.62 10.21 38.18
C GLU F 250 16.07 10.26 36.75
N ARG F 251 15.22 9.85 35.82
CA ARG F 251 15.50 9.93 34.40
C ARG F 251 15.96 11.30 33.93
N LEU F 252 15.39 12.42 34.42
CA LEU F 252 15.78 13.81 34.17
C LEU F 252 17.13 14.15 34.69
N HIS F 253 17.41 13.73 35.90
CA HIS F 253 18.69 13.93 36.53
C HIS F 253 19.75 13.30 35.71
N HIS F 254 19.53 12.07 35.24
CA HIS F 254 20.48 11.33 34.40
C HIS F 254 20.60 11.95 33.00
N ALA F 255 19.61 12.66 32.47
CA ALA F 255 19.65 13.30 31.18
C ALA F 255 20.67 14.47 31.17
N MET F 256 20.73 15.06 32.33
CA MET F 256 21.61 16.17 32.58
C MET F 256 22.94 15.81 33.21
N LYS F 257 23.27 14.58 33.44
CA LYS F 257 24.47 14.27 34.16
C LYS F 257 25.60 14.23 33.22
N GLY F 258 26.75 14.51 33.81
CA GLY F 258 27.98 14.55 33.05
C GLY F 258 28.01 15.63 31.97
N LEU F 259 29.01 15.31 31.15
CA LEU F 259 29.36 16.12 30.00
C LEU F 259 28.20 16.15 29.04
N GLY F 260 27.89 17.29 28.40
CA GLY F 260 26.73 17.38 27.54
C GLY F 260 25.41 17.17 28.29
N THR F 261 24.39 16.89 27.49
CA THR F 261 23.01 16.69 27.92
C THR F 261 22.40 15.61 26.99
N SER F 262 21.40 14.87 27.43
CA SER F 262 20.62 13.98 26.59
C SER F 262 19.35 14.78 26.48
N ASP F 263 19.38 15.69 25.56
CA ASP F 263 18.28 16.59 25.22
C ASP F 263 17.00 15.98 24.78
N LYS F 264 17.15 14.79 24.23
CA LYS F 264 16.13 13.95 23.67
C LYS F 264 15.23 13.52 24.83
N THR F 265 15.84 13.05 25.92
CA THR F 265 15.12 12.70 27.10
C THR F 265 14.60 13.98 27.66
N LEU F 266 15.47 15.00 27.82
CA LEU F 266 15.06 16.23 28.45
C LEU F 266 13.79 16.85 27.81
N ILE F 267 13.71 17.03 26.53
CA ILE F 267 12.57 17.57 25.83
C ILE F 267 11.43 16.58 26.04
N ARG F 268 11.60 15.31 25.78
CA ARG F 268 10.56 14.34 25.97
C ARG F 268 9.89 14.34 27.33
N ILE F 269 10.51 14.23 28.48
CA ILE F 269 9.84 14.23 29.77
C ILE F 269 9.27 15.58 30.15
N LEU F 270 9.96 16.71 29.90
CA LEU F 270 9.49 18.03 30.31
C LEU F 270 8.25 18.38 29.61
N VAL F 271 8.27 18.21 28.27
CA VAL F 271 7.12 18.48 27.40
C VAL F 271 6.06 17.45 27.73
N SER F 272 6.18 16.13 27.75
CA SER F 272 5.05 15.26 28.12
C SER F 272 4.44 15.34 29.53
N ARG F 273 5.17 15.67 30.55
CA ARG F 273 4.57 15.81 31.86
C ARG F 273 4.21 17.27 32.20
N SER F 274 4.35 18.22 31.29
CA SER F 274 4.16 19.64 31.56
C SER F 274 2.77 19.93 31.97
N GLU F 275 1.76 19.29 31.41
CA GLU F 275 0.40 19.52 31.88
C GLU F 275 -0.11 18.31 32.71
N ILE F 276 0.76 17.42 33.24
CA ILE F 276 0.25 16.30 34.05
C ILE F 276 0.73 16.38 35.48
N ASP F 277 2.05 16.25 35.72
CA ASP F 277 2.58 16.28 37.05
C ASP F 277 4.01 16.77 37.06
N LEU F 278 4.37 17.71 36.16
CA LEU F 278 5.69 18.27 36.20
C LEU F 278 5.75 19.06 37.50
N ALA F 279 4.69 19.46 38.17
CA ALA F 279 4.88 20.18 39.42
C ALA F 279 5.44 19.27 40.49
N ASN F 280 4.93 18.07 40.53
CA ASN F 280 5.29 17.10 41.51
C ASN F 280 6.69 16.53 41.21
N ILE F 281 6.94 16.28 39.90
CA ILE F 281 8.30 15.84 39.51
C ILE F 281 9.34 16.89 39.90
N LYS F 282 9.00 18.18 39.83
CA LYS F 282 9.89 19.19 40.33
C LYS F 282 10.18 19.16 41.84
N GLU F 283 9.21 18.87 42.72
CA GLU F 283 9.44 18.89 44.16
C GLU F 283 10.31 17.68 44.51
N THR F 284 10.01 16.54 43.86
CA THR F 284 10.72 15.28 44.11
C THR F 284 12.13 15.43 43.63
N PHE F 285 12.41 16.08 42.51
CA PHE F 285 13.76 16.34 42.05
C PHE F 285 14.56 17.09 43.10
N GLN F 286 14.15 18.29 43.54
CA GLN F 286 14.77 19.11 44.58
C GLN F 286 15.09 18.31 45.82
N ALA F 287 14.03 17.62 46.30
CA ALA F 287 14.13 16.78 47.49
C ALA F 287 15.15 15.64 47.36
N MET F 288 15.25 15.01 46.20
CA MET F 288 16.22 13.99 45.96
C MET F 288 17.60 14.49 45.61
N TYR F 289 17.70 15.62 44.95
CA TYR F 289 18.97 16.04 44.41
C TYR F 289 19.68 17.26 44.93
N GLY F 290 19.04 18.06 45.78
CA GLY F 290 19.66 19.25 46.33
C GLY F 290 19.34 20.53 45.56
N LYS F 291 19.80 20.67 44.32
CA LYS F 291 19.44 21.75 43.46
C LYS F 291 18.01 21.58 42.90
N SER F 292 17.46 22.64 42.33
CA SER F 292 16.21 22.65 41.65
C SER F 292 16.38 22.07 40.26
N LEU F 293 15.23 21.71 39.69
CA LEU F 293 15.15 21.34 38.28
C LEU F 293 15.52 22.53 37.43
N TYR F 294 14.88 23.69 37.67
CA TYR F 294 15.19 24.97 37.00
C TYR F 294 16.71 25.25 36.96
N GLU F 295 17.34 25.11 38.15
CA GLU F 295 18.77 25.32 38.30
C GLU F 295 19.62 24.38 37.46
N PHE F 296 19.23 23.09 37.44
CA PHE F 296 19.88 22.12 36.57
C PHE F 296 19.87 22.46 35.07
N ILE F 297 18.69 22.68 34.52
CA ILE F 297 18.48 23.12 33.16
C ILE F 297 19.27 24.42 32.89
N ALA F 298 19.19 25.41 33.74
CA ALA F 298 19.92 26.62 33.53
C ALA F 298 21.42 26.45 33.35
N ASP F 299 22.06 25.52 34.05
CA ASP F 299 23.45 25.14 33.83
C ASP F 299 23.72 24.24 32.62
N ASP F 300 22.92 23.17 32.41
CA ASP F 300 23.26 22.23 31.38
C ASP F 300 22.86 22.72 30.01
N CYS F 301 21.86 23.60 29.83
CA CYS F 301 21.36 24.06 28.54
C CYS F 301 21.68 25.52 28.13
N SER F 302 21.54 25.97 26.88
CA SER F 302 21.91 27.33 26.51
C SER F 302 20.99 27.95 25.49
N GLY F 303 21.25 29.21 25.19
CA GLY F 303 20.48 29.89 24.15
C GLY F 303 19.04 29.97 24.52
N ASP F 304 18.32 30.06 23.40
CA ASP F 304 16.88 30.04 23.42
C ASP F 304 16.28 28.69 23.79
N TYR F 305 16.96 27.61 23.51
CA TYR F 305 16.61 26.29 23.99
C TYR F 305 16.42 26.30 25.51
N LYS F 306 17.44 26.74 26.26
CA LYS F 306 17.40 26.86 27.70
C LYS F 306 16.25 27.76 28.12
N ASP F 307 15.91 28.86 27.44
CA ASP F 307 14.79 29.74 27.83
C ASP F 307 13.42 29.12 27.69
N LEU F 308 13.19 28.47 26.55
CA LEU F 308 11.97 27.71 26.35
C LEU F 308 11.78 26.68 27.49
N LEU F 309 12.85 25.92 27.75
CA LEU F 309 12.79 24.87 28.75
C LEU F 309 12.61 25.49 30.11
N LEU F 310 13.17 26.68 30.37
CA LEU F 310 13.02 27.29 31.68
C LEU F 310 11.62 27.90 31.77
N GLN F 311 10.92 28.28 30.73
CA GLN F 311 9.54 28.76 30.83
C GLN F 311 8.48 27.61 31.01
N ILE F 312 8.68 26.46 30.38
CA ILE F 312 7.83 25.30 30.54
C ILE F 312 8.00 24.80 31.95
N THR F 313 9.23 24.74 32.44
CA THR F 313 9.42 24.23 33.79
C THR F 313 9.00 25.21 34.87
N GLY F 314 9.37 26.51 34.80
CA GLY F 314 9.10 27.43 35.87
C GLY F 314 10.10 27.26 36.99
N HIS F 315 10.08 28.12 38.00
CA HIS F 315 11.02 28.07 39.12
C HIS F 315 10.47 27.10 40.12
CA CA G . -15.34 -24.77 -9.75
CA CA H . -19.54 -26.13 -20.21
CA CA I . 21.69 -35.42 24.11
CA CA J . -5.69 -43.85 1.10
CA CA K . -2.46 26.39 -15.14
CA CA L . 5.87 34.34 -15.37
CA CA M . -25.46 -12.70 -38.85
CA CA N . -14.67 22.21 -35.36
CA CA O . 20.26 -2.71 22.82
CA CA P . 25.24 -12.33 25.98
CA CA Q . 23.74 41.48 -2.78
CA CA R . 33.47 17.47 23.38
CA CA S . -20.04 3.73 -22.84
CA CA T . -29.08 -2.71 -24.53
CA CA U . -0.86 47.88 -5.10
CA CA V . -22.08 27.37 -26.94
CA CA W . 1.81 -27.01 14.56
CA CA X . 4.97 -28.09 25.39
CA CA Y . -36.86 -24.20 -18.98
CA CA Z . -16.23 -40.86 6.49
CA CA AA . 15.59 24.05 10.65
CA CA BA . 12.82 34.91 9.14
CA CA CA . 17.48 -16.90 41.24
CA CA DA . 25.38 17.75 31.73
#